data_9HQK
#
_entry.id   9HQK
#
_cell.length_a   57.195
_cell.length_b   155.972
_cell.length_c   89.624
_cell.angle_alpha   90.000
_cell.angle_beta   95.563
_cell.angle_gamma   90.000
#
_symmetry.space_group_name_H-M   'P 1 21 1'
#
loop_
_entity.id
_entity.type
_entity.pdbx_description
1 polymer XusB
2 non-polymer FERRICHROME
3 non-polymer 'FE (III) ION'
#
_entity_poly.entity_id   1
_entity_poly.type   'polypeptide(L)'
_entity_poly.pdbx_seq_one_letter_code
;MITMYRIYMYLLAACLLLGVTACEEEGLGNEETPFAPYVLSLGINSNGTTTYYVVTAPELMSGTINAVAKGIEQNGYRDY
EQAGQTVFSIGGLGLTSATGIVRDANGYLTERGDFVFNSSLNAFTQMDGQNMIGLELPANKESGDQMTLYTVNISDVSIT
SQVKAPVFPLNQLEWPSITGMCYSEGNVYVTYFPMNPSTFETLYTDTTFVAVYSYPDMQFKTLMKDTRTGPAGSWNAFNG
IFKVESGDMYIMSNSAIANGFSQSTKNAAFLRIPKGETHFDDYYFDFETVSGGLKPAHIKYIGNGLVFAEVSTISPQTSA
DRWGDKSLKCCIIDLNNKTVRDIKEIPVHNGDGGRRFAALVDGGYVYRPVTASEGTYIYQVDPQAATAVRGAKVSTTFVG
GFFRLDLEHHHHHH
;
_entity_poly.pdbx_strand_id   A,B,C,D
#
loop_
_chem_comp.id
_chem_comp.type
_chem_comp.name
_chem_comp.formula
FCE non-polymer FERRICHROME 'C27 H42 Fe N9 O12'
FE non-polymer 'FE (III) ION' 'Fe 3'
#
# COMPACT_ATOMS: atom_id res chain seq x y z
N GLU A 32 -11.75 33.68 6.62
CA GLU A 32 -12.43 33.46 5.35
C GLU A 32 -11.68 34.12 4.19
N THR A 33 -11.29 33.32 3.21
CA THR A 33 -10.57 33.84 2.06
C THR A 33 -11.55 34.45 1.06
N PRO A 34 -11.35 35.71 0.66
CA PRO A 34 -12.24 36.31 -0.34
C PRO A 34 -11.93 35.78 -1.75
N PHE A 35 -12.99 35.65 -2.54
CA PHE A 35 -12.91 35.19 -3.93
C PHE A 35 -12.28 33.81 -4.05
N ALA A 36 -12.29 33.02 -2.99
CA ALA A 36 -11.77 31.67 -3.08
C ALA A 36 -12.64 30.84 -4.03
N PRO A 37 -12.04 30.05 -4.92
CA PRO A 37 -12.83 29.41 -5.97
C PRO A 37 -13.47 28.10 -5.56
N TYR A 38 -12.83 27.33 -4.67
CA TYR A 38 -13.29 25.98 -4.37
C TYR A 38 -14.27 25.99 -3.21
N VAL A 39 -15.35 25.23 -3.33
CA VAL A 39 -16.41 25.17 -2.33
C VAL A 39 -16.48 23.75 -1.80
N LEU A 40 -16.30 23.59 -0.49
CA LEU A 40 -16.37 22.29 0.16
C LEU A 40 -17.44 22.34 1.24
N SER A 41 -18.32 21.34 1.24
CA SER A 41 -19.36 21.22 2.26
C SER A 41 -18.89 20.18 3.28
N LEU A 42 -18.30 20.67 4.37
CA LEU A 42 -17.74 19.79 5.40
C LEU A 42 -18.85 19.30 6.30
N GLY A 43 -19.16 18.02 6.23
CA GLY A 43 -20.15 17.43 7.12
C GLY A 43 -19.48 16.90 8.37
N ILE A 44 -19.61 17.63 9.48
CA ILE A 44 -18.95 17.28 10.74
C ILE A 44 -20.01 16.75 11.69
N ASN A 45 -19.75 15.57 12.27
CA ASN A 45 -20.68 14.96 13.20
C ASN A 45 -20.31 15.37 14.62
N SER A 46 -21.31 15.83 15.38
CA SER A 46 -21.14 16.20 16.77
C SER A 46 -22.40 15.81 17.52
N ASN A 47 -22.22 15.30 18.74
CA ASN A 47 -23.32 14.89 19.60
C ASN A 47 -24.24 13.89 18.89
N GLY A 48 -23.70 13.13 17.95
CA GLY A 48 -24.45 12.12 17.23
C GLY A 48 -25.28 12.63 16.07
N THR A 49 -25.18 13.93 15.75
CA THR A 49 -25.90 14.53 14.64
C THR A 49 -24.90 15.28 13.76
N THR A 50 -25.16 15.26 12.45
CA THR A 50 -24.27 15.86 11.48
C THR A 50 -24.69 17.28 11.16
N THR A 51 -23.74 18.21 11.24
CA THR A 51 -23.92 19.61 10.86
C THR A 51 -23.00 19.91 9.68
N TYR A 52 -23.51 20.60 8.68
CA TYR A 52 -22.74 20.91 7.49
C TYR A 52 -22.21 22.35 7.55
N TYR A 53 -20.97 22.53 7.12
CA TYR A 53 -20.34 23.83 7.07
C TYR A 53 -19.87 24.05 5.62
N VAL A 54 -20.55 24.93 4.91
CA VAL A 54 -20.18 25.26 3.53
C VAL A 54 -19.07 26.30 3.60
N VAL A 55 -17.85 25.90 3.21
CA VAL A 55 -16.66 26.72 3.36
C VAL A 55 -15.98 26.86 2.01
N THR A 56 -15.19 27.93 1.89
CA THR A 56 -14.38 28.18 0.71
C THR A 56 -12.96 27.66 0.90
N ALA A 57 -12.25 27.55 -0.21
CA ALA A 57 -10.87 27.07 -0.25
C ALA A 57 -10.18 27.62 -1.49
N PRO A 58 -9.03 28.29 -1.33
CA PRO A 58 -8.29 28.79 -2.48
C PRO A 58 -7.32 27.80 -3.09
N GLU A 59 -7.10 26.65 -2.45
CA GLU A 59 -6.08 25.71 -2.91
C GLU A 59 -6.49 24.30 -2.51
N LEU A 60 -6.14 23.33 -3.36
CA LEU A 60 -6.45 21.93 -3.12
C LEU A 60 -5.21 21.07 -2.93
N MET A 61 -4.04 21.67 -2.74
CA MET A 61 -2.79 20.92 -2.65
C MET A 61 -2.09 21.06 -1.31
N SER A 62 -2.03 22.27 -0.75
CA SER A 62 -1.41 22.48 0.55
C SER A 62 -2.34 23.33 1.41
N GLY A 63 -2.04 23.33 2.71
CA GLY A 63 -2.88 24.03 3.67
C GLY A 63 -4.12 23.24 4.03
N THR A 64 -4.46 23.21 5.31
CA THR A 64 -5.62 22.44 5.76
C THR A 64 -6.91 23.21 5.50
N ILE A 65 -7.95 22.48 5.10
CA ILE A 65 -9.27 23.05 4.84
C ILE A 65 -10.12 22.79 6.07
N ASN A 66 -10.33 23.83 6.87
CA ASN A 66 -11.07 23.73 8.12
C ASN A 66 -12.33 24.57 8.04
N ALA A 67 -13.09 24.57 9.12
CA ALA A 67 -14.32 25.35 9.21
C ALA A 67 -14.33 26.25 10.45
N VAL A 68 -13.17 26.54 11.02
CA VAL A 68 -13.08 27.41 12.19
C VAL A 68 -13.10 28.86 11.73
N ALA A 69 -14.06 29.63 12.25
CA ALA A 69 -14.25 31.04 11.93
C ALA A 69 -14.51 31.28 10.45
N LYS A 70 -14.84 30.23 9.68
CA LYS A 70 -15.09 30.35 8.26
C LYS A 70 -16.19 29.38 7.87
N GLY A 71 -16.98 29.77 6.87
CA GLY A 71 -18.05 28.93 6.37
C GLY A 71 -19.40 29.21 7.01
N ILE A 72 -20.45 28.84 6.28
CA ILE A 72 -21.83 29.04 6.73
C ILE A 72 -22.37 27.72 7.26
N GLU A 73 -23.16 27.80 8.33
CA GLU A 73 -23.65 26.62 9.02
C GLU A 73 -25.03 26.21 8.47
N GLN A 74 -25.25 24.89 8.39
CA GLN A 74 -26.51 24.34 7.95
C GLN A 74 -26.82 23.09 8.76
N ASN A 75 -28.03 23.02 9.30
CA ASN A 75 -28.46 21.92 10.15
C ASN A 75 -29.42 21.02 9.40
N GLY A 76 -29.66 19.85 9.98
CA GLY A 76 -30.45 18.83 9.31
C GLY A 76 -29.58 18.01 8.37
N TYR A 77 -30.26 17.29 7.47
CA TYR A 77 -29.58 16.54 6.41
C TYR A 77 -29.66 17.34 5.12
N ARG A 78 -28.50 17.66 4.56
CA ARG A 78 -28.41 18.41 3.31
C ARG A 78 -27.56 17.65 2.31
N ASP A 79 -27.98 17.67 1.05
CA ASP A 79 -27.19 17.16 -0.06
C ASP A 79 -27.07 18.25 -1.11
N TYR A 80 -25.90 18.35 -1.74
CA TYR A 80 -25.53 19.54 -2.51
C TYR A 80 -25.39 19.20 -3.99
N GLU A 81 -25.98 20.02 -4.84
CA GLU A 81 -25.95 19.84 -6.29
C GLU A 81 -25.77 21.20 -6.96
N GLN A 82 -24.80 21.30 -7.87
CA GLN A 82 -24.43 22.58 -8.46
C GLN A 82 -24.90 22.67 -9.91
N ALA A 83 -25.30 23.87 -10.32
CA ALA A 83 -25.53 24.17 -11.73
C ALA A 83 -25.36 25.67 -11.93
N GLY A 84 -24.83 26.02 -13.10
CA GLY A 84 -24.52 27.42 -13.35
C GLY A 84 -23.51 27.92 -12.33
N GLN A 85 -23.89 28.96 -11.59
CA GLN A 85 -23.09 29.46 -10.48
C GLN A 85 -23.81 29.29 -9.14
N THR A 86 -24.79 28.40 -9.08
CA THR A 86 -25.58 28.17 -7.87
C THR A 86 -25.35 26.77 -7.35
N VAL A 87 -25.32 26.63 -6.03
CA VAL A 87 -25.23 25.35 -5.35
C VAL A 87 -26.51 25.18 -4.55
N PHE A 88 -27.32 24.21 -4.94
CA PHE A 88 -28.56 23.90 -4.23
C PHE A 88 -28.25 22.95 -3.08
N SER A 89 -28.56 23.38 -1.86
CA SER A 89 -28.53 22.53 -0.67
C SER A 89 -29.97 22.04 -0.47
N ILE A 90 -30.23 20.81 -0.92
CA ILE A 90 -31.53 20.19 -0.82
C ILE A 90 -31.60 19.43 0.50
N GLY A 91 -32.65 19.67 1.28
CA GLY A 91 -32.79 18.97 2.53
C GLY A 91 -33.34 17.59 2.36
N GLY A 92 -33.24 16.80 3.43
CA GLY A 92 -33.76 15.46 3.44
C GLY A 92 -33.99 15.00 4.86
N LEU A 93 -34.50 13.77 4.97
CA LEU A 93 -34.84 13.19 6.26
C LEU A 93 -35.78 14.11 7.04
N GLY A 94 -36.80 14.60 6.35
CA GLY A 94 -37.74 15.52 6.95
C GLY A 94 -37.61 16.93 6.41
N LEU A 95 -36.37 17.36 6.14
CA LEU A 95 -36.14 18.66 5.53
C LEU A 95 -36.70 18.67 4.11
N THR A 96 -37.60 19.60 3.83
CA THR A 96 -38.29 19.68 2.55
C THR A 96 -38.08 21.03 1.89
N SER A 97 -36.88 21.57 2.00
CA SER A 97 -36.55 22.86 1.39
C SER A 97 -35.20 22.77 0.69
N ALA A 98 -35.07 23.54 -0.39
CA ALA A 98 -33.81 23.65 -1.12
C ALA A 98 -33.35 25.10 -1.08
N THR A 99 -32.17 25.32 -0.50
CA THR A 99 -31.59 26.64 -0.35
C THR A 99 -30.54 26.88 -1.42
N GLY A 100 -30.49 28.10 -1.95
CA GLY A 100 -29.49 28.47 -2.93
C GLY A 100 -28.26 29.09 -2.27
N ILE A 101 -27.09 28.65 -2.72
CA ILE A 101 -25.81 29.21 -2.26
C ILE A 101 -25.08 29.73 -3.49
N VAL A 102 -24.79 31.03 -3.52
CA VAL A 102 -24.13 31.67 -4.64
C VAL A 102 -22.91 32.43 -4.11
N ARG A 103 -22.15 33.01 -5.03
CA ARG A 103 -21.02 33.85 -4.65
C ARG A 103 -21.48 35.30 -4.56
N ASP A 104 -21.24 35.92 -3.41
CA ASP A 104 -21.60 37.31 -3.20
C ASP A 104 -20.73 38.21 -4.08
N ALA A 105 -21.14 39.48 -4.17
CA ALA A 105 -20.33 40.47 -4.87
C ALA A 105 -19.01 40.73 -4.15
N ASN A 106 -18.92 40.40 -2.87
CA ASN A 106 -17.69 40.56 -2.11
C ASN A 106 -16.77 39.36 -2.22
N GLY A 107 -17.11 38.37 -3.05
CA GLY A 107 -16.32 37.17 -3.21
C GLY A 107 -16.62 36.07 -2.23
N TYR A 108 -17.49 36.32 -1.25
CA TYR A 108 -17.87 35.32 -0.26
C TYR A 108 -19.08 34.51 -0.73
N LEU A 109 -19.32 33.41 -0.04
CA LEU A 109 -20.49 32.57 -0.29
C LEU A 109 -21.66 33.07 0.55
N THR A 110 -22.84 33.14 -0.08
CA THR A 110 -24.03 33.64 0.59
C THR A 110 -25.25 32.83 0.15
N GLU A 111 -26.20 32.68 1.08
CA GLU A 111 -27.45 32.00 0.80
C GLU A 111 -28.41 32.95 0.10
N ARG A 112 -28.86 32.57 -1.10
CA ARG A 112 -29.77 33.40 -1.90
C ARG A 112 -30.83 32.51 -2.52
N GLY A 113 -32.08 32.73 -2.13
CA GLY A 113 -33.20 32.01 -2.71
C GLY A 113 -33.43 30.63 -2.12
N ASP A 114 -34.70 30.27 -1.95
CA ASP A 114 -35.06 28.94 -1.48
C ASP A 114 -36.43 28.57 -2.01
N PHE A 115 -36.62 27.28 -2.30
CA PHE A 115 -37.92 26.77 -2.72
C PHE A 115 -38.29 25.53 -1.93
N VAL A 116 -39.59 25.34 -1.74
CA VAL A 116 -40.11 24.33 -0.84
C VAL A 116 -40.81 23.23 -1.62
N PHE A 117 -40.86 22.05 -0.99
CA PHE A 117 -41.62 20.89 -1.45
C PHE A 117 -42.17 20.19 -0.22
N ASN A 118 -42.87 19.07 -0.42
CA ASN A 118 -43.55 18.41 0.69
C ASN A 118 -42.96 17.08 1.11
N SER A 119 -42.31 16.33 0.21
CA SER A 119 -41.79 15.03 0.58
C SER A 119 -40.27 14.97 0.46
N SER A 120 -39.76 14.86 -0.76
CA SER A 120 -38.33 14.71 -0.98
C SER A 120 -38.06 14.91 -2.47
N LEU A 121 -36.83 15.31 -2.79
CA LEU A 121 -36.40 15.46 -4.18
C LEU A 121 -35.71 14.16 -4.59
N ASN A 122 -36.51 13.22 -5.10
CA ASN A 122 -35.97 11.91 -5.47
C ASN A 122 -34.97 12.01 -6.61
N ALA A 123 -35.10 13.02 -7.47
CA ALA A 123 -34.12 13.23 -8.53
C ALA A 123 -34.09 14.71 -8.87
N PHE A 124 -32.93 15.18 -9.34
CA PHE A 124 -32.73 16.62 -9.54
C PHE A 124 -31.53 16.83 -10.45
N THR A 125 -31.77 17.34 -11.65
CA THR A 125 -30.69 17.69 -12.58
C THR A 125 -31.07 18.99 -13.27
N GLN A 126 -30.32 19.37 -14.30
CA GLN A 126 -30.68 20.52 -15.12
C GLN A 126 -30.97 20.06 -16.55
N MET A 127 -31.92 20.75 -17.19
CA MET A 127 -32.24 20.51 -18.59
C MET A 127 -31.61 21.54 -19.51
N ASP A 128 -31.72 22.83 -19.17
CA ASP A 128 -31.05 23.88 -19.93
C ASP A 128 -30.18 24.73 -19.01
N GLY A 129 -29.64 25.83 -19.54
CA GLY A 129 -28.77 26.69 -18.76
C GLY A 129 -29.47 27.54 -17.73
N GLN A 130 -30.79 27.45 -17.61
CA GLN A 130 -31.53 28.31 -16.69
C GLN A 130 -32.52 27.58 -15.80
N ASN A 131 -32.86 26.32 -16.10
CA ASN A 131 -33.88 25.62 -15.34
C ASN A 131 -33.37 24.27 -14.85
N MET A 132 -33.81 23.92 -13.65
CA MET A 132 -33.56 22.62 -13.04
C MET A 132 -34.83 21.80 -13.09
N ILE A 133 -34.69 20.51 -13.40
CA ILE A 133 -35.79 19.57 -13.40
C ILE A 133 -35.66 18.70 -12.16
N GLY A 134 -36.79 18.44 -11.50
CA GLY A 134 -36.78 17.70 -10.27
C GLY A 134 -37.98 16.78 -10.10
N LEU A 135 -37.73 15.51 -9.82
CA LEU A 135 -38.77 14.51 -9.68
C LEU A 135 -38.93 14.15 -8.21
N GLU A 136 -40.18 14.15 -7.74
CA GLU A 136 -40.53 13.86 -6.36
C GLU A 136 -41.60 12.78 -6.33
N LEU A 137 -41.29 11.65 -5.64
CA LEU A 137 -42.12 10.48 -5.43
C LEU A 137 -42.67 10.49 -4.01
N PRO A 138 -43.85 9.90 -3.79
CA PRO A 138 -44.32 9.68 -2.43
C PRO A 138 -43.45 8.64 -1.73
N ALA A 139 -43.59 8.61 -0.40
CA ALA A 139 -42.80 7.66 0.39
C ALA A 139 -43.20 6.22 0.10
N ASN A 140 -44.50 6.00 -0.11
CA ASN A 140 -45.03 4.66 -0.41
C ASN A 140 -46.37 4.83 -1.10
N LYS A 141 -47.00 3.70 -1.43
CA LYS A 141 -48.27 3.75 -2.15
C LYS A 141 -49.34 4.47 -1.34
N GLU A 142 -49.46 4.14 -0.06
CA GLU A 142 -50.48 4.77 0.79
C GLU A 142 -50.21 6.25 1.03
N SER A 143 -49.00 6.73 0.75
CA SER A 143 -48.71 8.15 0.87
C SER A 143 -49.23 8.95 -0.32
N GLY A 144 -49.73 8.30 -1.34
CA GLY A 144 -50.23 8.96 -2.53
C GLY A 144 -49.81 8.21 -3.78
N ASP A 145 -50.51 8.50 -4.88
CA ASP A 145 -50.23 7.87 -6.17
C ASP A 145 -49.86 8.91 -7.23
N GLN A 146 -49.39 10.08 -6.81
CA GLN A 146 -49.02 11.16 -7.70
C GLN A 146 -47.57 11.53 -7.45
N MET A 147 -46.80 11.71 -8.53
CA MET A 147 -45.43 12.18 -8.44
C MET A 147 -45.32 13.52 -9.16
N THR A 148 -44.55 14.43 -8.58
CA THR A 148 -44.50 15.82 -9.04
C THR A 148 -43.16 16.11 -9.72
N LEU A 149 -43.22 16.85 -10.83
CA LEU A 149 -42.04 17.32 -11.54
C LEU A 149 -42.00 18.83 -11.43
N TYR A 150 -40.97 19.35 -10.77
CA TYR A 150 -40.74 20.77 -10.62
C TYR A 150 -39.73 21.26 -11.65
N THR A 151 -40.04 22.39 -12.27
CA THR A 151 -39.09 23.15 -13.09
C THR A 151 -38.79 24.42 -12.31
N VAL A 152 -37.55 24.52 -11.82
CA VAL A 152 -37.14 25.57 -10.90
C VAL A 152 -36.10 26.45 -11.59
N ASN A 153 -36.24 27.77 -11.44
CA ASN A 153 -35.27 28.68 -12.03
C ASN A 153 -33.95 28.61 -11.27
N ILE A 154 -32.85 28.51 -12.02
CA ILE A 154 -31.53 28.45 -11.40
C ILE A 154 -31.18 29.79 -10.76
N SER A 155 -31.44 30.89 -11.47
CA SER A 155 -31.03 32.20 -10.99
C SER A 155 -31.93 32.67 -9.84
N ASP A 156 -33.22 32.35 -9.90
CA ASP A 156 -34.15 32.80 -8.87
C ASP A 156 -34.28 31.84 -7.70
N VAL A 157 -33.92 30.57 -7.89
CA VAL A 157 -34.11 29.51 -6.89
C VAL A 157 -35.57 29.53 -6.46
N SER A 158 -36.46 29.23 -7.41
CA SER A 158 -37.89 29.25 -7.13
C SER A 158 -38.60 28.43 -8.20
N ILE A 159 -39.67 27.75 -7.78
CA ILE A 159 -40.42 26.88 -8.67
C ILE A 159 -41.15 27.75 -9.69
N THR A 160 -40.75 27.67 -10.96
CA THR A 160 -41.44 28.39 -12.02
C THR A 160 -42.49 27.54 -12.71
N SER A 161 -42.44 26.23 -12.54
CA SER A 161 -43.47 25.36 -13.11
C SER A 161 -43.52 24.07 -12.32
N GLN A 162 -44.68 23.43 -12.30
CA GLN A 162 -44.78 22.12 -11.69
C GLN A 162 -45.94 21.37 -12.32
N VAL A 163 -45.75 20.07 -12.53
CA VAL A 163 -46.81 19.22 -13.08
C VAL A 163 -46.66 17.83 -12.50
N LYS A 164 -47.77 17.23 -12.10
CA LYS A 164 -47.76 15.90 -11.51
C LYS A 164 -48.25 14.85 -12.52
N ALA A 165 -48.02 13.60 -12.17
CA ALA A 165 -48.29 12.48 -13.07
C ALA A 165 -48.52 11.23 -12.24
N PRO A 166 -49.14 10.20 -12.81
CA PRO A 166 -49.28 8.95 -12.07
C PRO A 166 -47.96 8.22 -11.91
N VAL A 167 -47.90 7.39 -10.86
CA VAL A 167 -46.73 6.60 -10.55
C VAL A 167 -46.80 5.21 -11.14
N PHE A 168 -47.93 4.83 -11.75
CA PHE A 168 -48.22 3.44 -12.06
C PHE A 168 -47.13 2.71 -12.84
N PRO A 169 -46.52 3.26 -13.89
CA PRO A 169 -45.54 2.44 -14.62
C PRO A 169 -44.17 2.44 -13.95
N LEU A 170 -44.15 2.73 -12.65
CA LEU A 170 -42.97 2.61 -11.82
C LEU A 170 -43.09 1.56 -10.74
N ASN A 171 -44.30 1.39 -10.18
CA ASN A 171 -44.57 0.39 -9.16
C ASN A 171 -45.25 -0.85 -9.74
N GLN A 172 -45.12 -1.07 -11.05
CA GLN A 172 -45.72 -2.25 -11.67
C GLN A 172 -45.16 -3.54 -11.09
N LEU A 173 -43.88 -3.53 -10.71
CA LEU A 173 -43.25 -4.65 -10.02
C LEU A 173 -43.18 -4.41 -8.52
N GLU A 174 -42.69 -3.24 -8.11
CA GLU A 174 -42.64 -2.84 -6.71
C GLU A 174 -42.42 -1.34 -6.66
N TRP A 175 -42.72 -0.74 -5.51
CA TRP A 175 -42.63 0.70 -5.35
C TRP A 175 -41.23 1.18 -5.72
N PRO A 176 -41.11 2.15 -6.61
CA PRO A 176 -39.78 2.48 -7.17
C PRO A 176 -38.91 3.23 -6.18
N SER A 177 -37.60 3.10 -6.38
CA SER A 177 -36.61 3.97 -5.76
C SER A 177 -35.76 4.54 -6.88
N ILE A 178 -35.72 5.86 -6.98
CA ILE A 178 -35.05 6.54 -8.08
C ILE A 178 -33.54 6.50 -7.87
N THR A 179 -32.79 6.39 -8.98
CA THR A 179 -31.34 6.39 -8.94
C THR A 179 -30.75 7.45 -9.87
N GLY A 180 -31.57 8.31 -10.45
CA GLY A 180 -31.09 9.33 -11.35
C GLY A 180 -32.15 9.72 -12.36
N MET A 181 -31.92 10.86 -12.99
CA MET A 181 -32.83 11.40 -14.00
C MET A 181 -32.10 12.47 -14.80
N CYS A 182 -32.34 12.50 -16.10
CA CYS A 182 -31.73 13.53 -16.95
C CYS A 182 -32.64 13.80 -18.15
N TYR A 183 -32.35 14.90 -18.83
CA TYR A 183 -33.14 15.42 -19.93
C TYR A 183 -32.42 15.21 -21.24
N SER A 184 -33.19 14.94 -22.30
CA SER A 184 -32.60 14.68 -23.62
C SER A 184 -33.68 14.85 -24.67
N GLU A 185 -33.61 15.95 -25.44
CA GLU A 185 -34.44 16.14 -26.63
C GLU A 185 -35.94 16.10 -26.30
N GLY A 186 -36.32 16.82 -25.26
CA GLY A 186 -37.72 16.91 -24.90
C GLY A 186 -38.26 15.71 -24.16
N ASN A 187 -37.39 14.85 -23.64
CA ASN A 187 -37.80 13.65 -22.92
C ASN A 187 -37.09 13.58 -21.58
N VAL A 188 -37.85 13.25 -20.53
CA VAL A 188 -37.32 13.06 -19.20
C VAL A 188 -37.13 11.57 -18.98
N TYR A 189 -35.89 11.17 -18.72
CA TYR A 189 -35.53 9.78 -18.50
C TYR A 189 -35.29 9.56 -17.01
N VAL A 190 -35.94 8.55 -16.44
CA VAL A 190 -35.86 8.29 -15.00
C VAL A 190 -35.44 6.84 -14.80
N THR A 191 -34.27 6.64 -14.20
CA THR A 191 -33.78 5.31 -13.85
C THR A 191 -34.13 5.02 -12.40
N TYR A 192 -34.49 3.77 -12.13
CA TYR A 192 -34.96 3.40 -10.80
C TYR A 192 -34.83 1.90 -10.65
N PHE A 193 -35.09 1.43 -9.43
CA PHE A 193 -35.22 -0.01 -9.20
C PHE A 193 -36.36 -0.27 -8.22
N PRO A 194 -37.07 -1.38 -8.40
CA PRO A 194 -38.18 -1.70 -7.50
C PRO A 194 -37.65 -2.19 -6.15
N MET A 195 -38.11 -1.54 -5.08
CA MET A 195 -37.69 -1.89 -3.74
C MET A 195 -38.89 -1.86 -2.79
N ASN A 196 -39.05 -2.93 -2.03
CA ASN A 196 -40.09 -3.01 -0.99
C ASN A 196 -39.84 -1.87 0.00
N PRO A 197 -40.70 -0.85 0.02
CA PRO A 197 -40.38 0.34 0.83
C PRO A 197 -40.40 0.11 2.32
N SER A 198 -40.88 -1.04 2.79
CA SER A 198 -40.88 -1.37 4.21
C SER A 198 -39.68 -2.22 4.62
N THR A 199 -39.40 -3.29 3.87
CA THR A 199 -38.32 -4.21 4.19
C THR A 199 -37.07 -3.97 3.35
N PHE A 200 -37.12 -3.03 2.41
CA PHE A 200 -35.97 -2.68 1.56
C PHE A 200 -35.44 -3.91 0.82
N GLU A 201 -36.36 -4.67 0.24
CA GLU A 201 -36.05 -5.93 -0.43
C GLU A 201 -36.22 -5.74 -1.93
N THR A 202 -35.14 -5.99 -2.68
CA THR A 202 -35.12 -5.85 -4.13
C THR A 202 -35.12 -7.25 -4.75
N LEU A 203 -36.28 -7.69 -5.22
CA LEU A 203 -36.43 -9.03 -5.79
C LEU A 203 -36.18 -9.06 -7.28
N TYR A 204 -36.38 -7.94 -7.99
CA TYR A 204 -36.32 -7.89 -9.44
C TYR A 204 -35.01 -7.19 -9.83
N THR A 205 -33.92 -7.96 -9.85
CA THR A 205 -32.59 -7.43 -10.09
C THR A 205 -31.97 -7.97 -11.38
N ASP A 206 -32.77 -8.50 -12.29
CA ASP A 206 -32.27 -9.04 -13.55
C ASP A 206 -32.91 -8.35 -14.76
N THR A 207 -33.35 -7.10 -14.58
CA THR A 207 -33.89 -6.32 -15.69
C THR A 207 -33.63 -4.84 -15.42
N THR A 208 -32.94 -4.18 -16.35
CA THR A 208 -32.72 -2.75 -16.30
C THR A 208 -34.00 -2.02 -16.68
N PHE A 209 -34.48 -1.16 -15.79
CA PHE A 209 -35.70 -0.38 -16.01
C PHE A 209 -35.35 1.10 -16.11
N VAL A 210 -35.98 1.78 -17.07
CA VAL A 210 -35.90 3.24 -17.14
C VAL A 210 -37.11 3.78 -17.89
N ALA A 211 -37.84 4.70 -17.26
CA ALA A 211 -39.09 5.21 -17.79
C ALA A 211 -38.88 6.57 -18.46
N VAL A 212 -39.50 6.76 -19.62
CA VAL A 212 -39.40 8.01 -20.35
C VAL A 212 -40.74 8.74 -20.29
N TYR A 213 -40.65 10.08 -20.23
CA TYR A 213 -41.82 10.93 -20.14
C TYR A 213 -41.67 12.12 -21.06
N SER A 214 -42.78 12.56 -21.65
CA SER A 214 -42.78 13.83 -22.37
C SER A 214 -42.57 14.95 -21.36
N TYR A 215 -41.69 15.89 -21.68
CA TYR A 215 -41.26 16.86 -20.68
C TYR A 215 -42.42 17.72 -20.16
N PRO A 216 -43.03 18.58 -20.98
CA PRO A 216 -43.94 19.58 -20.40
C PRO A 216 -45.20 18.96 -19.81
N ASP A 217 -45.70 17.87 -20.37
CA ASP A 217 -46.88 17.20 -19.86
C ASP A 217 -46.57 16.19 -18.76
N MET A 218 -45.31 15.74 -18.66
CA MET A 218 -44.93 14.64 -17.80
C MET A 218 -45.81 13.41 -18.05
N GLN A 219 -46.05 13.13 -19.33
CA GLN A 219 -46.88 12.00 -19.71
C GLN A 219 -46.00 10.79 -19.98
N PHE A 220 -46.38 9.65 -19.40
CA PHE A 220 -45.62 8.43 -19.59
C PHE A 220 -45.61 8.05 -21.07
N LYS A 221 -44.45 7.67 -21.58
CA LYS A 221 -44.30 7.25 -22.97
C LYS A 221 -43.98 5.76 -23.07
N THR A 222 -42.83 5.34 -22.56
CA THR A 222 -42.45 3.94 -22.59
C THR A 222 -41.61 3.61 -21.36
N LEU A 223 -41.54 2.33 -21.06
CA LEU A 223 -40.67 1.79 -20.02
C LEU A 223 -39.61 0.93 -20.72
N MET A 224 -38.43 1.50 -20.91
CA MET A 224 -37.35 0.74 -21.51
C MET A 224 -36.87 -0.31 -20.51
N LYS A 225 -37.04 -1.57 -20.86
CA LYS A 225 -36.51 -2.68 -20.09
C LYS A 225 -35.43 -3.37 -20.92
N ASP A 226 -34.37 -3.80 -20.24
CA ASP A 226 -33.26 -4.46 -20.91
C ASP A 226 -32.79 -5.62 -20.07
N THR A 227 -32.75 -6.82 -20.66
CA THR A 227 -32.43 -8.04 -19.95
C THR A 227 -30.96 -8.43 -20.06
N ARG A 228 -30.09 -7.46 -20.32
CA ARG A 228 -28.65 -7.73 -20.37
C ARG A 228 -27.98 -7.61 -19.01
N THR A 229 -28.47 -6.72 -18.16
CA THR A 229 -27.94 -6.54 -16.81
C THR A 229 -29.11 -6.29 -15.87
N GLY A 230 -28.80 -5.89 -14.63
CA GLY A 230 -29.80 -5.59 -13.65
C GLY A 230 -30.21 -4.12 -13.67
N PRO A 231 -30.90 -3.67 -12.63
CA PRO A 231 -31.38 -2.29 -12.60
C PRO A 231 -30.25 -1.28 -12.62
N ALA A 232 -30.56 -0.09 -13.13
CA ALA A 232 -29.57 0.97 -13.30
C ALA A 232 -29.52 1.83 -12.05
N GLY A 233 -28.41 1.76 -11.33
CA GLY A 233 -28.14 2.68 -10.24
C GLY A 233 -28.15 1.99 -8.88
N SER A 234 -28.09 2.83 -7.84
CA SER A 234 -28.10 2.37 -6.46
C SER A 234 -28.99 3.30 -5.64
N TRP A 235 -29.35 2.83 -4.43
CA TRP A 235 -30.26 3.56 -3.57
C TRP A 235 -29.69 4.93 -3.21
N ASN A 236 -30.44 5.99 -3.53
CA ASN A 236 -30.11 7.37 -3.17
C ASN A 236 -28.69 7.75 -3.60
N ALA A 237 -28.12 7.05 -4.58
CA ALA A 237 -26.76 7.29 -5.01
C ALA A 237 -26.67 8.22 -6.22
N PHE A 238 -27.77 8.44 -6.93
CA PHE A 238 -27.83 9.34 -8.08
C PHE A 238 -26.85 8.92 -9.18
N ASN A 239 -26.50 7.64 -9.22
CA ASN A 239 -25.54 7.11 -10.18
C ASN A 239 -26.23 6.27 -11.26
N GLY A 240 -27.48 6.58 -11.57
CA GLY A 240 -28.24 5.76 -12.49
C GLY A 240 -28.00 6.07 -13.95
N ILE A 241 -27.86 7.35 -14.29
CA ILE A 241 -27.78 7.78 -15.68
C ILE A 241 -27.02 9.10 -15.75
N PHE A 242 -26.28 9.28 -16.85
CA PHE A 242 -25.55 10.51 -17.10
C PHE A 242 -25.32 10.64 -18.59
N LYS A 243 -25.52 11.84 -19.13
CA LYS A 243 -25.30 12.08 -20.55
C LYS A 243 -23.94 12.72 -20.79
N VAL A 244 -23.43 12.52 -22.01
CA VAL A 244 -22.08 12.94 -22.35
C VAL A 244 -22.13 14.08 -23.37
N GLU A 245 -20.98 14.41 -23.96
CA GLU A 245 -20.90 15.55 -24.86
C GLU A 245 -21.73 15.35 -26.12
N SER A 246 -21.83 14.11 -26.60
CA SER A 246 -22.57 13.83 -27.83
C SER A 246 -24.07 13.90 -27.65
N GLY A 247 -24.56 14.08 -26.42
CA GLY A 247 -25.97 14.02 -26.13
C GLY A 247 -26.48 12.65 -25.76
N ASP A 248 -25.78 11.59 -26.19
CA ASP A 248 -26.12 10.24 -25.77
C ASP A 248 -26.03 10.11 -24.26
N MET A 249 -26.75 9.14 -23.72
CA MET A 249 -26.77 8.91 -22.29
C MET A 249 -26.28 7.50 -21.97
N TYR A 250 -25.60 7.37 -20.83
CA TYR A 250 -25.12 6.10 -20.34
C TYR A 250 -25.78 5.81 -19.00
N ILE A 251 -26.07 4.53 -18.77
CA ILE A 251 -26.58 4.06 -17.50
C ILE A 251 -25.62 3.01 -16.94
N MET A 252 -25.54 2.94 -15.62
CA MET A 252 -24.70 1.97 -14.93
C MET A 252 -25.57 1.06 -14.09
N SER A 253 -25.44 -0.24 -14.29
CA SER A 253 -26.06 -1.24 -13.44
C SER A 253 -24.99 -1.91 -12.60
N ASN A 254 -25.26 -2.04 -11.31
CA ASN A 254 -24.30 -2.71 -10.44
C ASN A 254 -24.90 -3.87 -9.67
N SER A 255 -26.16 -3.77 -9.26
CA SER A 255 -26.78 -4.75 -8.36
C SER A 255 -25.91 -5.00 -7.14
N ALA A 256 -25.26 -3.93 -6.67
CA ALA A 256 -24.29 -4.03 -5.59
C ALA A 256 -25.03 -4.14 -4.26
N ILE A 257 -24.86 -5.29 -3.60
CA ILE A 257 -25.46 -5.46 -2.28
C ILE A 257 -24.86 -4.48 -1.29
N ALA A 258 -23.56 -4.20 -1.42
CA ALA A 258 -22.89 -3.25 -0.53
C ALA A 258 -23.47 -1.85 -0.64
N ASN A 259 -24.20 -1.55 -1.73
CA ASN A 259 -24.79 -0.23 -1.93
C ASN A 259 -26.30 -0.22 -1.75
N GLY A 260 -26.88 -1.26 -1.14
CA GLY A 260 -28.27 -1.21 -0.75
C GLY A 260 -29.15 -2.33 -1.26
N PHE A 261 -28.67 -3.13 -2.20
CA PHE A 261 -29.49 -4.18 -2.79
C PHE A 261 -29.51 -5.42 -1.91
N SER A 262 -30.59 -6.19 -2.04
CA SER A 262 -30.75 -7.44 -1.31
C SER A 262 -30.18 -8.64 -2.05
N GLN A 263 -29.89 -8.51 -3.34
CA GLN A 263 -29.43 -9.62 -4.14
C GLN A 263 -28.80 -9.08 -5.41
N SER A 264 -28.05 -9.96 -6.09
CA SER A 264 -27.42 -9.63 -7.36
C SER A 264 -27.54 -10.82 -8.29
N THR A 265 -28.29 -10.67 -9.38
CA THR A 265 -28.48 -11.76 -10.33
C THR A 265 -27.67 -11.56 -11.61
N LYS A 266 -27.61 -10.35 -12.14
CA LYS A 266 -26.86 -10.06 -13.35
C LYS A 266 -25.54 -9.38 -13.01
N ASN A 267 -24.72 -9.19 -14.04
CA ASN A 267 -23.43 -8.55 -13.89
C ASN A 267 -23.55 -7.03 -13.90
N ALA A 268 -22.56 -6.38 -13.30
CA ALA A 268 -22.48 -4.93 -13.33
C ALA A 268 -21.89 -4.49 -14.67
N ALA A 269 -22.53 -3.51 -15.31
CA ALA A 269 -22.11 -3.09 -16.64
C ALA A 269 -22.66 -1.70 -16.92
N PHE A 270 -22.34 -1.21 -18.12
CA PHE A 270 -22.82 0.07 -18.61
C PHE A 270 -23.61 -0.15 -19.89
N LEU A 271 -24.73 0.54 -20.02
CA LEU A 271 -25.52 0.53 -21.24
C LEU A 271 -25.63 1.95 -21.79
N ARG A 272 -26.01 2.06 -23.06
CA ARG A 272 -26.11 3.34 -23.72
C ARG A 272 -27.49 3.49 -24.35
N ILE A 273 -28.09 4.66 -24.14
CA ILE A 273 -29.32 5.07 -24.81
C ILE A 273 -28.98 6.25 -25.71
N PRO A 274 -29.19 6.17 -27.02
CA PRO A 274 -28.77 7.23 -27.93
C PRO A 274 -29.48 8.55 -27.65
N LYS A 275 -28.97 9.60 -28.28
CA LYS A 275 -29.48 10.95 -28.08
C LYS A 275 -30.92 11.06 -28.53
N GLY A 276 -31.81 11.37 -27.58
CA GLY A 276 -33.21 11.56 -27.90
C GLY A 276 -33.95 10.34 -28.41
N GLU A 277 -33.57 9.15 -27.94
CA GLU A 277 -34.21 7.91 -28.35
C GLU A 277 -34.84 7.22 -27.14
N THR A 278 -35.57 6.15 -27.42
CA THR A 278 -36.24 5.35 -26.40
C THR A 278 -35.98 3.86 -26.62
N HIS A 279 -34.72 3.52 -26.93
CA HIS A 279 -34.35 2.13 -27.14
C HIS A 279 -32.84 2.00 -26.93
N PHE A 280 -32.44 0.96 -26.19
CA PHE A 280 -31.02 0.71 -25.99
C PHE A 280 -30.35 0.26 -27.29
N ASP A 281 -29.15 0.77 -27.52
CA ASP A 281 -28.37 0.37 -28.69
C ASP A 281 -27.54 -0.88 -28.35
N ASP A 282 -26.76 -1.34 -29.33
CA ASP A 282 -25.97 -2.56 -29.18
C ASP A 282 -24.70 -2.35 -28.36
N TYR A 283 -24.62 -1.29 -27.58
CA TYR A 283 -23.48 -1.07 -26.70
C TYR A 283 -23.60 -1.90 -25.43
N TYR A 284 -22.50 -2.54 -25.05
CA TYR A 284 -22.46 -3.33 -23.82
C TYR A 284 -21.04 -3.30 -23.28
N PHE A 285 -20.90 -2.89 -22.01
CA PHE A 285 -19.61 -2.75 -21.35
C PHE A 285 -19.68 -3.53 -20.03
N ASP A 286 -19.46 -4.85 -20.11
CA ASP A 286 -19.49 -5.72 -18.95
C ASP A 286 -18.40 -5.35 -17.95
N PHE A 287 -18.74 -4.49 -16.98
CA PHE A 287 -17.72 -3.99 -16.05
C PHE A 287 -17.31 -5.05 -15.03
N GLU A 288 -18.27 -5.86 -14.56
CA GLU A 288 -17.98 -6.78 -13.47
C GLU A 288 -16.96 -7.83 -13.88
N THR A 289 -17.03 -8.31 -15.13
CA THR A 289 -16.08 -9.32 -15.58
C THR A 289 -14.74 -8.70 -15.97
N VAL A 290 -14.77 -7.54 -16.64
CA VAL A 290 -13.53 -6.89 -17.04
C VAL A 290 -12.76 -6.33 -15.85
N SER A 291 -13.42 -6.16 -14.70
CA SER A 291 -12.76 -5.66 -13.51
C SER A 291 -12.17 -6.76 -12.64
N GLY A 292 -12.82 -7.92 -12.59
CA GLY A 292 -12.34 -9.02 -11.76
C GLY A 292 -13.30 -9.35 -10.65
N GLY A 293 -14.59 -9.22 -10.92
CA GLY A 293 -15.62 -9.48 -9.93
C GLY A 293 -15.93 -8.31 -9.03
N LEU A 294 -15.65 -7.09 -9.46
CA LEU A 294 -15.87 -5.89 -8.65
C LEU A 294 -17.02 -5.09 -9.24
N LYS A 295 -17.85 -4.53 -8.36
CA LYS A 295 -18.98 -3.72 -8.78
C LYS A 295 -18.75 -2.27 -8.40
N PRO A 296 -19.01 -1.32 -9.31
CA PRO A 296 -18.74 0.08 -8.99
C PRO A 296 -19.79 0.65 -8.06
N ALA A 297 -19.33 1.49 -7.13
CA ALA A 297 -20.19 2.11 -6.14
C ALA A 297 -20.59 3.54 -6.51
N HIS A 298 -19.67 4.32 -7.07
CA HIS A 298 -19.96 5.68 -7.46
C HIS A 298 -19.26 6.01 -8.77
N ILE A 299 -19.89 6.84 -9.59
CA ILE A 299 -19.32 7.23 -10.87
C ILE A 299 -19.51 8.73 -11.08
N LYS A 300 -18.57 9.34 -11.81
CA LYS A 300 -18.66 10.74 -12.18
C LYS A 300 -18.02 10.91 -13.55
N TYR A 301 -18.83 11.25 -14.55
CA TYR A 301 -18.31 11.43 -15.90
C TYR A 301 -17.43 12.67 -15.95
N ILE A 302 -16.19 12.49 -16.41
CA ILE A 302 -15.21 13.57 -16.46
C ILE A 302 -14.91 14.03 -17.87
N GLY A 303 -15.50 13.40 -18.88
CA GLY A 303 -15.37 13.87 -20.24
C GLY A 303 -14.64 12.93 -21.18
N ASN A 304 -15.10 12.88 -22.43
CA ASN A 304 -14.42 12.13 -23.50
C ASN A 304 -14.30 10.64 -23.16
N GLY A 305 -15.42 10.04 -22.77
CA GLY A 305 -15.47 8.63 -22.47
C GLY A 305 -14.78 8.21 -21.19
N LEU A 306 -14.29 9.14 -20.39
CA LEU A 306 -13.62 8.82 -19.13
C LEU A 306 -14.55 9.08 -17.96
N VAL A 307 -14.52 8.18 -16.97
CA VAL A 307 -15.35 8.28 -15.78
C VAL A 307 -14.48 8.02 -14.56
N PHE A 308 -14.54 8.91 -13.58
CA PHE A 308 -13.89 8.67 -12.30
C PHE A 308 -14.82 7.85 -11.43
N ALA A 309 -14.38 6.67 -11.01
CA ALA A 309 -15.26 5.74 -10.32
C ALA A 309 -14.64 5.29 -9.01
N GLU A 310 -15.50 5.04 -8.03
CA GLU A 310 -15.17 4.32 -6.82
C GLU A 310 -15.85 2.96 -6.89
N VAL A 311 -15.05 1.90 -6.91
CA VAL A 311 -15.55 0.53 -7.06
C VAL A 311 -15.28 -0.23 -5.77
N SER A 312 -16.14 -1.21 -5.48
CA SER A 312 -16.03 -1.98 -4.25
C SER A 312 -15.01 -3.10 -4.45
N THR A 313 -14.00 -3.14 -3.59
CA THR A 313 -12.99 -4.20 -3.63
C THR A 313 -13.46 -5.50 -2.97
N ILE A 314 -14.72 -5.57 -2.56
CA ILE A 314 -15.29 -6.78 -1.98
C ILE A 314 -15.83 -7.62 -3.14
N SER A 315 -15.16 -8.74 -3.44
CA SER A 315 -15.63 -9.58 -4.54
C SER A 315 -16.89 -10.34 -4.16
N PRO A 316 -16.95 -11.09 -3.04
CA PRO A 316 -18.22 -11.72 -2.67
C PRO A 316 -19.07 -10.75 -1.87
N GLN A 317 -19.95 -10.02 -2.55
CA GLN A 317 -20.79 -9.03 -1.87
C GLN A 317 -21.88 -9.78 -1.11
N THR A 318 -21.66 -9.98 0.19
CA THR A 318 -22.60 -10.68 1.05
C THR A 318 -23.57 -9.70 1.71
N SER A 319 -24.61 -10.25 2.32
CA SER A 319 -25.59 -9.41 2.98
C SER A 319 -25.00 -8.73 4.21
N ALA A 320 -23.89 -9.24 4.74
CA ALA A 320 -23.21 -8.56 5.83
C ALA A 320 -22.58 -7.25 5.38
N ASP A 321 -22.23 -7.15 4.09
CA ASP A 321 -21.66 -5.94 3.53
C ASP A 321 -22.72 -4.95 3.08
N ARG A 322 -23.99 -5.25 3.27
CA ARG A 322 -25.07 -4.42 2.75
C ARG A 322 -25.06 -3.04 3.43
N TRP A 323 -25.45 -2.03 2.65
CA TRP A 323 -25.50 -0.63 3.11
C TRP A 323 -24.16 -0.16 3.65
N GLY A 324 -23.08 -0.87 3.33
CA GLY A 324 -21.80 -0.55 3.92
C GLY A 324 -20.93 0.34 3.06
N ASP A 325 -20.84 0.00 1.77
CA ASP A 325 -20.06 0.78 0.82
C ASP A 325 -18.62 0.93 1.28
N LYS A 326 -18.06 -0.14 1.81
CA LYS A 326 -16.74 -0.12 2.42
C LYS A 326 -15.69 -0.70 1.48
N SER A 327 -14.44 -0.30 1.71
CA SER A 327 -13.28 -0.77 0.95
C SER A 327 -13.43 -0.42 -0.54
N LEU A 328 -13.42 0.88 -0.81
CA LEU A 328 -13.56 1.39 -2.16
C LEU A 328 -12.21 1.75 -2.75
N LYS A 329 -12.08 1.53 -4.06
CA LYS A 329 -10.88 1.80 -4.83
C LYS A 329 -11.22 2.76 -5.96
N CYS A 330 -10.36 3.74 -6.17
CA CYS A 330 -10.57 4.72 -7.24
C CYS A 330 -10.01 4.20 -8.55
N CYS A 331 -10.77 4.41 -9.62
CA CYS A 331 -10.44 3.88 -10.93
C CYS A 331 -10.86 4.86 -12.00
N ILE A 332 -10.22 4.71 -13.16
CA ILE A 332 -10.58 5.44 -14.38
C ILE A 332 -11.24 4.45 -15.33
N ILE A 333 -12.46 4.76 -15.73
CA ILE A 333 -13.26 3.91 -16.62
C ILE A 333 -13.25 4.55 -17.99
N ASP A 334 -12.70 3.84 -18.97
CA ASP A 334 -12.73 4.25 -20.38
C ASP A 334 -13.89 3.53 -21.04
N LEU A 335 -14.95 4.29 -21.37
CA LEU A 335 -16.14 3.70 -21.96
C LEU A 335 -15.89 3.31 -23.41
N ASN A 336 -15.14 4.13 -24.14
CA ASN A 336 -14.86 3.84 -25.54
C ASN A 336 -14.05 2.56 -25.70
N ASN A 337 -12.87 2.52 -25.06
CA ASN A 337 -12.03 1.32 -25.10
C ASN A 337 -12.50 0.26 -24.11
N LYS A 338 -13.46 0.57 -23.25
CA LYS A 338 -14.02 -0.38 -22.28
C LYS A 338 -12.92 -0.97 -21.40
N THR A 339 -12.28 -0.10 -20.62
CA THR A 339 -11.22 -0.50 -19.71
C THR A 339 -11.45 0.11 -18.34
N VAL A 340 -10.89 -0.54 -17.32
CA VAL A 340 -10.90 -0.02 -15.95
C VAL A 340 -9.48 -0.06 -15.42
N ARG A 341 -8.94 1.09 -15.05
CA ARG A 341 -7.56 1.20 -14.59
C ARG A 341 -7.55 1.68 -13.16
N ASP A 342 -6.85 0.94 -12.29
CA ASP A 342 -6.78 1.28 -10.88
C ASP A 342 -5.92 2.53 -10.68
N ILE A 343 -6.34 3.36 -9.73
CA ILE A 343 -5.55 4.53 -9.32
C ILE A 343 -4.80 4.10 -8.06
N LYS A 344 -3.60 3.58 -8.25
CA LYS A 344 -2.87 2.92 -7.16
C LYS A 344 -2.43 3.88 -6.06
N GLU A 345 -2.40 5.18 -6.33
CA GLU A 345 -1.92 6.15 -5.36
C GLU A 345 -3.01 6.59 -4.38
N ILE A 346 -4.24 6.11 -4.54
CA ILE A 346 -5.34 6.40 -3.62
C ILE A 346 -5.58 5.15 -2.78
N PRO A 347 -5.54 5.23 -1.46
CA PRO A 347 -5.65 4.02 -0.64
C PRO A 347 -7.09 3.55 -0.53
N VAL A 348 -7.24 2.25 -0.26
CA VAL A 348 -8.55 1.63 -0.12
C VAL A 348 -9.27 2.28 1.05
N HIS A 349 -10.46 2.81 0.79
CA HIS A 349 -11.20 3.57 1.78
C HIS A 349 -12.67 3.23 1.71
N ASN A 350 -13.42 3.67 2.72
CA ASN A 350 -14.86 3.51 2.76
C ASN A 350 -15.55 4.72 2.15
N GLY A 351 -16.61 4.46 1.39
CA GLY A 351 -17.30 5.52 0.69
C GLY A 351 -18.32 6.24 1.55
N ASP A 352 -18.90 7.29 0.97
CA ASP A 352 -19.90 8.12 1.65
C ASP A 352 -21.31 7.54 1.57
N GLY A 353 -21.45 6.25 1.27
CA GLY A 353 -22.76 5.63 1.24
C GLY A 353 -23.65 6.16 0.11
N GLY A 354 -24.94 5.89 0.26
CA GLY A 354 -25.92 6.31 -0.72
C GLY A 354 -26.16 7.81 -0.71
N ARG A 355 -25.33 8.54 -1.46
CA ARG A 355 -25.40 10.00 -1.49
C ARG A 355 -24.70 10.47 -2.75
N ARG A 356 -24.89 11.74 -3.08
CA ARG A 356 -24.26 12.34 -4.25
C ARG A 356 -22.73 12.21 -4.16
N PHE A 357 -22.13 11.78 -5.26
CA PHE A 357 -20.69 11.53 -5.30
C PHE A 357 -19.95 12.87 -5.28
N ALA A 358 -19.08 13.04 -4.28
CA ALA A 358 -18.37 14.31 -4.07
C ALA A 358 -17.03 14.25 -4.81
N ALA A 359 -17.03 14.74 -6.04
CA ALA A 359 -15.82 14.79 -6.85
C ALA A 359 -15.89 15.99 -7.78
N LEU A 360 -14.76 16.68 -7.95
CA LEU A 360 -14.70 17.92 -8.72
C LEU A 360 -13.85 17.70 -9.96
N VAL A 361 -14.44 17.94 -11.13
CA VAL A 361 -13.73 17.84 -12.40
C VAL A 361 -13.27 19.25 -12.76
N ASP A 362 -12.00 19.54 -12.51
CA ASP A 362 -11.47 20.89 -12.69
C ASP A 362 -10.10 20.84 -13.33
N GLY A 363 -9.90 21.67 -14.35
CA GLY A 363 -8.59 21.80 -14.98
C GLY A 363 -8.01 20.50 -15.50
N GLY A 364 -8.86 19.63 -16.05
CA GLY A 364 -8.39 18.36 -16.54
C GLY A 364 -8.01 17.35 -15.48
N TYR A 365 -8.33 17.62 -14.22
CA TYR A 365 -8.05 16.69 -13.13
C TYR A 365 -9.34 16.41 -12.38
N VAL A 366 -9.32 15.33 -11.61
CA VAL A 366 -10.46 14.94 -10.78
C VAL A 366 -10.03 14.96 -9.32
N TYR A 367 -10.69 15.80 -8.52
CA TYR A 367 -10.34 15.96 -7.11
C TYR A 367 -11.37 15.23 -6.26
N ARG A 368 -10.89 14.31 -5.43
CA ARG A 368 -11.75 13.46 -4.61
C ARG A 368 -11.24 13.48 -3.16
N PRO A 369 -12.10 13.79 -2.19
CA PRO A 369 -11.70 13.65 -0.78
C PRO A 369 -11.77 12.18 -0.37
N VAL A 370 -10.64 11.65 0.09
CA VAL A 370 -10.51 10.27 0.52
C VAL A 370 -10.23 10.25 2.01
N THR A 371 -11.03 9.49 2.75
CA THR A 371 -10.86 9.35 4.20
C THR A 371 -9.97 8.14 4.45
N ALA A 372 -8.68 8.41 4.70
CA ALA A 372 -7.70 7.36 4.92
C ALA A 372 -7.55 7.12 6.43
N SER A 373 -6.59 6.28 6.81
CA SER A 373 -6.38 5.98 8.22
C SER A 373 -5.84 7.18 8.98
N GLU A 374 -4.90 7.91 8.38
CA GLU A 374 -4.34 9.08 9.06
C GLU A 374 -5.35 10.23 9.10
N GLY A 375 -6.12 10.40 8.03
CA GLY A 375 -7.10 11.47 7.99
C GLY A 375 -7.81 11.50 6.66
N THR A 376 -8.43 12.63 6.37
CA THR A 376 -9.13 12.84 5.11
C THR A 376 -8.36 13.84 4.27
N TYR A 377 -7.95 13.41 3.08
CA TYR A 377 -7.10 14.20 2.20
C TYR A 377 -7.75 14.36 0.84
N ILE A 378 -7.55 15.52 0.22
CA ILE A 378 -7.99 15.74 -1.15
C ILE A 378 -6.94 15.14 -2.09
N TYR A 379 -7.36 14.19 -2.93
CA TYR A 379 -6.47 13.57 -3.90
C TYR A 379 -6.78 14.12 -5.29
N GLN A 380 -5.74 14.55 -5.99
CA GLN A 380 -5.83 14.96 -7.38
C GLN A 380 -5.55 13.77 -8.27
N VAL A 381 -6.38 13.56 -9.28
CA VAL A 381 -6.32 12.40 -10.14
C VAL A 381 -6.12 12.87 -11.57
N ASP A 382 -5.01 12.45 -12.17
CA ASP A 382 -4.73 12.57 -13.60
C ASP A 382 -5.39 11.39 -14.30
N PRO A 383 -6.40 11.67 -15.13
CA PRO A 383 -7.15 10.58 -15.77
C PRO A 383 -6.38 9.86 -16.85
N GLN A 384 -5.54 10.55 -17.61
CA GLN A 384 -4.82 9.89 -18.69
C GLN A 384 -3.79 8.90 -18.15
N ALA A 385 -3.08 9.29 -17.10
CA ALA A 385 -2.12 8.43 -16.44
C ALA A 385 -2.78 7.56 -15.37
N ALA A 386 -4.02 7.86 -15.00
CA ALA A 386 -4.72 7.18 -13.91
C ALA A 386 -3.88 7.24 -12.63
N THR A 387 -3.28 8.41 -12.38
CA THR A 387 -2.40 8.57 -11.24
C THR A 387 -2.98 9.59 -10.28
N ALA A 388 -2.47 9.59 -9.04
CA ALA A 388 -2.99 10.47 -8.02
C ALA A 388 -1.86 11.09 -7.21
N VAL A 389 -2.12 12.31 -6.74
CA VAL A 389 -1.22 13.03 -5.84
C VAL A 389 -2.04 13.51 -4.66
N ARG A 390 -1.57 13.23 -3.45
CA ARG A 390 -2.27 13.68 -2.25
C ARG A 390 -2.13 15.20 -2.11
N GLY A 391 -3.26 15.86 -1.91
CA GLY A 391 -3.25 17.31 -1.80
C GLY A 391 -3.54 17.81 -0.40
N ALA A 392 -4.49 18.72 -0.28
CA ALA A 392 -4.76 19.36 1.00
C ALA A 392 -5.49 18.41 1.95
N LYS A 393 -5.10 18.45 3.22
CA LYS A 393 -5.84 17.74 4.25
C LYS A 393 -7.07 18.56 4.62
N VAL A 394 -8.20 17.87 4.83
CA VAL A 394 -9.45 18.52 5.17
C VAL A 394 -9.91 18.04 6.54
N SER A 395 -10.29 18.98 7.40
CA SER A 395 -10.65 18.69 8.79
C SER A 395 -12.16 18.56 8.88
N THR A 396 -12.66 17.36 8.60
CA THR A 396 -14.09 17.08 8.67
C THR A 396 -14.29 15.56 8.76
N THR A 397 -15.54 15.17 9.04
CA THR A 397 -15.88 13.76 9.03
C THR A 397 -16.04 13.24 7.59
N PHE A 398 -16.67 14.04 6.74
CA PHE A 398 -16.84 13.70 5.33
C PHE A 398 -17.20 14.99 4.58
N VAL A 399 -17.30 14.88 3.27
CA VAL A 399 -17.67 15.98 2.40
C VAL A 399 -19.01 15.68 1.75
N GLY A 400 -19.88 16.69 1.69
CA GLY A 400 -21.18 16.52 1.07
C GLY A 400 -21.26 17.13 -0.31
N GLY A 401 -20.39 18.10 -0.57
CA GLY A 401 -20.34 18.74 -1.87
C GLY A 401 -18.97 19.33 -2.17
N PHE A 402 -18.50 19.15 -3.40
CA PHE A 402 -17.20 19.64 -3.84
C PHE A 402 -17.42 20.34 -5.18
N PHE A 403 -17.39 21.67 -5.17
CA PHE A 403 -17.77 22.47 -6.33
C PHE A 403 -16.74 23.57 -6.55
N ARG A 404 -16.93 24.33 -7.64
CA ARG A 404 -16.08 25.46 -7.94
C ARG A 404 -16.91 26.56 -8.58
N LEU A 405 -16.67 27.80 -8.16
CA LEU A 405 -17.39 28.96 -8.65
C LEU A 405 -16.42 30.00 -9.20
N ASP A 406 -16.94 30.87 -10.07
CA ASP A 406 -16.10 31.84 -10.76
C ASP A 406 -16.49 33.27 -10.37
N GLU B 31 -17.42 -34.01 46.29
CA GLU B 31 -16.79 -34.32 45.01
C GLU B 31 -17.28 -33.40 43.90
N GLU B 32 -16.61 -33.46 42.76
CA GLU B 32 -16.94 -32.60 41.62
C GLU B 32 -18.17 -33.13 40.90
N THR B 33 -19.19 -32.29 40.76
CA THR B 33 -20.40 -32.68 40.07
C THR B 33 -20.16 -32.62 38.56
N PRO B 34 -20.46 -33.69 37.83
CA PRO B 34 -20.24 -33.67 36.38
C PRO B 34 -21.28 -32.81 35.66
N PHE B 35 -20.83 -32.21 34.57
CA PHE B 35 -21.64 -31.35 33.70
C PHE B 35 -22.16 -30.10 34.42
N ALA B 36 -21.54 -29.70 35.52
CA ALA B 36 -21.90 -28.45 36.15
C ALA B 36 -21.54 -27.28 35.24
N PRO B 37 -22.41 -26.28 35.12
CA PRO B 37 -22.20 -25.26 34.08
C PRO B 37 -21.23 -24.14 34.48
N TYR B 38 -21.19 -23.76 35.75
CA TYR B 38 -20.40 -22.61 36.16
C TYR B 38 -18.99 -23.03 36.55
N VAL B 39 -18.00 -22.26 36.11
CA VAL B 39 -16.59 -22.54 36.36
C VAL B 39 -16.01 -21.40 37.16
N LEU B 40 -15.48 -21.71 38.34
CA LEU B 40 -14.86 -20.71 39.22
C LEU B 40 -13.44 -21.11 39.53
N SER B 41 -12.51 -20.18 39.37
CA SER B 41 -11.11 -20.41 39.70
C SER B 41 -10.84 -19.79 41.06
N LEU B 42 -10.89 -20.62 42.10
CA LEU B 42 -10.74 -20.16 43.47
C LEU B 42 -9.25 -20.00 43.78
N GLY B 43 -8.80 -18.76 43.93
CA GLY B 43 -7.42 -18.48 44.28
C GLY B 43 -7.21 -18.35 45.77
N ILE B 44 -6.59 -19.35 46.40
CA ILE B 44 -6.37 -19.35 47.85
C ILE B 44 -4.90 -19.09 48.10
N ASN B 45 -4.60 -18.04 48.86
CA ASN B 45 -3.23 -17.69 49.23
C ASN B 45 -2.92 -18.18 50.63
N SER B 46 -1.77 -18.84 50.79
CA SER B 46 -1.29 -19.30 52.08
C SER B 46 0.23 -19.18 52.10
N ASN B 47 0.75 -18.75 53.25
CA ASN B 47 2.20 -18.61 53.47
C ASN B 47 2.86 -17.78 52.37
N GLY B 48 2.13 -16.82 51.81
CA GLY B 48 2.68 -15.96 50.79
C GLY B 48 2.64 -16.49 49.37
N THR B 49 2.01 -17.64 49.12
CA THR B 49 1.88 -18.17 47.77
C THR B 49 0.43 -18.50 47.48
N THR B 50 -0.01 -18.19 46.26
CA THR B 50 -1.38 -18.41 45.82
C THR B 50 -1.46 -19.68 44.97
N THR B 51 -2.42 -20.54 45.31
CA THR B 51 -2.73 -21.72 44.51
C THR B 51 -4.16 -21.56 44.00
N TYR B 52 -4.36 -21.82 42.71
CA TYR B 52 -5.67 -21.70 42.10
C TYR B 52 -6.29 -23.07 41.95
N TYR B 53 -7.60 -23.14 42.20
CA TYR B 53 -8.36 -24.38 42.08
C TYR B 53 -9.49 -24.12 41.11
N VAL B 54 -9.39 -24.68 39.91
CA VAL B 54 -10.45 -24.52 38.91
C VAL B 54 -11.52 -25.57 39.23
N VAL B 55 -12.68 -25.10 39.69
CA VAL B 55 -13.73 -25.98 40.20
C VAL B 55 -15.02 -25.65 39.46
N THR B 56 -15.93 -26.62 39.47
CA THR B 56 -17.25 -26.47 38.89
C THR B 56 -18.26 -26.08 39.97
N ALA B 57 -19.42 -25.61 39.52
CA ALA B 57 -20.49 -25.21 40.38
C ALA B 57 -21.78 -25.36 39.57
N PRO B 58 -22.76 -26.09 40.08
CA PRO B 58 -24.04 -26.24 39.38
C PRO B 58 -25.03 -25.13 39.64
N GLU B 59 -24.77 -24.27 40.62
CA GLU B 59 -25.73 -23.24 41.01
C GLU B 59 -24.98 -22.08 41.63
N LEU B 60 -25.52 -20.87 41.42
CA LEU B 60 -24.93 -19.65 41.95
C LEU B 60 -25.82 -19.00 43.01
N MET B 61 -26.83 -19.71 43.51
CA MET B 61 -27.78 -19.14 44.45
C MET B 61 -27.76 -19.80 45.82
N SER B 62 -27.65 -21.12 45.87
CA SER B 62 -27.59 -21.84 47.14
C SER B 62 -26.45 -22.84 47.08
N GLY B 63 -26.05 -23.31 48.26
CA GLY B 63 -24.92 -24.22 48.35
C GLY B 63 -23.60 -23.49 48.27
N THR B 64 -22.65 -23.86 49.11
CA THR B 64 -21.36 -23.20 49.13
C THR B 64 -20.48 -23.74 48.01
N ILE B 65 -19.70 -22.85 47.40
CA ILE B 65 -18.80 -23.20 46.30
C ILE B 65 -17.40 -23.33 46.91
N ASN B 66 -16.96 -24.57 47.09
CA ASN B 66 -15.67 -24.87 47.70
C ASN B 66 -14.77 -25.59 46.70
N ALA B 67 -13.55 -25.90 47.14
CA ALA B 67 -12.58 -26.62 46.33
C ALA B 67 -12.04 -27.85 47.04
N VAL B 68 -12.77 -28.37 48.02
CA VAL B 68 -12.33 -29.54 48.77
C VAL B 68 -12.72 -30.79 48.00
N ALA B 69 -11.73 -31.63 47.70
CA ALA B 69 -11.90 -32.88 46.96
C ALA B 69 -12.48 -32.69 45.56
N LYS B 70 -12.49 -31.45 45.06
CA LYS B 70 -13.05 -31.17 43.74
C LYS B 70 -12.24 -30.04 43.11
N GLY B 71 -12.13 -30.08 41.79
CA GLY B 71 -11.40 -29.07 41.06
C GLY B 71 -9.96 -29.47 40.79
N ILE B 72 -9.39 -28.84 39.77
CA ILE B 72 -8.01 -29.12 39.37
C ILE B 72 -7.10 -28.03 39.90
N GLU B 73 -5.90 -28.41 40.33
CA GLU B 73 -4.97 -27.50 40.97
C GLU B 73 -4.02 -26.88 39.95
N GLN B 74 -3.70 -25.61 40.16
CA GLN B 74 -2.77 -24.88 39.30
C GLN B 74 -1.93 -23.96 40.18
N ASN B 75 -0.61 -24.04 40.01
CA ASN B 75 0.33 -23.28 40.83
C ASN B 75 0.91 -22.12 40.03
N GLY B 76 1.57 -21.21 40.74
CA GLY B 76 2.05 -19.99 40.13
C GLY B 76 0.94 -18.94 40.07
N TYR B 77 1.17 -17.95 39.22
CA TYR B 77 0.18 -16.92 38.94
C TYR B 77 -0.53 -17.26 37.63
N ARG B 78 -1.85 -17.43 37.68
CA ARG B 78 -2.65 -17.74 36.51
C ARG B 78 -3.75 -16.71 36.37
N ASP B 79 -4.03 -16.30 35.13
CA ASP B 79 -5.17 -15.46 34.82
C ASP B 79 -5.99 -16.13 33.73
N TYR B 80 -7.31 -16.04 33.85
CA TYR B 80 -8.21 -16.90 33.08
C TYR B 80 -9.05 -16.05 32.14
N GLU B 81 -9.14 -16.50 30.88
CA GLU B 81 -9.92 -15.80 29.86
C GLU B 81 -10.63 -16.83 29.02
N GLN B 82 -11.94 -16.67 28.82
CA GLN B 82 -12.76 -17.69 28.17
C GLN B 82 -13.13 -17.27 26.75
N ALA B 83 -13.17 -18.23 25.84
CA ALA B 83 -13.74 -18.03 24.52
C ALA B 83 -14.21 -19.37 23.97
N GLY B 84 -15.31 -19.33 23.24
CA GLY B 84 -15.92 -20.57 22.77
C GLY B 84 -16.29 -21.44 23.94
N GLN B 85 -15.74 -22.64 23.98
CA GLN B 85 -15.90 -23.54 25.11
C GLN B 85 -14.58 -23.82 25.81
N THR B 86 -13.59 -22.95 25.62
CA THR B 86 -12.27 -23.13 26.21
C THR B 86 -11.96 -21.99 27.17
N VAL B 87 -11.27 -22.32 28.26
CA VAL B 87 -10.79 -21.34 29.22
C VAL B 87 -9.27 -21.37 29.18
N PHE B 88 -8.67 -20.27 28.73
CA PHE B 88 -7.22 -20.15 28.69
C PHE B 88 -6.73 -19.68 30.05
N SER B 89 -5.89 -20.49 30.69
CA SER B 89 -5.17 -20.11 31.89
C SER B 89 -3.78 -19.66 31.45
N ILE B 90 -3.59 -18.35 31.36
CA ILE B 90 -2.32 -17.76 30.96
C ILE B 90 -1.49 -17.56 32.22
N GLY B 91 -0.25 -18.07 32.20
CA GLY B 91 0.62 -17.93 33.34
C GLY B 91 1.32 -16.59 33.41
N GLY B 92 1.89 -16.34 34.58
CA GLY B 92 2.68 -15.14 34.84
C GLY B 92 3.58 -15.42 36.03
N LEU B 93 4.39 -14.42 36.36
CA LEU B 93 5.37 -14.53 37.45
C LEU B 93 6.26 -15.76 37.25
N GLY B 94 6.76 -15.91 36.03
CA GLY B 94 7.59 -17.04 35.69
C GLY B 94 6.93 -18.02 34.76
N LEU B 95 5.62 -18.25 34.95
CA LEU B 95 4.87 -19.12 34.06
C LEU B 95 4.73 -18.46 32.69
N THR B 96 5.18 -19.16 31.66
CA THR B 96 5.21 -18.64 30.30
C THR B 96 4.41 -19.54 29.36
N SER B 97 3.31 -20.11 29.85
CA SER B 97 2.47 -20.97 29.05
C SER B 97 1.00 -20.63 29.29
N ALA B 98 0.18 -20.87 28.27
CA ALA B 98 -1.26 -20.72 28.38
C ALA B 98 -1.87 -22.09 28.16
N THR B 99 -2.56 -22.61 29.18
CA THR B 99 -3.15 -23.93 29.16
C THR B 99 -4.63 -23.86 28.87
N GLY B 100 -5.13 -24.80 28.08
CA GLY B 100 -6.55 -24.87 27.77
C GLY B 100 -7.27 -25.73 28.79
N ILE B 101 -8.41 -25.24 29.27
CA ILE B 101 -9.28 -25.97 30.18
C ILE B 101 -10.63 -26.12 29.50
N VAL B 102 -11.05 -27.36 29.28
CA VAL B 102 -12.29 -27.66 28.58
C VAL B 102 -13.13 -28.61 29.43
N ARG B 103 -14.32 -28.92 28.92
CA ARG B 103 -15.23 -29.87 29.55
C ARG B 103 -14.96 -31.27 28.99
N ASP B 104 -14.73 -32.23 29.87
CA ASP B 104 -14.50 -33.60 29.45
C ASP B 104 -15.77 -34.18 28.83
N ALA B 105 -15.62 -35.31 28.14
CA ALA B 105 -16.78 -36.02 27.64
C ALA B 105 -17.61 -36.60 28.78
N ASN B 106 -17.02 -36.80 29.95
CA ASN B 106 -17.72 -37.26 31.13
C ASN B 106 -18.30 -36.12 31.95
N GLY B 107 -18.22 -34.88 31.45
CA GLY B 107 -18.74 -33.73 32.15
C GLY B 107 -17.78 -33.06 33.11
N TYR B 108 -16.56 -33.59 33.26
CA TYR B 108 -15.57 -33.02 34.17
C TYR B 108 -14.76 -31.95 33.46
N LEU B 109 -14.06 -31.14 34.26
CA LEU B 109 -13.12 -30.15 33.73
C LEU B 109 -11.75 -30.80 33.57
N THR B 110 -11.12 -30.59 32.42
CA THR B 110 -9.82 -31.18 32.18
C THR B 110 -8.95 -30.20 31.38
N GLU B 111 -7.64 -30.27 31.66
CA GLU B 111 -6.67 -29.46 30.92
C GLU B 111 -6.36 -30.14 29.59
N ARG B 112 -6.61 -29.44 28.49
CA ARG B 112 -6.38 -29.99 27.16
C ARG B 112 -5.77 -28.90 26.29
N GLY B 113 -4.53 -29.11 25.85
CA GLY B 113 -3.87 -28.18 24.96
C GLY B 113 -3.22 -27.01 25.67
N ASP B 114 -2.04 -26.61 25.22
CA ASP B 114 -1.33 -25.47 25.76
C ASP B 114 -0.41 -24.90 24.70
N PHE B 115 -0.21 -23.59 24.74
CA PHE B 115 0.74 -22.94 23.84
C PHE B 115 1.70 -22.08 24.66
N VAL B 116 2.91 -21.94 24.15
CA VAL B 116 4.00 -21.38 24.93
C VAL B 116 4.40 -20.03 24.37
N PHE B 117 4.98 -19.21 25.24
CA PHE B 117 5.60 -17.94 24.89
C PHE B 117 6.83 -17.77 25.77
N ASN B 118 7.53 -16.64 25.63
CA ASN B 118 8.78 -16.44 26.35
C ASN B 118 8.71 -15.36 27.41
N SER B 119 7.85 -14.36 27.25
CA SER B 119 7.80 -13.27 28.23
C SER B 119 6.44 -13.21 28.92
N SER B 120 5.43 -12.70 28.23
CA SER B 120 4.11 -12.52 28.82
C SER B 120 3.12 -12.20 27.70
N LEU B 121 1.84 -12.48 27.95
CA LEU B 121 0.77 -12.16 27.02
C LEU B 121 0.21 -10.80 27.42
N ASN B 122 0.79 -9.75 26.85
CA ASN B 122 0.38 -8.38 27.20
C ASN B 122 -1.06 -8.12 26.80
N ALA B 123 -1.56 -8.78 25.75
CA ALA B 123 -2.96 -8.64 25.36
C ALA B 123 -3.43 -9.92 24.69
N PHE B 124 -4.72 -10.19 24.80
CA PHE B 124 -5.26 -11.46 24.33
C PHE B 124 -6.78 -11.37 24.20
N THR B 125 -7.28 -11.44 22.98
CA THR B 125 -8.72 -11.47 22.74
C THR B 125 -9.00 -12.45 21.61
N GLN B 126 -10.23 -12.47 21.12
CA GLN B 126 -10.58 -13.25 19.94
C GLN B 126 -11.01 -12.32 18.81
N MET B 127 -10.71 -12.73 17.57
CA MET B 127 -11.14 -12.02 16.38
C MET B 127 -12.37 -12.66 15.73
N ASP B 128 -12.35 -13.99 15.55
CA ASP B 128 -13.51 -14.71 15.06
C ASP B 128 -13.86 -15.83 16.02
N GLY B 129 -14.81 -16.69 15.63
CA GLY B 129 -15.23 -17.78 16.48
C GLY B 129 -14.27 -18.94 16.59
N GLN B 130 -13.11 -18.88 15.93
CA GLN B 130 -12.17 -19.98 15.91
C GLN B 130 -10.73 -19.62 16.25
N ASN B 131 -10.37 -18.34 16.22
CA ASN B 131 -8.99 -17.93 16.43
C ASN B 131 -8.89 -16.87 17.51
N MET B 132 -7.82 -16.95 18.30
CA MET B 132 -7.47 -15.97 19.31
C MET B 132 -6.29 -15.15 18.81
N ILE B 133 -6.33 -13.84 19.05
CA ILE B 133 -5.23 -12.95 18.74
C ILE B 133 -4.56 -12.56 20.05
N GLY B 134 -3.22 -12.53 20.03
CA GLY B 134 -2.45 -12.24 21.23
C GLY B 134 -1.19 -11.43 21.00
N LEU B 135 -1.05 -10.35 21.74
CA LEU B 135 0.08 -9.43 21.60
C LEU B 135 1.04 -9.60 22.77
N GLU B 136 2.33 -9.76 22.45
CA GLU B 136 3.38 -9.96 23.43
C GLU B 136 4.49 -8.95 23.17
N LEU B 137 4.81 -8.15 24.21
CA LEU B 137 5.83 -7.11 24.25
C LEU B 137 7.06 -7.59 25.01
N PRO B 138 8.24 -7.08 24.67
CA PRO B 138 9.40 -7.29 25.54
C PRO B 138 9.25 -6.51 26.83
N ALA B 139 10.08 -6.86 27.81
CA ALA B 139 10.00 -6.19 29.12
C ALA B 139 10.41 -4.73 29.02
N ASN B 140 11.39 -4.43 28.18
CA ASN B 140 11.86 -3.06 27.99
C ASN B 140 12.58 -2.98 26.65
N LYS B 141 13.12 -1.80 26.34
CA LYS B 141 13.80 -1.60 25.08
C LYS B 141 15.01 -2.53 24.95
N GLU B 142 15.79 -2.65 26.02
CA GLU B 142 16.99 -3.48 25.98
C GLU B 142 16.67 -4.96 25.84
N SER B 143 15.42 -5.37 26.10
CA SER B 143 15.01 -6.75 25.90
C SER B 143 14.68 -7.06 24.46
N GLY B 144 14.65 -6.05 23.59
CA GLY B 144 14.30 -6.23 22.19
C GLY B 144 13.39 -5.10 21.72
N ASP B 145 13.31 -4.94 20.40
CA ASP B 145 12.48 -3.91 19.79
C ASP B 145 11.42 -4.51 18.88
N GLN B 146 11.07 -5.77 19.09
CA GLN B 146 10.07 -6.47 18.29
C GLN B 146 8.96 -6.98 19.20
N MET B 147 7.72 -6.80 18.77
CA MET B 147 6.56 -7.32 19.48
C MET B 147 5.85 -8.35 18.59
N THR B 148 5.36 -9.41 19.22
CA THR B 148 4.84 -10.57 18.50
C THR B 148 3.33 -10.65 18.60
N LEU B 149 2.69 -11.00 17.48
CA LEU B 149 1.26 -11.23 17.42
C LEU B 149 1.03 -12.69 17.06
N TYR B 150 0.43 -13.44 17.98
CA TYR B 150 0.09 -14.84 17.79
C TYR B 150 -1.37 -14.97 17.38
N THR B 151 -1.62 -15.83 16.38
CA THR B 151 -2.96 -16.29 16.04
C THR B 151 -3.01 -17.76 16.45
N VAL B 152 -3.81 -18.05 17.48
CA VAL B 152 -3.85 -19.35 18.12
C VAL B 152 -5.21 -19.98 17.90
N ASN B 153 -5.24 -21.27 17.59
CA ASN B 153 -6.51 -21.96 17.40
C ASN B 153 -7.20 -22.14 18.75
N ILE B 154 -8.50 -21.81 18.79
CA ILE B 154 -9.25 -21.94 20.02
C ILE B 154 -9.45 -23.40 20.39
N SER B 155 -9.79 -24.24 19.41
CA SER B 155 -10.08 -25.64 19.70
C SER B 155 -8.80 -26.43 19.99
N ASP B 156 -7.71 -26.10 19.31
CA ASP B 156 -6.46 -26.84 19.47
C ASP B 156 -5.56 -26.31 20.58
N VAL B 157 -5.73 -25.04 20.96
CA VAL B 157 -4.83 -24.38 21.91
C VAL B 157 -3.39 -24.54 21.43
N SER B 158 -3.09 -23.96 20.28
CA SER B 158 -1.76 -24.08 19.68
C SER B 158 -1.58 -22.94 18.69
N ILE B 159 -0.36 -22.43 18.59
CA ILE B 159 -0.04 -21.29 17.73
C ILE B 159 -0.13 -21.75 16.27
N THR B 160 -1.14 -21.24 15.55
CA THR B 160 -1.27 -21.52 14.13
C THR B 160 -0.64 -20.45 13.25
N SER B 161 -0.35 -19.27 13.80
CA SER B 161 0.30 -18.22 13.05
C SER B 161 1.01 -17.28 14.02
N GLN B 162 2.07 -16.63 13.54
CA GLN B 162 2.75 -15.63 14.34
C GLN B 162 3.45 -14.64 13.42
N VAL B 163 3.40 -13.36 13.79
CA VAL B 163 4.06 -12.32 13.01
C VAL B 163 4.52 -11.22 13.96
N LYS B 164 5.74 -10.72 13.74
CA LYS B 164 6.31 -9.70 14.61
C LYS B 164 6.26 -8.33 13.91
N ALA B 165 6.49 -7.28 14.70
CA ALA B 165 6.35 -5.92 14.23
C ALA B 165 7.20 -5.01 15.10
N PRO B 166 7.55 -3.81 14.61
CA PRO B 166 8.28 -2.87 15.45
C PRO B 166 7.40 -2.30 16.55
N VAL B 167 8.06 -1.89 17.65
CA VAL B 167 7.39 -1.32 18.80
C VAL B 167 7.42 0.20 18.84
N PHE B 168 8.17 0.85 17.94
CA PHE B 168 8.51 2.26 18.14
C PHE B 168 7.32 3.20 18.39
N PRO B 169 6.21 3.15 17.65
CA PRO B 169 5.21 4.20 17.87
C PRO B 169 4.37 3.93 19.10
N LEU B 170 4.91 3.12 20.00
CA LEU B 170 4.36 2.85 21.31
C LEU B 170 5.23 3.36 22.45
N ASN B 171 6.55 3.29 22.28
CA ASN B 171 7.50 3.81 23.26
C ASN B 171 8.04 5.18 22.89
N GLN B 172 7.31 5.92 22.04
CA GLN B 172 7.74 7.26 21.66
C GLN B 172 7.83 8.16 22.88
N LEU B 173 6.96 7.95 23.87
CA LEU B 173 7.00 8.67 25.14
C LEU B 173 7.69 7.85 26.22
N GLU B 174 7.28 6.59 26.38
CA GLU B 174 7.91 5.66 27.31
C GLU B 174 7.44 4.26 26.93
N TRP B 175 8.18 3.26 27.41
CA TRP B 175 7.87 1.87 27.10
C TRP B 175 6.41 1.58 27.47
N PRO B 176 5.60 1.08 26.54
CA PRO B 176 4.16 1.02 26.78
C PRO B 176 3.79 -0.07 27.77
N SER B 177 2.63 0.13 28.40
CA SER B 177 1.95 -0.89 29.18
C SER B 177 0.57 -1.03 28.58
N ILE B 178 0.26 -2.24 28.12
CA ILE B 178 -0.99 -2.50 27.41
C ILE B 178 -2.14 -2.56 28.41
N THR B 179 -3.31 -2.09 27.96
CA THR B 179 -4.52 -2.12 28.78
C THR B 179 -5.66 -2.80 28.05
N GLY B 180 -5.41 -3.41 26.91
CA GLY B 180 -6.45 -4.06 26.15
C GLY B 180 -6.14 -4.07 24.67
N MET B 181 -6.86 -4.94 23.95
CA MET B 181 -6.70 -5.10 22.51
C MET B 181 -7.91 -5.84 21.98
N CYS B 182 -8.39 -5.43 20.80
CA CYS B 182 -9.51 -6.12 20.19
C CYS B 182 -9.43 -5.95 18.68
N TYR B 183 -10.20 -6.78 17.98
CA TYR B 183 -10.19 -6.88 16.53
C TYR B 183 -11.47 -6.28 15.95
N SER B 184 -11.33 -5.66 14.78
CA SER B 184 -12.49 -5.03 14.14
C SER B 184 -12.18 -4.82 12.66
N GLU B 185 -12.80 -5.63 11.81
CA GLU B 185 -12.79 -5.42 10.36
C GLU B 185 -11.38 -5.38 9.78
N GLY B 186 -10.57 -6.36 10.17
CA GLY B 186 -9.21 -6.45 9.65
C GLY B 186 -8.22 -5.50 10.29
N ASN B 187 -8.56 -4.92 11.44
CA ASN B 187 -7.66 -4.00 12.14
C ASN B 187 -7.55 -4.43 13.59
N VAL B 188 -6.32 -4.46 14.09
CA VAL B 188 -6.01 -4.76 15.48
C VAL B 188 -5.80 -3.45 16.21
N TYR B 189 -6.60 -3.19 17.24
CA TYR B 189 -6.54 -1.98 18.04
C TYR B 189 -5.90 -2.30 19.38
N VAL B 190 -4.87 -1.53 19.75
CA VAL B 190 -4.12 -1.76 20.98
C VAL B 190 -4.12 -0.49 21.79
N THR B 191 -4.71 -0.53 22.98
CA THR B 191 -4.71 0.58 23.92
C THR B 191 -3.61 0.40 24.95
N TYR B 192 -2.97 1.49 25.34
CA TYR B 192 -1.81 1.41 26.22
C TYR B 192 -1.61 2.76 26.91
N PHE B 193 -0.67 2.77 27.84
CA PHE B 193 -0.18 4.02 28.42
C PHE B 193 1.32 3.92 28.62
N PRO B 194 2.06 5.01 28.44
CA PRO B 194 3.52 4.98 28.62
C PRO B 194 3.87 4.96 30.10
N MET B 195 4.65 3.95 30.51
CA MET B 195 5.08 3.82 31.89
C MET B 195 6.52 3.37 31.95
N ASN B 196 7.33 4.07 32.75
CA ASN B 196 8.73 3.71 32.99
C ASN B 196 8.79 2.31 33.60
N PRO B 197 9.29 1.31 32.86
CA PRO B 197 9.21 -0.07 33.36
C PRO B 197 10.06 -0.34 34.59
N SER B 198 10.94 0.58 34.98
CA SER B 198 11.76 0.44 36.18
C SER B 198 11.17 1.16 37.38
N THR B 199 10.75 2.41 37.20
CA THR B 199 10.21 3.22 38.30
C THR B 199 8.69 3.31 38.30
N PHE B 200 8.02 2.74 37.30
CA PHE B 200 6.55 2.72 37.22
C PHE B 200 5.97 4.13 37.29
N GLU B 201 6.53 5.03 36.48
CA GLU B 201 6.16 6.44 36.50
C GLU B 201 5.41 6.77 35.22
N THR B 202 4.18 7.26 35.36
CA THR B 202 3.32 7.63 34.23
C THR B 202 3.25 9.14 34.16
N LEU B 203 4.03 9.74 33.26
CA LEU B 203 4.07 11.19 33.12
C LEU B 203 3.05 11.71 32.12
N TYR B 204 2.67 10.90 31.13
CA TYR B 204 1.84 11.34 30.01
C TYR B 204 0.43 10.76 30.20
N THR B 205 -0.37 11.44 31.00
CA THR B 205 -1.71 10.97 31.34
C THR B 205 -2.80 11.91 30.83
N ASP B 206 -2.49 12.75 29.85
CA ASP B 206 -3.44 13.70 29.29
C ASP B 206 -3.62 13.50 27.78
N THR B 207 -3.42 12.28 27.30
CA THR B 207 -3.65 11.97 25.89
C THR B 207 -4.05 10.50 25.78
N THR B 208 -5.23 10.26 25.19
CA THR B 208 -5.69 8.91 24.92
C THR B 208 -4.94 8.36 23.70
N PHE B 209 -4.26 7.24 23.88
CA PHE B 209 -3.51 6.58 22.82
C PHE B 209 -4.14 5.23 22.48
N VAL B 210 -4.22 4.95 21.19
CA VAL B 210 -4.60 3.61 20.72
C VAL B 210 -4.07 3.41 19.31
N ALA B 211 -3.28 2.35 19.11
CA ALA B 211 -2.61 2.11 17.84
C ALA B 211 -3.37 1.07 17.04
N VAL B 212 -3.51 1.33 15.73
CA VAL B 212 -4.21 0.41 14.84
C VAL B 212 -3.20 -0.25 13.91
N TYR B 213 -3.46 -1.51 13.59
CA TYR B 213 -2.58 -2.29 12.74
C TYR B 213 -3.39 -3.11 11.75
N SER B 214 -2.87 -3.27 10.53
CA SER B 214 -3.44 -4.24 9.61
C SER B 214 -3.23 -5.64 10.17
N TYR B 215 -4.28 -6.47 10.13
CA TYR B 215 -4.25 -7.72 10.89
C TYR B 215 -3.13 -8.67 10.44
N PRO B 216 -3.15 -9.21 9.22
CA PRO B 216 -2.24 -10.32 8.92
C PRO B 216 -0.77 -9.93 8.94
N ASP B 217 -0.45 -8.70 8.55
CA ASP B 217 0.93 -8.23 8.56
C ASP B 217 1.36 -7.66 9.91
N MET B 218 0.40 -7.27 10.75
CA MET B 218 0.70 -6.49 11.96
C MET B 218 1.50 -5.23 11.60
N GLN B 219 1.08 -4.57 10.53
CA GLN B 219 1.75 -3.38 10.04
C GLN B 219 1.13 -2.14 10.66
N PHE B 220 1.97 -1.25 11.16
CA PHE B 220 1.48 -0.02 11.78
C PHE B 220 0.68 0.80 10.78
N LYS B 221 -0.48 1.29 11.21
CA LYS B 221 -1.34 2.12 10.37
C LYS B 221 -1.44 3.54 10.90
N THR B 222 -2.01 3.72 12.09
CA THR B 222 -2.11 5.03 12.70
C THR B 222 -2.07 4.87 14.21
N LEU B 223 -1.73 5.96 14.88
CA LEU B 223 -1.79 6.05 16.34
C LEU B 223 -2.85 7.09 16.67
N MET B 224 -4.07 6.63 16.98
CA MET B 224 -5.14 7.54 17.34
C MET B 224 -4.85 8.17 18.69
N LYS B 225 -4.71 9.48 18.70
CA LYS B 225 -4.57 10.27 19.91
C LYS B 225 -5.80 11.14 20.09
N ASP B 226 -6.25 11.28 21.34
CA ASP B 226 -7.40 12.11 21.64
C ASP B 226 -7.17 12.87 22.94
N THR B 227 -7.31 14.20 22.88
CA THR B 227 -7.02 15.06 24.01
C THR B 227 -8.26 15.39 24.86
N ARG B 228 -9.29 14.55 24.81
CA ARG B 228 -10.46 14.75 25.65
C ARG B 228 -10.34 14.08 27.01
N THR B 229 -9.59 12.98 27.09
CA THR B 229 -9.35 12.29 28.35
C THR B 229 -7.90 11.79 28.36
N GLY B 230 -7.58 10.96 29.33
CA GLY B 230 -6.26 10.39 29.45
C GLY B 230 -6.15 9.06 28.73
N PRO B 231 -5.10 8.30 29.04
CA PRO B 231 -4.88 7.02 28.36
C PRO B 231 -6.01 6.05 28.64
N ALA B 232 -6.20 5.11 27.71
CA ALA B 232 -7.29 4.15 27.78
C ALA B 232 -6.85 2.94 28.60
N GLY B 233 -7.43 2.79 29.79
CA GLY B 233 -7.24 1.60 30.60
C GLY B 233 -6.44 1.87 31.85
N SER B 234 -6.07 0.77 32.51
CA SER B 234 -5.26 0.79 33.72
C SER B 234 -4.24 -0.34 33.64
N TRP B 235 -3.24 -0.29 34.53
CA TRP B 235 -2.17 -1.28 34.49
C TRP B 235 -2.72 -2.69 34.68
N ASN B 236 -2.47 -3.55 33.70
CA ASN B 236 -2.84 -4.97 33.74
C ASN B 236 -4.31 -5.17 34.07
N ALA B 237 -5.14 -4.16 33.83
CA ALA B 237 -6.56 -4.24 34.18
C ALA B 237 -7.43 -4.70 33.03
N PHE B 238 -6.91 -4.66 31.80
CA PHE B 238 -7.63 -5.11 30.61
C PHE B 238 -8.94 -4.36 30.42
N ASN B 239 -9.03 -3.14 30.94
CA ASN B 239 -10.23 -2.32 30.84
C ASN B 239 -10.06 -1.19 29.83
N GLY B 240 -9.22 -1.40 28.82
CA GLY B 240 -8.90 -0.36 27.86
C GLY B 240 -9.89 -0.20 26.73
N ILE B 241 -10.39 -1.31 26.18
CA ILE B 241 -11.22 -1.26 24.98
C ILE B 241 -12.13 -2.48 24.96
N PHE B 242 -13.34 -2.29 24.43
CA PHE B 242 -14.30 -3.38 24.28
C PHE B 242 -15.30 -3.00 23.20
N LYS B 243 -15.62 -3.95 22.32
CA LYS B 243 -16.60 -3.68 21.27
C LYS B 243 -17.96 -4.24 21.66
N VAL B 244 -19.00 -3.64 21.08
CA VAL B 244 -20.38 -3.93 21.47
C VAL B 244 -21.10 -4.64 20.33
N GLU B 245 -22.43 -4.76 20.45
CA GLU B 245 -23.21 -5.53 19.48
C GLU B 245 -23.15 -4.90 18.09
N SER B 246 -23.08 -3.57 18.02
CA SER B 246 -23.08 -2.88 16.73
C SER B 246 -21.74 -2.99 16.01
N GLY B 247 -20.72 -3.57 16.64
CA GLY B 247 -19.38 -3.59 16.10
C GLY B 247 -18.52 -2.42 16.51
N ASP B 248 -19.14 -1.29 16.87
CA ASP B 248 -18.41 -0.15 17.39
C ASP B 248 -17.67 -0.54 18.67
N MET B 249 -16.62 0.22 18.97
CA MET B 249 -15.80 -0.05 20.15
C MET B 249 -15.81 1.16 21.07
N TYR B 250 -15.74 0.89 22.37
CA TYR B 250 -15.64 1.90 23.41
C TYR B 250 -14.33 1.71 24.16
N ILE B 251 -13.77 2.84 24.58
CA ILE B 251 -12.59 2.85 25.43
C ILE B 251 -12.92 3.64 26.70
N MET B 252 -12.29 3.24 27.80
CA MET B 252 -12.46 3.91 29.08
C MET B 252 -11.13 4.49 29.54
N SER B 253 -11.13 5.78 29.86
CA SER B 253 -9.99 6.44 30.47
C SER B 253 -10.33 6.73 31.92
N ASN B 254 -9.41 6.45 32.82
CA ASN B 254 -9.62 6.72 34.23
C ASN B 254 -8.54 7.59 34.85
N SER B 255 -7.28 7.41 34.43
CA SER B 255 -6.15 8.05 35.08
C SER B 255 -6.18 7.80 36.59
N ALA B 256 -6.65 6.61 36.96
CA ALA B 256 -6.86 6.27 38.37
C ALA B 256 -5.53 5.94 39.02
N ILE B 257 -5.12 6.78 39.98
CA ILE B 257 -3.91 6.50 40.74
C ILE B 257 -4.07 5.21 41.54
N ALA B 258 -5.25 4.99 42.11
CA ALA B 258 -5.50 3.79 42.90
C ALA B 258 -5.37 2.51 42.07
N ASN B 259 -5.44 2.61 40.74
CA ASN B 259 -5.36 1.46 39.86
C ASN B 259 -4.03 1.38 39.11
N GLY B 260 -3.03 2.15 39.55
CA GLY B 260 -1.69 1.97 39.01
C GLY B 260 -1.01 3.20 38.44
N PHE B 261 -1.77 4.28 38.25
CA PHE B 261 -1.20 5.48 37.65
C PHE B 261 -0.45 6.32 38.67
N SER B 262 0.51 7.11 38.18
CA SER B 262 1.29 8.00 39.03
C SER B 262 0.67 9.37 39.18
N GLN B 263 -0.28 9.72 38.32
CA GLN B 263 -0.87 11.05 38.32
C GLN B 263 -2.18 11.01 37.55
N SER B 264 -2.98 12.06 37.72
CA SER B 264 -4.24 12.19 37.00
C SER B 264 -4.39 13.63 36.55
N THR B 265 -4.39 13.84 35.23
CA THR B 265 -4.53 15.15 34.62
C THR B 265 -5.89 15.40 34.01
N LYS B 266 -6.45 14.41 33.33
CA LYS B 266 -7.76 14.52 32.71
C LYS B 266 -8.80 13.76 33.53
N ASN B 267 -10.07 13.90 33.12
CA ASN B 267 -11.18 13.23 33.78
C ASN B 267 -11.37 11.82 33.22
N ALA B 268 -12.00 10.97 34.02
CA ALA B 268 -12.35 9.63 33.60
C ALA B 268 -13.62 9.67 32.76
N ALA B 269 -13.60 9.01 31.60
CA ALA B 269 -14.73 9.06 30.68
C ALA B 269 -14.64 7.89 29.71
N PHE B 270 -15.60 7.84 28.80
CA PHE B 270 -15.66 6.85 27.73
C PHE B 270 -15.61 7.55 26.38
N LEU B 271 -14.84 6.98 25.46
CA LEU B 271 -14.79 7.44 24.08
C LEU B 271 -15.21 6.28 23.17
N ARG B 272 -15.57 6.61 21.94
CA ARG B 272 -16.02 5.59 21.00
C ARG B 272 -15.25 5.70 19.69
N ILE B 273 -14.81 4.55 19.18
CA ILE B 273 -14.21 4.40 17.86
C ILE B 273 -15.17 3.55 17.03
N PRO B 274 -15.67 4.06 15.90
CA PRO B 274 -16.69 3.32 15.14
C PRO B 274 -16.15 1.99 14.60
N LYS B 275 -17.09 1.19 14.11
CA LYS B 275 -16.79 -0.16 13.62
C LYS B 275 -15.87 -0.10 12.41
N GLY B 276 -14.68 -0.68 12.56
CA GLY B 276 -13.72 -0.76 11.47
C GLY B 276 -13.20 0.59 11.00
N GLU B 277 -13.08 1.55 11.89
CA GLU B 277 -12.59 2.88 11.57
C GLU B 277 -11.32 3.17 12.36
N THR B 278 -10.70 4.31 12.05
CA THR B 278 -9.46 4.74 12.69
C THR B 278 -9.55 6.20 13.10
N HIS B 279 -10.67 6.60 13.69
CA HIS B 279 -10.85 7.97 14.14
C HIS B 279 -11.90 8.00 15.23
N PHE B 280 -11.62 8.73 16.32
CA PHE B 280 -12.60 8.89 17.39
C PHE B 280 -13.76 9.76 16.92
N ASP B 281 -14.97 9.35 17.28
CA ASP B 281 -16.13 10.16 16.96
C ASP B 281 -16.36 11.17 18.09
N ASP B 282 -17.38 12.02 17.94
CA ASP B 282 -17.66 13.06 18.90
C ASP B 282 -18.42 12.56 20.13
N TYR B 283 -18.36 11.27 20.43
CA TYR B 283 -18.99 10.74 21.63
C TYR B 283 -18.11 11.07 22.83
N TYR B 284 -18.73 11.55 23.91
CA TYR B 284 -18.00 11.88 25.14
C TYR B 284 -18.94 11.69 26.31
N PHE B 285 -18.50 10.86 27.27
CA PHE B 285 -19.29 10.50 28.45
C PHE B 285 -18.41 10.78 29.67
N ASP B 286 -18.40 12.04 30.11
CA ASP B 286 -17.61 12.44 31.26
C ASP B 286 -18.10 11.70 32.50
N PHE B 287 -17.47 10.55 32.79
CA PHE B 287 -17.94 9.71 33.89
C PHE B 287 -17.59 10.32 35.24
N GLU B 288 -16.42 10.96 35.34
CA GLU B 288 -15.96 11.46 36.63
C GLU B 288 -16.87 12.56 37.17
N THR B 289 -17.38 13.42 36.29
CA THR B 289 -18.27 14.48 36.74
C THR B 289 -19.70 13.98 36.95
N VAL B 290 -20.19 13.13 36.06
CA VAL B 290 -21.55 12.61 36.19
C VAL B 290 -21.68 11.67 37.38
N SER B 291 -20.56 11.13 37.87
CA SER B 291 -20.58 10.25 39.02
C SER B 291 -20.42 10.99 40.33
N GLY B 292 -19.65 12.08 40.34
CA GLY B 292 -19.40 12.84 41.55
C GLY B 292 -17.94 12.82 41.95
N GLY B 293 -17.05 12.82 40.95
CA GLY B 293 -15.64 12.78 41.21
C GLY B 293 -15.07 11.39 41.37
N LEU B 294 -15.73 10.37 40.83
CA LEU B 294 -15.30 8.99 40.98
C LEU B 294 -14.75 8.46 39.66
N LYS B 295 -13.70 7.66 39.75
CA LYS B 295 -13.07 7.06 38.58
C LYS B 295 -13.30 5.56 38.59
N PRO B 296 -13.71 4.97 37.48
CA PRO B 296 -14.00 3.53 37.48
C PRO B 296 -12.73 2.69 37.48
N ALA B 297 -12.78 1.59 38.22
CA ALA B 297 -11.65 0.69 38.35
C ALA B 297 -11.73 -0.51 37.41
N HIS B 298 -12.92 -1.10 37.25
CA HIS B 298 -13.10 -2.24 36.38
C HIS B 298 -14.44 -2.13 35.66
N ILE B 299 -14.49 -2.62 34.42
CA ILE B 299 -15.69 -2.58 33.61
C ILE B 299 -15.88 -3.93 32.91
N LYS B 300 -17.14 -4.29 32.69
CA LYS B 300 -17.47 -5.51 31.96
C LYS B 300 -18.78 -5.25 31.22
N TYR B 301 -18.72 -5.24 29.88
CA TYR B 301 -19.91 -4.96 29.09
C TYR B 301 -20.91 -6.09 29.21
N ILE B 302 -22.15 -5.75 29.61
CA ILE B 302 -23.19 -6.75 29.85
C ILE B 302 -24.29 -6.71 28.81
N GLY B 303 -24.24 -5.79 27.85
CA GLY B 303 -25.21 -5.78 26.77
C GLY B 303 -26.12 -4.58 26.72
N ASN B 304 -26.45 -4.13 25.50
CA ASN B 304 -27.40 -3.05 25.26
C ASN B 304 -26.97 -1.75 25.95
N GLY B 305 -25.71 -1.37 25.71
CA GLY B 305 -25.18 -0.14 26.26
C GLY B 305 -24.97 -0.14 27.75
N LEU B 306 -25.19 -1.26 28.42
CA LEU B 306 -25.03 -1.37 29.86
C LEU B 306 -23.71 -2.07 30.18
N VAL B 307 -23.05 -1.58 31.22
CA VAL B 307 -21.77 -2.13 31.68
C VAL B 307 -21.83 -2.32 33.19
N PHE B 308 -21.46 -3.50 33.65
CA PHE B 308 -21.30 -3.72 35.08
C PHE B 308 -19.91 -3.25 35.48
N ALA B 309 -19.83 -2.29 36.39
CA ALA B 309 -18.57 -1.64 36.71
C ALA B 309 -18.31 -1.65 38.21
N GLU B 310 -17.03 -1.74 38.56
CA GLU B 310 -16.56 -1.45 39.90
C GLU B 310 -15.84 -0.12 39.87
N VAL B 311 -16.38 0.87 40.59
CA VAL B 311 -15.85 2.22 40.59
C VAL B 311 -15.26 2.51 41.97
N SER B 312 -14.24 3.37 41.99
CA SER B 312 -13.57 3.70 43.24
C SER B 312 -14.36 4.78 43.97
N THR B 313 -14.72 4.50 45.22
CA THR B 313 -15.42 5.47 46.05
C THR B 313 -14.49 6.51 46.66
N ILE B 314 -13.22 6.50 46.27
CA ILE B 314 -12.25 7.49 46.72
C ILE B 314 -12.36 8.69 45.77
N SER B 315 -12.91 9.81 46.26
CA SER B 315 -13.02 10.98 45.40
C SER B 315 -11.66 11.63 45.19
N PRO B 316 -10.90 12.00 46.23
CA PRO B 316 -9.54 12.49 46.00
C PRO B 316 -8.55 11.34 45.92
N GLN B 317 -8.26 10.84 44.72
CA GLN B 317 -7.35 9.71 44.57
C GLN B 317 -5.92 10.20 44.80
N THR B 318 -5.41 9.97 46.01
CA THR B 318 -4.06 10.39 46.35
C THR B 318 -3.07 9.27 46.06
N SER B 319 -1.78 9.63 46.07
CA SER B 319 -0.72 8.66 45.79
C SER B 319 -0.57 7.61 46.88
N ALA B 320 -1.10 7.86 48.09
CA ALA B 320 -1.03 6.84 49.14
C ALA B 320 -1.92 5.65 48.83
N ASP B 321 -2.98 5.84 48.06
CA ASP B 321 -3.90 4.78 47.68
C ASP B 321 -3.46 4.02 46.44
N ARG B 322 -2.29 4.32 45.89
CA ARG B 322 -1.86 3.70 44.64
C ARG B 322 -1.71 2.20 44.79
N TRP B 323 -2.00 1.49 43.70
CA TRP B 323 -1.97 0.02 43.64
C TRP B 323 -2.86 -0.63 44.69
N GLY B 324 -3.80 0.11 45.26
CA GLY B 324 -4.61 -0.41 46.34
C GLY B 324 -5.93 -0.97 45.86
N ASP B 325 -6.60 -0.21 45.00
CA ASP B 325 -7.88 -0.61 44.41
C ASP B 325 -8.91 -0.94 45.50
N LYS B 326 -8.93 -0.12 46.55
CA LYS B 326 -9.76 -0.37 47.71
C LYS B 326 -11.01 0.51 47.69
N SER B 327 -12.02 0.04 48.42
CA SER B 327 -13.31 0.73 48.56
C SER B 327 -13.99 0.91 47.20
N LEU B 328 -14.34 -0.22 46.59
CA LEU B 328 -15.01 -0.24 45.30
C LEU B 328 -16.51 -0.44 45.47
N LYS B 329 -17.27 0.19 44.58
CA LYS B 329 -18.72 0.13 44.57
C LYS B 329 -19.18 -0.38 43.21
N CYS B 330 -20.17 -1.26 43.21
CA CYS B 330 -20.69 -1.83 41.97
C CYS B 330 -21.77 -0.92 41.40
N CYS B 331 -21.73 -0.73 40.09
CA CYS B 331 -22.60 0.23 39.41
C CYS B 331 -22.99 -0.31 38.05
N ILE B 332 -24.08 0.24 37.52
CA ILE B 332 -24.53 -0.01 36.16
C ILE B 332 -24.27 1.27 35.36
N ILE B 333 -23.51 1.14 34.27
CA ILE B 333 -23.13 2.25 33.42
C ILE B 333 -23.95 2.18 32.15
N ASP B 334 -24.76 3.20 31.91
CA ASP B 334 -25.52 3.34 30.67
C ASP B 334 -24.73 4.28 29.75
N LEU B 335 -24.14 3.71 28.69
CA LEU B 335 -23.29 4.48 27.80
C LEU B 335 -24.13 5.38 26.89
N ASN B 336 -25.26 4.88 26.39
CA ASN B 336 -26.11 5.68 25.51
C ASN B 336 -26.71 6.85 26.27
N ASN B 337 -27.40 6.57 27.37
CA ASN B 337 -28.01 7.62 28.19
C ASN B 337 -27.00 8.32 29.08
N LYS B 338 -25.77 7.84 29.14
CA LYS B 338 -24.68 8.45 29.91
C LYS B 338 -25.09 8.65 31.37
N THR B 339 -25.36 7.52 32.03
CA THR B 339 -25.75 7.52 33.44
C THR B 339 -24.96 6.47 34.20
N VAL B 340 -24.82 6.68 35.51
CA VAL B 340 -24.20 5.72 36.41
C VAL B 340 -25.16 5.51 37.58
N ARG B 341 -25.60 4.27 37.78
CA ARG B 341 -26.55 3.94 38.83
C ARG B 341 -25.90 2.98 39.82
N ASP B 342 -25.92 3.35 41.10
CA ASP B 342 -25.31 2.51 42.13
C ASP B 342 -26.16 1.27 42.37
N ILE B 343 -25.49 0.15 42.61
CA ILE B 343 -26.14 -1.10 43.00
C ILE B 343 -26.00 -1.15 44.51
N LYS B 344 -27.02 -0.64 45.20
CA LYS B 344 -26.94 -0.40 46.64
C LYS B 344 -26.82 -1.69 47.45
N GLU B 345 -27.20 -2.83 46.87
CA GLU B 345 -27.21 -4.09 47.62
C GLU B 345 -25.85 -4.76 47.67
N ILE B 346 -24.84 -4.22 47.00
CA ILE B 346 -23.48 -4.75 47.05
C ILE B 346 -22.65 -3.81 47.94
N PRO B 347 -22.00 -4.32 48.98
CA PRO B 347 -21.30 -3.44 49.91
C PRO B 347 -19.96 -2.98 49.36
N VAL B 348 -19.50 -1.84 49.89
CA VAL B 348 -18.22 -1.29 49.48
C VAL B 348 -17.11 -2.26 49.85
N HIS B 349 -16.31 -2.64 48.86
CA HIS B 349 -15.32 -3.70 49.00
C HIS B 349 -14.03 -3.31 48.31
N ASN B 350 -12.98 -4.08 48.58
CA ASN B 350 -11.70 -3.91 47.90
C ASN B 350 -11.66 -4.81 46.67
N GLY B 351 -11.09 -4.28 45.59
CA GLY B 351 -11.09 -4.98 44.32
C GLY B 351 -10.00 -6.03 44.20
N ASP B 352 -10.04 -6.76 43.09
CA ASP B 352 -9.09 -7.81 42.80
C ASP B 352 -7.80 -7.29 42.15
N GLY B 353 -7.54 -5.99 42.27
CA GLY B 353 -6.31 -5.42 41.76
C GLY B 353 -6.21 -5.46 40.24
N GLY B 354 -4.99 -5.26 39.76
CA GLY B 354 -4.72 -5.28 38.34
C GLY B 354 -4.80 -6.66 37.73
N ARG B 355 -5.99 -7.07 37.34
CA ARG B 355 -6.22 -8.41 36.80
C ARG B 355 -7.53 -8.38 36.03
N ARG B 356 -7.76 -9.43 35.24
CA ARG B 356 -9.00 -9.54 34.49
C ARG B 356 -10.19 -9.50 35.45
N PHE B 357 -11.18 -8.69 35.10
CA PHE B 357 -12.35 -8.51 35.96
C PHE B 357 -13.19 -9.77 35.96
N ALA B 358 -13.41 -10.33 37.14
CA ALA B 358 -14.13 -11.60 37.28
C ALA B 358 -15.61 -11.31 37.49
N ALA B 359 -16.36 -11.30 36.39
CA ALA B 359 -17.80 -11.10 36.41
C ALA B 359 -18.41 -11.87 35.26
N LEU B 360 -19.53 -12.53 35.50
CA LEU B 360 -20.15 -13.40 34.51
C LEU B 360 -21.50 -12.83 34.08
N VAL B 361 -21.66 -12.60 32.79
CA VAL B 361 -22.92 -12.10 32.23
C VAL B 361 -23.68 -13.33 31.75
N ASP B 362 -24.66 -13.77 32.53
CA ASP B 362 -25.36 -15.02 32.24
C ASP B 362 -26.86 -14.85 32.50
N GLY B 363 -27.67 -15.30 31.54
CA GLY B 363 -29.11 -15.32 31.71
C GLY B 363 -29.72 -13.98 32.04
N GLY B 364 -29.22 -12.91 31.44
CA GLY B 364 -29.72 -11.58 31.73
C GLY B 364 -29.34 -11.02 33.07
N TYR B 365 -28.42 -11.66 33.79
CA TYR B 365 -27.96 -11.19 35.08
C TYR B 365 -26.44 -11.07 35.05
N VAL B 366 -25.90 -10.33 36.01
CA VAL B 366 -24.45 -10.17 36.16
C VAL B 366 -24.05 -10.73 37.51
N TYR B 367 -23.18 -11.73 37.51
CA TYR B 367 -22.75 -12.40 38.73
C TYR B 367 -21.35 -11.93 39.08
N ARG B 368 -21.20 -11.40 40.30
CA ARG B 368 -19.93 -10.83 40.75
C ARG B 368 -19.57 -11.38 42.12
N PRO B 369 -18.39 -11.95 42.29
CA PRO B 369 -17.92 -12.35 43.62
C PRO B 369 -17.40 -11.15 44.40
N VAL B 370 -17.98 -10.90 45.56
CA VAL B 370 -17.60 -9.77 46.42
C VAL B 370 -17.02 -10.35 47.70
N THR B 371 -15.81 -9.89 48.04
CA THR B 371 -15.11 -10.34 49.25
C THR B 371 -15.40 -9.35 50.38
N ALA B 372 -16.36 -9.70 51.24
CA ALA B 372 -16.75 -8.87 52.36
C ALA B 372 -16.03 -9.35 53.64
N SER B 373 -16.38 -8.73 54.77
CA SER B 373 -15.77 -9.12 56.04
C SER B 373 -16.28 -10.50 56.49
N GLU B 374 -17.57 -10.75 56.31
CA GLU B 374 -18.14 -12.04 56.72
C GLU B 374 -17.62 -13.16 55.82
N GLY B 375 -17.47 -12.87 54.53
CA GLY B 375 -16.95 -13.87 53.61
C GLY B 375 -16.96 -13.35 52.20
N THR B 376 -16.81 -14.27 51.26
CA THR B 376 -16.86 -13.96 49.83
C THR B 376 -18.13 -14.58 49.26
N TYR B 377 -19.00 -13.74 48.70
CA TYR B 377 -20.30 -14.19 48.21
C TYR B 377 -20.50 -13.81 46.76
N ILE B 378 -21.17 -14.68 46.01
CA ILE B 378 -21.57 -14.39 44.65
C ILE B 378 -22.86 -13.58 44.70
N TYR B 379 -22.83 -12.38 44.13
CA TYR B 379 -23.99 -11.50 44.07
C TYR B 379 -24.55 -11.51 42.65
N GLN B 380 -25.87 -11.72 42.55
CA GLN B 380 -26.58 -11.64 41.28
C GLN B 380 -27.11 -10.22 41.12
N VAL B 381 -26.90 -9.64 39.94
CA VAL B 381 -27.22 -8.24 39.66
C VAL B 381 -28.21 -8.18 38.52
N ASP B 382 -29.36 -7.56 38.77
CA ASP B 382 -30.32 -7.24 37.73
C ASP B 382 -29.92 -5.93 37.06
N PRO B 383 -29.58 -5.93 35.77
CA PRO B 383 -29.05 -4.69 35.15
C PRO B 383 -30.09 -3.60 35.02
N GLN B 384 -31.35 -3.93 34.74
CA GLN B 384 -32.37 -2.91 34.56
C GLN B 384 -32.73 -2.24 35.87
N ALA B 385 -32.86 -3.02 36.94
CA ALA B 385 -33.23 -2.47 38.24
C ALA B 385 -32.06 -1.95 39.05
N ALA B 386 -30.82 -2.24 38.62
CA ALA B 386 -29.62 -1.86 39.37
C ALA B 386 -29.68 -2.36 40.81
N THR B 387 -30.22 -3.58 40.97
CA THR B 387 -30.38 -4.20 42.27
C THR B 387 -29.57 -5.50 42.30
N ALA B 388 -29.31 -5.98 43.52
CA ALA B 388 -28.50 -7.17 43.71
C ALA B 388 -29.10 -8.05 44.80
N VAL B 389 -28.90 -9.35 44.65
CA VAL B 389 -29.29 -10.34 45.64
C VAL B 389 -28.08 -11.22 45.93
N ARG B 390 -27.75 -11.39 47.20
CA ARG B 390 -26.62 -12.24 47.58
C ARG B 390 -26.97 -13.71 47.33
N GLY B 391 -26.08 -14.41 46.63
CA GLY B 391 -26.32 -15.79 46.28
C GLY B 391 -25.44 -16.79 46.99
N ALA B 392 -24.80 -17.67 46.23
CA ALA B 392 -24.02 -18.76 46.81
C ALA B 392 -22.73 -18.23 47.43
N LYS B 393 -22.38 -18.82 48.57
CA LYS B 393 -21.09 -18.53 49.20
C LYS B 393 -19.98 -19.28 48.49
N VAL B 394 -18.84 -18.63 48.32
CA VAL B 394 -17.68 -19.22 47.69
C VAL B 394 -16.53 -19.23 48.69
N SER B 395 -15.87 -20.39 48.84
CA SER B 395 -14.85 -20.59 49.86
C SER B 395 -13.47 -20.36 49.23
N THR B 396 -13.08 -19.10 49.18
CA THR B 396 -11.78 -18.70 48.66
C THR B 396 -11.47 -17.29 49.13
N THR B 397 -10.22 -16.87 48.90
CA THR B 397 -9.84 -15.49 49.17
C THR B 397 -10.34 -14.55 48.07
N PHE B 398 -10.24 -14.99 46.81
CA PHE B 398 -10.74 -14.23 45.68
C PHE B 398 -10.91 -15.19 44.51
N VAL B 399 -11.43 -14.68 43.40
CA VAL B 399 -11.67 -15.45 42.19
C VAL B 399 -10.78 -14.93 41.08
N GLY B 400 -10.22 -15.85 40.30
CA GLY B 400 -9.37 -15.49 39.18
C GLY B 400 -10.11 -15.61 37.87
N GLY B 401 -11.15 -16.43 37.85
CA GLY B 401 -11.97 -16.60 36.67
C GLY B 401 -13.38 -17.06 37.00
N PHE B 402 -14.38 -16.47 36.33
CA PHE B 402 -15.78 -16.80 36.52
C PHE B 402 -16.41 -16.96 35.14
N PHE B 403 -16.64 -18.20 34.72
CA PHE B 403 -17.08 -18.49 33.36
C PHE B 403 -18.24 -19.49 33.37
N ARG B 404 -18.76 -19.77 32.18
CA ARG B 404 -19.84 -20.74 32.01
C ARG B 404 -19.62 -21.47 30.70
N LEU B 405 -19.79 -22.79 30.71
CA LEU B 405 -19.58 -23.62 29.53
C LEU B 405 -20.83 -24.40 29.19
N ASP B 406 -20.95 -24.77 27.92
CA ASP B 406 -22.15 -25.42 27.41
C ASP B 406 -21.86 -26.82 26.88
N LEU B 407 -22.74 -27.33 26.02
CA LEU B 407 -22.48 -28.55 25.27
C LEU B 407 -22.62 -28.29 23.77
N GLU C 31 44.60 0.30 35.29
CA GLU C 31 44.15 1.69 35.23
C GLU C 31 44.25 2.24 33.81
N GLU C 32 44.12 3.55 33.67
CA GLU C 32 44.11 4.20 32.37
C GLU C 32 45.54 4.44 31.90
N THR C 33 45.86 3.95 30.70
CA THR C 33 47.18 4.13 30.13
C THR C 33 47.32 5.54 29.58
N PRO C 34 48.35 6.30 29.96
CA PRO C 34 48.49 7.66 29.44
C PRO C 34 48.92 7.67 27.99
N PHE C 35 48.42 8.67 27.26
CA PHE C 35 48.72 8.89 25.85
C PHE C 35 48.30 7.71 24.98
N ALA C 36 47.37 6.89 25.45
CA ALA C 36 46.83 5.82 24.62
C ALA C 36 46.07 6.42 23.43
N PRO C 37 46.25 5.87 22.24
CA PRO C 37 45.72 6.54 21.04
C PRO C 37 44.25 6.28 20.76
N TYR C 38 43.75 5.08 21.06
CA TYR C 38 42.40 4.74 20.66
C TYR C 38 41.39 5.12 21.73
N VAL C 39 40.28 5.71 21.31
CA VAL C 39 39.22 6.18 22.20
C VAL C 39 37.95 5.42 21.86
N LEU C 40 37.41 4.72 22.84
CA LEU C 40 36.18 3.96 22.67
C LEU C 40 35.13 4.46 23.66
N SER C 41 33.94 4.74 23.15
CA SER C 41 32.83 5.18 23.97
C SER C 41 31.91 3.99 24.22
N LEU C 42 32.11 3.32 25.35
CA LEU C 42 31.38 2.10 25.68
C LEU C 42 30.02 2.49 26.24
N GLY C 43 28.95 2.22 25.48
CA GLY C 43 27.61 2.47 25.98
C GLY C 43 27.00 1.25 26.63
N ILE C 44 26.98 1.23 27.97
CA ILE C 44 26.45 0.09 28.72
C ILE C 44 25.12 0.50 29.34
N ASN C 45 24.08 -0.28 29.07
CA ASN C 45 22.77 -0.03 29.65
C ASN C 45 22.58 -0.90 30.88
N SER C 46 22.14 -0.28 31.98
CA SER C 46 21.87 -0.96 33.23
C SER C 46 20.65 -0.32 33.89
N ASN C 47 19.82 -1.16 34.51
CA ASN C 47 18.63 -0.71 35.24
C ASN C 47 17.73 0.15 34.35
N GLY C 48 17.74 -0.11 33.04
CA GLY C 48 16.91 0.61 32.12
C GLY C 48 17.43 1.94 31.62
N THR C 49 18.65 2.33 32.00
CA THR C 49 19.25 3.57 31.52
C THR C 49 20.64 3.28 30.98
N THR C 50 21.01 3.95 29.89
CA THR C 50 22.29 3.73 29.24
C THR C 50 23.29 4.79 29.72
N THR C 51 24.46 4.33 30.17
CA THR C 51 25.56 5.19 30.57
C THR C 51 26.75 4.93 29.67
N TYR C 52 27.38 6.01 29.21
CA TYR C 52 28.54 5.91 28.33
C TYR C 52 29.82 6.11 29.13
N TYR C 53 30.84 5.33 28.80
CA TYR C 53 32.15 5.42 29.41
C TYR C 53 33.18 5.63 28.31
N VAL C 54 33.73 6.84 28.24
CA VAL C 54 34.77 7.16 27.27
C VAL C 54 36.10 6.70 27.85
N VAL C 55 36.68 5.66 27.24
CA VAL C 55 37.87 5.01 27.76
C VAL C 55 38.93 4.98 26.67
N THR C 56 40.18 4.88 27.10
CA THR C 56 41.31 4.77 26.18
C THR C 56 41.71 3.32 25.98
N ALA C 57 42.49 3.09 24.93
CA ALA C 57 42.99 1.78 24.55
C ALA C 57 44.26 1.95 23.73
N PRO C 58 45.36 1.31 24.15
CA PRO C 58 46.61 1.38 23.37
C PRO C 58 46.73 0.31 22.29
N GLU C 59 45.83 -0.67 22.26
CA GLU C 59 45.93 -1.78 21.34
C GLU C 59 44.53 -2.31 21.05
N LEU C 60 44.32 -2.78 19.82
CA LEU C 60 43.03 -3.27 19.38
C LEU C 60 43.03 -4.76 19.05
N MET C 61 44.06 -5.49 19.47
CA MET C 61 44.18 -6.90 19.10
C MET C 61 44.08 -7.85 20.27
N SER C 62 44.70 -7.53 21.41
CA SER C 62 44.64 -8.38 22.59
C SER C 62 44.31 -7.54 23.80
N GLY C 63 43.90 -8.21 24.88
CA GLY C 63 43.48 -7.53 26.08
C GLY C 63 42.07 -7.00 26.00
N THR C 64 41.30 -7.14 27.07
CA THR C 64 39.92 -6.70 27.07
C THR C 64 39.83 -5.19 27.29
N ILE C 65 38.91 -4.55 26.57
CA ILE C 65 38.68 -3.11 26.67
C ILE C 65 37.48 -2.93 27.60
N ASN C 66 37.75 -2.53 28.83
CA ASN C 66 36.73 -2.39 29.86
C ASN C 66 36.63 -0.93 30.31
N ALA C 67 35.71 -0.68 31.24
CA ALA C 67 35.52 0.64 31.81
C ALA C 67 35.56 0.62 33.34
N VAL C 68 36.15 -0.41 33.93
CA VAL C 68 36.23 -0.51 35.38
C VAL C 68 37.42 0.31 35.87
N ALA C 69 37.16 1.26 36.77
CA ALA C 69 38.14 2.17 37.35
C ALA C 69 38.88 3.00 36.31
N LYS C 70 38.38 3.05 35.08
CA LYS C 70 39.02 3.82 34.02
C LYS C 70 37.94 4.37 33.09
N GLY C 71 38.21 5.53 32.52
CA GLY C 71 37.28 6.18 31.62
C GLY C 71 36.38 7.17 32.31
N ILE C 72 35.85 8.11 31.53
CA ILE C 72 34.98 9.16 32.05
C ILE C 72 33.53 8.83 31.76
N GLU C 73 32.66 9.13 32.71
CA GLU C 73 31.25 8.77 32.64
C GLU C 73 30.43 9.91 32.05
N GLN C 74 29.43 9.54 31.25
CA GLN C 74 28.50 10.49 30.64
C GLN C 74 27.10 9.86 30.62
N ASN C 75 26.13 10.61 31.11
CA ASN C 75 24.75 10.13 31.22
C ASN C 75 23.87 10.79 30.16
N GLY C 76 22.67 10.24 30.01
CA GLY C 76 21.77 10.65 28.95
C GLY C 76 22.09 9.92 27.65
N TYR C 77 21.58 10.45 26.56
CA TYR C 77 21.88 9.94 25.23
C TYR C 77 22.97 10.80 24.62
N ARG C 78 24.10 10.18 24.28
CA ARG C 78 25.22 10.88 23.68
C ARG C 78 25.61 10.19 22.37
N ASP C 79 25.93 11.00 21.36
CA ASP C 79 26.50 10.49 20.12
C ASP C 79 27.79 11.25 19.85
N TYR C 80 28.80 10.56 19.37
CA TYR C 80 30.17 11.06 19.38
C TYR C 80 30.69 11.26 17.97
N GLU C 81 31.30 12.42 17.73
CA GLU C 81 31.85 12.78 16.43
C GLU C 81 33.19 13.48 16.64
N GLN C 82 34.23 13.05 15.93
CA GLN C 82 35.58 13.55 16.16
C GLN C 82 36.01 14.46 15.03
N ALA C 83 36.76 15.51 15.38
CA ALA C 83 37.44 16.32 14.40
C ALA C 83 38.66 16.97 15.05
N GLY C 84 39.73 17.11 14.27
CA GLY C 84 40.97 17.61 14.82
C GLY C 84 41.45 16.68 15.92
N GLN C 85 41.61 17.23 17.13
CA GLN C 85 41.93 16.45 18.31
C GLN C 85 40.82 16.49 19.35
N THR C 86 39.60 16.84 18.93
CA THR C 86 38.47 16.96 19.83
C THR C 86 37.40 15.94 19.48
N VAL C 87 36.75 15.40 20.50
CA VAL C 87 35.62 14.49 20.35
C VAL C 87 34.39 15.19 20.90
N PHE C 88 33.43 15.51 20.04
CA PHE C 88 32.18 16.12 20.43
C PHE C 88 31.21 15.03 20.86
N SER C 89 30.78 15.08 22.12
CA SER C 89 29.69 14.25 22.63
C SER C 89 28.43 15.12 22.60
N ILE C 90 27.61 14.93 21.57
CA ILE C 90 26.38 15.68 21.40
C ILE C 90 25.27 14.93 22.12
N GLY C 91 24.54 15.64 23.00
CA GLY C 91 23.44 15.03 23.70
C GLY C 91 22.18 14.98 22.88
N GLY C 92 21.23 14.20 23.39
CA GLY C 92 19.93 14.10 22.74
C GLY C 92 18.88 13.63 23.73
N LEU C 93 17.64 13.55 23.22
CA LEU C 93 16.49 13.15 24.02
C LEU C 93 16.34 14.02 25.26
N GLY C 94 16.43 15.34 25.05
CA GLY C 94 16.36 16.28 26.14
C GLY C 94 17.67 16.98 26.42
N LEU C 95 18.77 16.23 26.34
CA LEU C 95 20.10 16.83 26.48
C LEU C 95 20.36 17.74 25.30
N THR C 96 20.65 19.01 25.58
CA THR C 96 20.81 20.03 24.55
C THR C 96 22.19 20.67 24.62
N SER C 97 23.21 19.88 24.93
CA SER C 97 24.59 20.36 25.00
C SER C 97 25.51 19.41 24.28
N ALA C 98 26.59 19.94 23.72
CA ALA C 98 27.65 19.15 23.13
C ALA C 98 28.92 19.42 23.91
N THR C 99 29.46 18.37 24.53
CA THR C 99 30.62 18.48 25.40
C THR C 99 31.87 18.06 24.63
N GLY C 100 32.97 18.79 24.87
CA GLY C 100 34.23 18.47 24.24
C GLY C 100 35.05 17.52 25.10
N ILE C 101 35.62 16.51 24.46
CA ILE C 101 36.51 15.56 25.10
C ILE C 101 37.85 15.65 24.39
N VAL C 102 38.90 16.00 25.13
CA VAL C 102 40.23 16.18 24.60
C VAL C 102 41.20 15.34 25.42
N ARG C 103 42.46 15.35 25.00
CA ARG C 103 43.52 14.65 25.71
C ARG C 103 44.17 15.59 26.72
N ASP C 104 44.26 15.14 27.96
CA ASP C 104 44.88 15.92 29.02
C ASP C 104 46.37 16.11 28.73
N ALA C 105 47.00 17.01 29.47
CA ALA C 105 48.44 17.20 29.34
C ALA C 105 49.23 15.98 29.78
N ASN C 106 48.66 15.15 30.65
CA ASN C 106 49.29 13.90 31.06
C ASN C 106 48.96 12.73 30.13
N GLY C 107 48.27 13.00 29.02
CA GLY C 107 47.87 11.95 28.10
C GLY C 107 46.52 11.32 28.39
N TYR C 108 45.84 11.75 29.45
CA TYR C 108 44.53 11.21 29.80
C TYR C 108 43.42 11.94 29.04
N LEU C 109 42.24 11.34 29.05
CA LEU C 109 41.06 11.97 28.45
C LEU C 109 40.32 12.81 29.48
N THR C 110 39.93 14.02 29.07
CA THR C 110 39.25 14.94 29.95
C THR C 110 38.17 15.71 29.19
N GLU C 111 37.09 16.04 29.89
CA GLU C 111 36.03 16.86 29.32
C GLU C 111 36.44 18.31 29.38
N ARG C 112 36.54 18.97 28.22
CA ARG C 112 36.98 20.36 28.15
C ARG C 112 36.13 21.09 27.12
N GLY C 113 35.37 22.07 27.56
CA GLY C 113 34.58 22.90 26.67
C GLY C 113 33.28 22.26 26.25
N ASP C 114 32.22 23.07 26.17
CA ASP C 114 30.92 22.61 25.72
C ASP C 114 30.16 23.78 25.12
N PHE C 115 29.31 23.49 24.14
CA PHE C 115 28.44 24.50 23.55
C PHE C 115 27.01 24.02 23.57
N VAL C 116 26.08 24.96 23.70
CA VAL C 116 24.69 24.66 23.97
C VAL C 116 23.83 24.98 22.76
N PHE C 117 22.69 24.31 22.69
CA PHE C 117 21.65 24.57 21.71
C PHE C 117 20.31 24.37 22.43
N ASN C 118 19.21 24.53 21.70
CA ASN C 118 17.89 24.48 22.32
C ASN C 118 17.06 23.28 21.92
N SER C 119 17.27 22.71 20.73
CA SER C 119 16.47 21.58 20.28
C SER C 119 17.33 20.35 20.08
N SER C 120 18.08 20.30 18.99
CA SER C 120 18.88 19.14 18.64
C SER C 120 19.84 19.52 17.52
N LEU C 121 20.93 18.77 17.41
CA LEU C 121 21.89 18.98 16.33
C LEU C 121 21.53 18.02 15.20
N ASN C 122 20.66 18.50 14.31
CA ASN C 122 20.20 17.66 13.20
C ASN C 122 21.33 17.29 12.26
N ALA C 123 22.35 18.14 12.14
CA ALA C 123 23.51 17.82 11.32
C ALA C 123 24.73 18.53 11.88
N PHE C 124 25.90 17.93 11.64
CA PHE C 124 27.13 18.43 12.28
C PHE C 124 28.31 17.87 11.51
N THR C 125 29.06 18.75 10.82
CA THR C 125 30.28 18.37 10.10
C THR C 125 31.30 19.47 10.32
N GLN C 126 32.42 19.42 9.59
CA GLN C 126 33.40 20.49 9.58
C GLN C 126 33.48 21.10 8.19
N MET C 127 33.75 22.40 8.14
CA MET C 127 33.94 23.10 6.88
C MET C 127 35.41 23.28 6.54
N ASP C 128 36.21 23.72 7.51
CA ASP C 128 37.66 23.79 7.34
C ASP C 128 38.32 23.05 8.49
N GLY C 129 39.64 23.14 8.61
CA GLY C 129 40.34 22.44 9.65
C GLY C 129 40.16 23.00 11.05
N GLN C 130 39.37 24.06 11.21
CA GLN C 130 39.24 24.73 12.50
C GLN C 130 37.81 25.01 12.92
N ASN C 131 36.83 24.91 12.04
CA ASN C 131 35.45 25.27 12.36
C ASN C 131 34.52 24.12 12.04
N MET C 132 33.52 23.93 12.90
CA MET C 132 32.44 22.97 12.70
C MET C 132 31.18 23.69 12.29
N ILE C 133 30.46 23.13 11.33
CA ILE C 133 29.18 23.63 10.88
C ILE C 133 28.09 22.72 11.42
N GLY C 134 26.99 23.31 11.88
CA GLY C 134 25.92 22.55 12.49
C GLY C 134 24.52 23.08 12.21
N LEU C 135 23.64 22.19 11.74
CA LEU C 135 22.29 22.55 11.36
C LEU C 135 21.29 22.03 12.40
N GLU C 136 20.41 22.92 12.86
CA GLU C 136 19.41 22.60 13.87
C GLU C 136 18.03 23.03 13.36
N LEU C 137 17.07 22.07 13.31
CA LEU C 137 15.69 22.22 12.86
C LEU C 137 14.74 22.30 14.04
N PRO C 138 13.59 22.96 13.88
CA PRO C 138 12.54 22.89 14.89
C PRO C 138 11.94 21.49 14.97
N ALA C 139 11.20 21.26 16.06
CA ALA C 139 10.62 19.93 16.27
C ALA C 139 9.55 19.60 15.24
N ASN C 140 8.75 20.59 14.86
CA ASN C 140 7.70 20.40 13.86
C ASN C 140 7.31 21.77 13.31
N LYS C 141 6.34 21.77 12.40
CA LYS C 141 5.93 23.01 11.75
C LYS C 141 5.42 24.02 12.78
N GLU C 142 4.54 23.60 13.69
CA GLU C 142 4.02 24.49 14.71
C GLU C 142 5.06 24.92 15.73
N SER C 143 6.20 24.23 15.80
CA SER C 143 7.28 24.61 16.71
C SER C 143 8.12 25.77 16.21
N GLY C 144 7.92 26.22 14.98
CA GLY C 144 8.68 27.30 14.40
C GLY C 144 9.03 27.02 12.95
N ASP C 145 9.40 28.08 12.24
CA ASP C 145 9.75 27.98 10.82
C ASP C 145 11.17 28.46 10.53
N GLN C 146 12.04 28.47 11.54
CA GLN C 146 13.42 28.90 11.38
C GLN C 146 14.37 27.80 11.83
N MET C 147 15.41 27.56 11.03
CA MET C 147 16.47 26.62 11.36
C MET C 147 17.77 27.39 11.51
N THR C 148 18.58 26.97 12.47
CA THR C 148 19.77 27.69 12.88
C THR C 148 21.03 26.96 12.42
N LEU C 149 22.01 27.73 11.94
CA LEU C 149 23.31 27.22 11.54
C LEU C 149 24.36 27.79 12.49
N TYR C 150 25.01 26.91 13.24
CA TYR C 150 26.09 27.27 14.15
C TYR C 150 27.44 27.01 13.50
N THR C 151 28.35 27.96 13.67
CA THR C 151 29.76 27.81 13.34
C THR C 151 30.51 27.81 14.67
N VAL C 152 31.07 26.66 15.03
CA VAL C 152 31.66 26.42 16.35
C VAL C 152 33.16 26.20 16.19
N ASN C 153 33.94 26.81 17.07
CA ASN C 153 35.38 26.62 17.05
C ASN C 153 35.73 25.21 17.52
N ILE C 154 36.60 24.52 16.78
CA ILE C 154 37.00 23.18 17.16
C ILE C 154 37.88 23.21 18.41
N SER C 155 38.83 24.15 18.46
CA SER C 155 39.77 24.18 19.58
C SER C 155 39.10 24.68 20.86
N ASP C 156 38.17 25.62 20.74
CA ASP C 156 37.51 26.18 21.91
C ASP C 156 36.24 25.42 22.29
N VAL C 157 35.64 24.69 21.35
CA VAL C 157 34.35 24.03 21.54
C VAL C 157 33.35 25.06 22.05
N SER C 158 33.05 26.05 21.20
CA SER C 158 32.13 27.13 21.56
C SER C 158 31.63 27.78 20.27
N ILE C 159 30.38 28.22 20.30
CA ILE C 159 29.76 28.83 19.13
C ILE C 159 30.41 30.18 18.88
N THR C 160 31.15 30.29 17.78
CA THR C 160 31.73 31.57 17.40
C THR C 160 30.86 32.35 16.42
N SER C 161 29.88 31.70 15.79
CA SER C 161 28.95 32.39 14.91
C SER C 161 27.67 31.59 14.83
N GLN C 162 26.56 32.29 14.57
CA GLN C 162 25.30 31.59 14.34
C GLN C 162 24.39 32.48 13.51
N VAL C 163 23.66 31.85 12.60
CA VAL C 163 22.72 32.57 11.75
C VAL C 163 21.53 31.65 11.45
N LYS C 164 20.33 32.21 11.53
CA LYS C 164 19.12 31.43 11.28
C LYS C 164 18.56 31.75 9.90
N ALA C 165 17.68 30.89 9.43
CA ALA C 165 17.18 30.99 8.06
C ALA C 165 15.84 30.27 7.98
N PRO C 166 15.06 30.53 6.94
CA PRO C 166 13.84 29.75 6.71
C PRO C 166 14.18 28.32 6.34
N VAL C 167 13.18 27.43 6.45
CA VAL C 167 13.41 26.02 6.19
C VAL C 167 13.29 25.68 4.71
N PHE C 168 12.84 26.62 3.90
CA PHE C 168 12.59 26.37 2.49
C PHE C 168 13.86 25.84 1.81
N PRO C 169 13.72 24.92 0.84
CA PRO C 169 12.62 24.03 0.50
C PRO C 169 12.73 22.69 1.21
N LEU C 170 12.66 22.62 2.54
CA LEU C 170 12.76 21.34 3.21
C LEU C 170 11.42 20.83 3.72
N ASN C 171 10.51 21.73 4.11
CA ASN C 171 9.17 21.35 4.52
C ASN C 171 8.15 21.54 3.40
N GLN C 172 8.61 21.63 2.15
CA GLN C 172 7.70 21.82 1.03
C GLN C 172 6.76 20.63 0.86
N LEU C 173 7.25 19.42 1.09
CA LEU C 173 6.43 18.21 1.03
C LEU C 173 5.99 17.74 2.41
N GLU C 174 6.93 17.63 3.34
CA GLU C 174 6.63 17.28 4.73
C GLU C 174 7.85 17.67 5.55
N TRP C 175 7.64 17.79 6.86
CA TRP C 175 8.71 18.24 7.73
C TRP C 175 9.93 17.33 7.58
N PRO C 176 11.10 17.87 7.26
CA PRO C 176 12.23 17.02 6.87
C PRO C 176 12.87 16.32 8.04
N SER C 177 13.55 15.21 7.72
CA SER C 177 14.47 14.57 8.64
C SER C 177 15.82 14.49 7.95
N ILE C 178 16.85 15.07 8.57
CA ILE C 178 18.17 15.19 7.98
C ILE C 178 18.89 13.85 8.06
N THR C 179 19.71 13.57 7.04
CA THR C 179 20.50 12.35 6.98
C THR C 179 21.99 12.62 6.79
N GLY C 180 22.41 13.88 6.84
CA GLY C 180 23.81 14.22 6.66
C GLY C 180 23.95 15.62 6.11
N MET C 181 25.17 16.15 6.23
CA MET C 181 25.49 17.49 5.77
C MET C 181 27.00 17.62 5.69
N CYS C 182 27.49 18.31 4.66
CA CYS C 182 28.92 18.56 4.54
C CYS C 182 29.14 19.84 3.76
N TYR C 183 30.36 20.35 3.84
CA TYR C 183 30.75 21.63 3.28
C TYR C 183 31.64 21.40 2.06
N SER C 184 31.51 22.29 1.07
CA SER C 184 32.29 22.17 -0.16
C SER C 184 32.30 23.51 -0.87
N GLU C 185 33.44 24.21 -0.82
CA GLU C 185 33.70 25.38 -1.65
C GLU C 185 32.66 26.48 -1.42
N GLY C 186 32.40 26.77 -0.15
CA GLY C 186 31.46 27.82 0.18
C GLY C 186 30.01 27.45 0.08
N ASN C 187 29.69 26.15 0.01
CA ASN C 187 28.32 25.69 -0.10
C ASN C 187 28.06 24.63 0.96
N VAL C 188 26.93 24.75 1.65
CA VAL C 188 26.49 23.78 2.64
C VAL C 188 25.45 22.88 1.99
N TYR C 189 25.73 21.58 1.94
CA TYR C 189 24.84 20.61 1.32
C TYR C 189 24.12 19.84 2.42
N VAL C 190 22.80 19.75 2.33
CA VAL C 190 21.98 19.10 3.34
C VAL C 190 21.13 18.04 2.65
N THR C 191 21.35 16.78 3.01
CA THR C 191 20.55 15.67 2.52
C THR C 191 19.48 15.34 3.56
N TYR C 192 18.28 15.02 3.09
CA TYR C 192 17.15 14.82 3.99
C TYR C 192 16.10 13.97 3.29
N PHE C 193 15.09 13.57 4.04
CA PHE C 193 13.92 12.95 3.44
C PHE C 193 12.67 13.40 4.17
N PRO C 194 11.56 13.56 3.46
CA PRO C 194 10.30 13.97 4.10
C PRO C 194 9.68 12.80 4.85
N MET C 195 9.39 13.03 6.13
CA MET C 195 8.76 12.01 6.97
C MET C 195 7.67 12.67 7.79
N ASN C 196 6.47 12.09 7.74
CA ASN C 196 5.32 12.55 8.51
C ASN C 196 5.65 12.50 9.99
N PRO C 197 5.80 13.65 10.66
CA PRO C 197 6.29 13.64 12.05
C PRO C 197 5.31 13.03 13.04
N SER C 198 4.06 12.78 12.64
CA SER C 198 3.08 12.16 13.52
C SER C 198 2.96 10.66 13.30
N THR C 199 2.84 10.21 12.06
CA THR C 199 2.68 8.80 11.73
C THR C 199 3.96 8.15 11.24
N PHE C 200 5.05 8.92 11.09
CA PHE C 200 6.34 8.39 10.65
C PHE C 200 6.20 7.66 9.31
N GLU C 201 5.53 8.32 8.38
CA GLU C 201 5.18 7.77 7.08
C GLU C 201 5.99 8.49 6.00
N THR C 202 6.77 7.73 5.23
CA THR C 202 7.60 8.27 4.17
C THR C 202 6.95 7.92 2.83
N LEU C 203 6.26 8.89 2.24
CA LEU C 203 5.56 8.66 0.97
C LEU C 203 6.41 8.96 -0.24
N TYR C 204 7.37 9.87 -0.13
CA TYR C 204 8.16 10.33 -1.28
C TYR C 204 9.56 9.73 -1.17
N THR C 205 9.67 8.48 -1.64
CA THR C 205 10.92 7.73 -1.56
C THR C 205 11.48 7.39 -2.94
N ASP C 206 11.04 8.11 -3.98
CA ASP C 206 11.47 7.86 -5.34
C ASP C 206 12.11 9.09 -5.97
N THR C 207 12.66 9.98 -5.13
CA THR C 207 13.39 11.15 -5.63
C THR C 207 14.45 11.52 -4.61
N THR C 208 15.70 11.56 -5.06
CA THR C 208 16.81 12.00 -4.22
C THR C 208 16.76 13.51 -4.09
N PHE C 209 16.67 14.00 -2.85
CA PHE C 209 16.64 15.42 -2.54
C PHE C 209 17.89 15.82 -1.78
N VAL C 210 18.45 16.97 -2.15
CA VAL C 210 19.53 17.57 -1.37
C VAL C 210 19.58 19.08 -1.63
N ALA C 211 19.48 19.87 -0.57
CA ALA C 211 19.41 21.33 -0.70
C ALA C 211 20.77 21.95 -0.42
N VAL C 212 21.17 22.91 -1.25
CA VAL C 212 22.44 23.60 -1.06
C VAL C 212 22.16 25.03 -0.63
N TYR C 213 23.06 25.56 0.20
CA TYR C 213 22.93 26.90 0.76
C TYR C 213 24.28 27.60 0.72
N SER C 214 24.26 28.92 0.47
CA SER C 214 25.46 29.71 0.64
C SER C 214 25.86 29.74 2.12
N TYR C 215 27.15 29.53 2.40
CA TYR C 215 27.58 29.30 3.77
C TYR C 215 27.27 30.46 4.72
N PRO C 216 27.88 31.64 4.57
CA PRO C 216 27.77 32.64 5.63
C PRO C 216 26.35 33.16 5.82
N ASP C 217 25.56 33.23 4.76
CA ASP C 217 24.19 33.69 4.85
C ASP C 217 23.21 32.58 5.20
N MET C 218 23.58 31.32 4.99
CA MET C 218 22.65 30.20 5.03
C MET C 218 21.46 30.49 4.11
N GLN C 219 21.78 31.04 2.95
CA GLN C 219 20.79 31.45 1.95
C GLN C 219 20.59 30.33 0.94
N PHE C 220 19.33 30.04 0.63
CA PHE C 220 19.01 28.98 -0.33
C PHE C 220 19.64 29.24 -1.68
N LYS C 221 20.22 28.19 -2.26
CA LYS C 221 20.83 28.25 -3.57
C LYS C 221 20.04 27.41 -4.59
N THR C 222 20.04 26.09 -4.43
CA THR C 222 19.26 25.21 -5.31
C THR C 222 18.84 23.98 -4.51
N LEU C 223 17.83 23.28 -5.05
CA LEU C 223 17.39 22.00 -4.52
C LEU C 223 17.68 20.94 -5.58
N MET C 224 18.79 20.22 -5.40
CA MET C 224 19.17 19.15 -6.31
C MET C 224 18.24 17.96 -6.14
N LYS C 225 17.51 17.64 -7.20
CA LYS C 225 16.69 16.44 -7.26
C LYS C 225 17.27 15.48 -8.30
N ASP C 226 17.20 14.19 -8.01
CA ASP C 226 17.66 13.17 -8.95
C ASP C 226 16.72 11.98 -8.89
N THR C 227 16.17 11.59 -10.04
CA THR C 227 15.18 10.53 -10.11
C THR C 227 15.79 9.17 -10.42
N ARG C 228 17.06 8.97 -10.11
CA ARG C 228 17.70 7.67 -10.32
C ARG C 228 17.57 6.77 -9.10
N THR C 229 17.49 7.33 -7.90
CA THR C 229 17.31 6.56 -6.68
C THR C 229 16.34 7.31 -5.76
N GLY C 230 16.25 6.85 -4.52
CA GLY C 230 15.43 7.48 -3.51
C GLY C 230 16.24 8.49 -2.72
N PRO C 231 15.72 8.90 -1.57
CA PRO C 231 16.42 9.92 -0.77
C PRO C 231 17.77 9.43 -0.31
N ALA C 232 18.66 10.37 -0.05
CA ALA C 232 20.03 10.07 0.34
C ALA C 232 20.10 9.93 1.86
N GLY C 233 20.32 8.72 2.34
CA GLY C 233 20.58 8.46 3.74
C GLY C 233 19.45 7.70 4.41
N SER C 234 19.56 7.62 5.73
CA SER C 234 18.59 6.93 6.57
C SER C 234 18.35 7.78 7.82
N TRP C 235 17.29 7.43 8.56
CA TRP C 235 16.92 8.21 9.74
C TRP C 235 18.06 8.25 10.74
N ASN C 236 18.51 9.46 11.07
CA ASN C 236 19.52 9.71 12.10
C ASN C 236 20.78 8.86 11.89
N ALA C 237 21.02 8.40 10.66
CA ALA C 237 22.14 7.51 10.39
C ALA C 237 23.39 8.25 9.94
N PHE C 238 23.25 9.52 9.54
CA PHE C 238 24.39 10.34 9.11
C PHE C 238 25.14 9.73 7.94
N ASN C 239 24.44 8.91 7.14
CA ASN C 239 25.03 8.25 5.98
C ASN C 239 24.54 8.89 4.68
N GLY C 240 24.20 10.17 4.71
CA GLY C 240 23.61 10.83 3.57
C GLY C 240 24.60 11.30 2.53
N ILE C 241 25.74 11.86 2.97
CA ILE C 241 26.68 12.48 2.05
C ILE C 241 28.06 12.45 2.70
N PHE C 242 29.09 12.28 1.87
CA PHE C 242 30.46 12.29 2.34
C PHE C 242 31.37 12.65 1.18
N LYS C 243 32.35 13.52 1.43
CA LYS C 243 33.26 13.94 0.39
C LYS C 243 34.56 13.18 0.46
N VAL C 244 35.24 13.09 -0.68
CA VAL C 244 36.44 12.28 -0.82
C VAL C 244 37.64 13.19 -1.04
N GLU C 245 38.78 12.59 -1.39
CA GLU C 245 40.02 13.36 -1.53
C GLU C 245 39.95 14.36 -2.68
N SER C 246 39.24 14.01 -3.75
CA SER C 246 39.16 14.89 -4.92
C SER C 246 38.27 16.11 -4.69
N GLY C 247 37.58 16.18 -3.54
CA GLY C 247 36.60 17.20 -3.31
C GLY C 247 35.19 16.83 -3.70
N ASP C 248 35.03 15.89 -4.64
CA ASP C 248 33.71 15.39 -4.98
C ASP C 248 33.05 14.75 -3.77
N MET C 249 31.73 14.70 -3.80
CA MET C 249 30.94 14.13 -2.72
C MET C 249 30.08 13.00 -3.24
N TYR C 250 29.86 12.00 -2.40
CA TYR C 250 28.99 10.87 -2.73
C TYR C 250 27.82 10.82 -1.77
N ILE C 251 26.67 10.40 -2.29
CA ILE C 251 25.47 10.15 -1.51
C ILE C 251 25.04 8.71 -1.72
N MET C 252 24.43 8.14 -0.69
CA MET C 252 23.91 6.78 -0.74
C MET C 252 22.40 6.81 -0.52
N SER C 253 21.66 6.20 -1.45
CA SER C 253 20.23 6.00 -1.27
C SER C 253 19.97 4.53 -1.05
N ASN C 254 19.16 4.22 -0.05
CA ASN C 254 18.79 2.85 0.25
C ASN C 254 17.29 2.62 0.30
N SER C 255 16.52 3.59 0.81
CA SER C 255 15.09 3.42 1.07
C SER C 255 14.85 2.16 1.89
N ALA C 256 15.77 1.88 2.82
CA ALA C 256 15.74 0.66 3.60
C ALA C 256 14.71 0.77 4.71
N ILE C 257 13.68 -0.08 4.65
CA ILE C 257 12.67 -0.10 5.70
C ILE C 257 13.31 -0.49 7.03
N ALA C 258 14.26 -1.43 7.00
CA ALA C 258 14.93 -1.85 8.22
C ALA C 258 15.68 -0.72 8.89
N ASN C 259 15.98 0.36 8.16
CA ASN C 259 16.71 1.49 8.72
C ASN C 259 15.82 2.72 8.93
N GLY C 260 14.50 2.55 8.90
CA GLY C 260 13.61 3.63 9.29
C GLY C 260 12.55 4.02 8.29
N PHE C 261 12.67 3.54 7.05
CA PHE C 261 11.75 3.94 6.01
C PHE C 261 10.46 3.13 6.06
N SER C 262 9.38 3.72 5.54
CA SER C 262 8.09 3.04 5.49
C SER C 262 7.89 2.23 4.22
N GLN C 263 8.69 2.48 3.19
CA GLN C 263 8.51 1.83 1.89
C GLN C 263 9.79 2.02 1.08
N SER C 264 9.90 1.25 0.00
CA SER C 264 11.03 1.35 -0.91
C SER C 264 10.52 1.27 -2.33
N THR C 265 10.70 2.35 -3.09
CA THR C 265 10.25 2.44 -4.47
C THR C 265 11.38 2.32 -5.48
N LYS C 266 12.52 2.94 -5.22
CA LYS C 266 13.67 2.88 -6.12
C LYS C 266 14.70 1.91 -5.56
N ASN C 267 15.74 1.65 -6.37
CA ASN C 267 16.82 0.77 -5.96
C ASN C 267 17.87 1.55 -5.17
N ALA C 268 18.61 0.84 -4.33
CA ALA C 268 19.68 1.45 -3.55
C ALA C 268 20.93 1.61 -4.42
N ALA C 269 21.53 2.80 -4.36
CA ALA C 269 22.70 3.08 -5.19
C ALA C 269 23.45 4.27 -4.61
N PHE C 270 24.54 4.65 -5.29
CA PHE C 270 25.34 5.80 -4.94
C PHE C 270 25.34 6.80 -6.08
N LEU C 271 25.21 8.08 -5.73
CA LEU C 271 25.34 9.17 -6.69
C LEU C 271 26.50 10.07 -6.28
N ARG C 272 26.97 10.88 -7.22
CA ARG C 272 28.09 11.77 -6.97
C ARG C 272 27.74 13.19 -7.40
N ILE C 273 28.09 14.14 -6.55
CA ILE C 273 27.99 15.57 -6.81
C ILE C 273 29.42 16.12 -6.91
N PRO C 274 29.81 16.70 -8.05
CA PRO C 274 31.21 17.13 -8.23
C PRO C 274 31.62 18.21 -7.24
N LYS C 275 32.92 18.47 -7.22
CA LYS C 275 33.52 19.41 -6.29
C LYS C 275 32.97 20.81 -6.53
N GLY C 276 32.30 21.36 -5.51
CA GLY C 276 31.80 22.72 -5.60
C GLY C 276 30.76 22.94 -6.67
N GLU C 277 29.94 21.93 -6.96
CA GLU C 277 28.90 22.04 -7.97
C GLU C 277 27.54 21.85 -7.31
N THR C 278 26.49 22.05 -8.11
CA THR C 278 25.12 21.91 -7.65
C THR C 278 24.30 21.08 -8.64
N HIS C 279 24.88 20.00 -9.14
CA HIS C 279 24.19 19.10 -10.07
C HIS C 279 24.86 17.75 -10.03
N PHE C 280 24.05 16.69 -9.98
CA PHE C 280 24.59 15.34 -10.01
C PHE C 280 25.21 15.02 -11.36
N ASP C 281 26.35 14.35 -11.33
CA ASP C 281 27.03 13.93 -12.55
C ASP C 281 26.50 12.57 -13.01
N ASP C 282 27.05 12.06 -14.11
CA ASP C 282 26.57 10.83 -14.72
C ASP C 282 27.05 9.57 -14.02
N TYR C 283 27.48 9.65 -12.76
CA TYR C 283 27.86 8.46 -12.01
C TYR C 283 26.63 7.77 -11.44
N TYR C 284 26.59 6.44 -11.57
CA TYR C 284 25.49 5.65 -11.03
C TYR C 284 26.02 4.28 -10.66
N PHE C 285 25.81 3.87 -9.40
CA PHE C 285 26.30 2.60 -8.87
C PHE C 285 25.13 1.87 -8.23
N ASP C 286 24.35 1.16 -9.05
CA ASP C 286 23.20 0.41 -8.56
C ASP C 286 23.66 -0.68 -7.60
N PHE C 287 23.63 -0.38 -6.29
CA PHE C 287 24.16 -1.31 -5.30
C PHE C 287 23.27 -2.52 -5.13
N GLU C 288 21.95 -2.36 -5.27
CA GLU C 288 21.05 -3.49 -5.02
C GLU C 288 21.26 -4.61 -6.03
N THR C 289 21.58 -4.26 -7.28
CA THR C 289 21.78 -5.29 -8.29
C THR C 289 23.17 -5.90 -8.18
N VAL C 290 24.20 -5.09 -7.92
CA VAL C 290 25.55 -5.62 -7.81
C VAL C 290 25.73 -6.41 -6.52
N SER C 291 24.89 -6.19 -5.52
CA SER C 291 25.01 -6.90 -4.25
C SER C 291 24.16 -8.16 -4.20
N GLY C 292 22.98 -8.13 -4.82
CA GLY C 292 22.08 -9.26 -4.78
C GLY C 292 20.79 -8.95 -4.04
N GLY C 293 20.31 -7.72 -4.16
CA GLY C 293 19.11 -7.30 -3.46
C GLY C 293 19.31 -6.83 -2.04
N LEU C 294 20.52 -6.38 -1.70
CA LEU C 294 20.84 -5.95 -0.34
C LEU C 294 21.01 -4.43 -0.32
N LYS C 295 20.50 -3.81 0.75
CA LYS C 295 20.60 -2.37 0.92
C LYS C 295 21.53 -2.04 2.07
N PRO C 296 22.45 -1.10 1.91
CA PRO C 296 23.40 -0.80 2.97
C PRO C 296 22.77 0.02 4.08
N ALA C 297 23.16 -0.30 5.31
CA ALA C 297 22.66 0.36 6.51
C ALA C 297 23.60 1.44 7.03
N HIS C 298 24.90 1.20 6.98
CA HIS C 298 25.88 2.18 7.42
C HIS C 298 27.09 2.17 6.49
N ILE C 299 27.69 3.35 6.31
CA ILE C 299 28.86 3.49 5.45
C ILE C 299 29.90 4.35 6.14
N LYS C 300 31.17 4.09 5.81
CA LYS C 300 32.28 4.89 6.32
C LYS C 300 33.34 4.90 5.23
N TYR C 301 33.60 6.08 4.66
CA TYR C 301 34.60 6.19 3.60
C TYR C 301 35.98 5.94 4.20
N ILE C 302 36.72 5.00 3.63
CA ILE C 302 38.02 4.60 4.15
C ILE C 302 39.15 5.02 3.24
N GLY C 303 38.86 5.64 2.10
CA GLY C 303 39.92 6.18 1.28
C GLY C 303 40.06 5.52 -0.07
N ASN C 304 40.41 6.32 -1.08
CA ASN C 304 40.72 5.84 -2.43
C ASN C 304 39.54 5.08 -3.04
N GLY C 305 38.37 5.71 -2.99
CA GLY C 305 37.17 5.13 -3.56
C GLY C 305 36.60 3.94 -2.82
N LEU C 306 37.16 3.58 -1.67
CA LEU C 306 36.71 2.43 -0.90
C LEU C 306 35.86 2.89 0.29
N VAL C 307 34.81 2.11 0.58
CA VAL C 307 33.89 2.39 1.67
C VAL C 307 33.68 1.12 2.47
N PHE C 308 33.83 1.20 3.79
CA PHE C 308 33.47 0.12 4.68
C PHE C 308 31.99 0.21 5.00
N ALA C 309 31.22 -0.83 4.68
CA ALA C 309 29.78 -0.75 4.79
C ALA C 309 29.22 -1.91 5.62
N GLU C 310 28.15 -1.62 6.34
CA GLU C 310 27.29 -2.62 6.95
C GLU C 310 25.99 -2.64 6.15
N VAL C 311 25.70 -3.77 5.50
CA VAL C 311 24.54 -3.92 4.63
C VAL C 311 23.61 -4.96 5.22
N SER C 312 22.31 -4.79 4.95
CA SER C 312 21.30 -5.69 5.48
C SER C 312 21.19 -6.92 4.59
N THR C 313 21.32 -8.10 5.20
CA THR C 313 21.18 -9.37 4.48
C THR C 313 19.73 -9.75 4.25
N ILE C 314 18.79 -8.88 4.57
CA ILE C 314 17.37 -9.12 4.33
C ILE C 314 17.06 -8.63 2.92
N SER C 315 16.77 -9.57 2.01
CA SER C 315 16.47 -9.20 0.63
C SER C 315 15.09 -8.59 0.46
N PRO C 316 13.99 -9.17 0.99
CA PRO C 316 12.68 -8.54 0.79
C PRO C 316 12.39 -7.37 1.71
N GLN C 317 13.12 -7.23 2.83
CA GLN C 317 12.94 -6.19 3.83
C GLN C 317 11.47 -5.81 4.05
N THR C 318 10.85 -6.43 5.04
CA THR C 318 9.45 -6.18 5.33
C THR C 318 9.30 -5.10 6.39
N SER C 319 8.06 -4.63 6.55
CA SER C 319 7.77 -3.62 7.56
C SER C 319 7.95 -4.16 8.97
N ALA C 320 7.98 -5.49 9.12
CA ALA C 320 8.29 -6.07 10.42
C ALA C 320 9.73 -5.82 10.81
N ASP C 321 10.61 -5.65 9.84
CA ASP C 321 12.01 -5.34 10.09
C ASP C 321 12.28 -3.86 10.29
N ARG C 322 11.23 -3.03 10.27
CA ARG C 322 11.43 -1.59 10.34
C ARG C 322 12.06 -1.19 11.67
N TRP C 323 12.87 -0.14 11.62
CA TRP C 323 13.59 0.40 12.78
C TRP C 323 14.42 -0.67 13.47
N GLY C 324 14.72 -1.78 12.80
CA GLY C 324 15.39 -2.90 13.41
C GLY C 324 16.89 -2.92 13.18
N ASP C 325 17.30 -2.72 11.93
CA ASP C 325 18.71 -2.71 11.55
C ASP C 325 19.42 -3.99 11.98
N LYS C 326 18.75 -5.12 11.77
CA LYS C 326 19.20 -6.41 12.26
C LYS C 326 19.83 -7.23 11.13
N SER C 327 20.71 -8.15 11.52
CA SER C 327 21.36 -9.09 10.60
C SER C 327 22.15 -8.35 9.52
N LEU C 328 23.19 -7.65 9.97
CA LEU C 328 24.05 -6.87 9.11
C LEU C 328 25.33 -7.64 8.76
N LYS C 329 25.81 -7.41 7.55
CA LYS C 329 27.03 -8.03 7.03
C LYS C 329 27.99 -6.93 6.60
N CYS C 330 29.27 -7.11 6.90
CA CYS C 330 30.29 -6.14 6.58
C CYS C 330 30.83 -6.37 5.17
N CYS C 331 31.05 -5.29 4.43
CA CYS C 331 31.45 -5.36 3.03
C CYS C 331 32.40 -4.21 2.70
N ILE C 332 33.16 -4.42 1.63
CA ILE C 332 34.04 -3.41 1.06
C ILE C 332 33.44 -2.96 -0.26
N ILE C 333 33.19 -1.66 -0.39
CA ILE C 333 32.57 -1.06 -1.57
C ILE C 333 33.66 -0.33 -2.35
N ASP C 334 33.87 -0.75 -3.60
CA ASP C 334 34.76 -0.06 -4.53
C ASP C 334 33.89 0.83 -5.41
N LEU C 335 33.97 2.14 -5.19
CA LEU C 335 33.12 3.09 -5.91
C LEU C 335 33.58 3.25 -7.35
N ASN C 336 34.89 3.29 -7.58
CA ASN C 336 35.40 3.48 -8.94
C ASN C 336 35.04 2.30 -9.83
N ASN C 337 35.48 1.09 -9.46
CA ASN C 337 35.15 -0.10 -10.23
C ASN C 337 33.75 -0.62 -9.93
N LYS C 338 33.07 -0.05 -8.93
CA LYS C 338 31.69 -0.38 -8.58
C LYS C 338 31.54 -1.89 -8.29
N THR C 339 32.20 -2.30 -7.22
CA THR C 339 32.15 -3.69 -6.76
C THR C 339 31.83 -3.73 -5.28
N VAL C 340 31.24 -4.84 -4.83
CA VAL C 340 30.98 -5.07 -3.42
C VAL C 340 31.52 -6.44 -3.04
N ARG C 341 32.45 -6.48 -2.10
CA ARG C 341 33.11 -7.72 -1.69
C ARG C 341 32.79 -8.00 -0.23
N ASP C 342 32.30 -9.20 0.05
CA ASP C 342 31.95 -9.57 1.42
C ASP C 342 33.19 -9.78 2.27
N ILE C 343 33.10 -9.37 3.52
CA ILE C 343 34.15 -9.60 4.52
C ILE C 343 33.73 -10.85 5.28
N LYS C 344 34.18 -12.01 4.80
CA LYS C 344 33.68 -13.29 5.29
C LYS C 344 34.05 -13.57 6.73
N GLU C 345 35.08 -12.91 7.25
CA GLU C 345 35.56 -13.19 8.61
C GLU C 345 34.79 -12.44 9.68
N ILE C 346 33.85 -11.59 9.32
CA ILE C 346 33.01 -10.86 10.27
C ILE C 346 31.64 -11.52 10.30
N PRO C 347 31.14 -11.95 11.45
CA PRO C 347 29.86 -12.65 11.50
C PRO C 347 28.68 -11.71 11.40
N VAL C 348 27.55 -12.27 10.93
CA VAL C 348 26.32 -11.49 10.79
C VAL C 348 25.87 -11.00 12.15
N HIS C 349 25.68 -9.69 12.27
CA HIS C 349 25.39 -9.06 13.55
C HIS C 349 24.32 -8.00 13.37
N ASN C 350 23.78 -7.53 14.49
CA ASN C 350 22.82 -6.42 14.48
C ASN C 350 23.56 -5.10 14.64
N GLY C 351 23.09 -4.08 13.93
CA GLY C 351 23.75 -2.80 13.92
C GLY C 351 23.36 -1.92 15.09
N ASP C 352 24.01 -0.76 15.16
CA ASP C 352 23.79 0.21 16.23
C ASP C 352 22.59 1.11 15.97
N GLY C 353 21.68 0.70 15.08
CA GLY C 353 20.48 1.47 14.84
C GLY C 353 20.78 2.81 14.18
N GLY C 354 19.78 3.69 14.22
CA GLY C 354 19.91 5.01 13.65
C GLY C 354 20.82 5.91 14.45
N ARG C 355 22.13 5.82 14.19
CA ARG C 355 23.12 6.60 14.92
C ARG C 355 24.41 6.62 14.12
N ARG C 356 25.34 7.45 14.56
CA ARG C 356 26.65 7.55 13.91
C ARG C 356 27.34 6.21 13.87
N PHE C 357 27.88 5.86 12.70
CA PHE C 357 28.51 4.56 12.50
C PHE C 357 29.84 4.49 13.24
N ALA C 358 29.98 3.49 14.11
CA ALA C 358 31.17 3.35 14.94
C ALA C 358 32.17 2.46 14.20
N ALA C 359 33.06 3.11 13.44
CA ALA C 359 34.10 2.42 12.71
C ALA C 359 35.31 3.35 12.62
N LEU C 360 36.50 2.80 12.78
CA LEU C 360 37.73 3.58 12.82
C LEU C 360 38.60 3.27 11.62
N VAL C 361 38.95 4.29 10.86
CA VAL C 361 39.86 4.16 9.72
C VAL C 361 41.24 4.55 10.21
N ASP C 362 42.08 3.57 10.52
CA ASP C 362 43.38 3.85 11.13
C ASP C 362 44.45 2.95 10.52
N GLY C 363 45.58 3.57 10.15
CA GLY C 363 46.73 2.84 9.64
C GLY C 363 46.44 1.94 8.46
N GLY C 364 45.58 2.39 7.55
CA GLY C 364 45.22 1.58 6.41
C GLY C 364 44.32 0.40 6.72
N TYR C 365 43.75 0.33 7.92
CA TYR C 365 42.84 -0.72 8.31
C TYR C 365 41.52 -0.11 8.78
N VAL C 366 40.49 -0.95 8.83
CA VAL C 366 39.18 -0.54 9.31
C VAL C 366 38.83 -1.37 10.54
N TYR C 367 38.64 -0.72 11.68
CA TYR C 367 38.36 -1.40 12.94
C TYR C 367 36.88 -1.22 13.27
N ARG C 368 36.18 -2.33 13.46
CA ARG C 368 34.74 -2.31 13.70
C ARG C 368 34.39 -3.18 14.91
N PRO C 369 33.65 -2.65 15.88
CA PRO C 369 33.16 -3.49 16.98
C PRO C 369 31.94 -4.30 16.53
N VAL C 370 32.06 -5.62 16.60
CA VAL C 370 30.99 -6.52 16.19
C VAL C 370 30.51 -7.29 17.41
N THR C 371 29.20 -7.26 17.65
CA THR C 371 28.58 -7.97 18.76
C THR C 371 28.12 -9.33 18.23
N ALA C 372 28.92 -10.37 18.47
CA ALA C 372 28.64 -11.71 18.01
C ALA C 372 27.98 -12.51 19.13
N SER C 373 27.77 -13.81 18.88
CA SER C 373 27.16 -14.66 19.89
C SER C 373 28.09 -14.92 21.06
N GLU C 374 29.38 -15.14 20.77
CA GLU C 374 30.34 -15.39 21.84
C GLU C 374 30.60 -14.13 22.66
N GLY C 375 30.63 -12.98 22.02
CA GLY C 375 30.84 -11.73 22.73
C GLY C 375 30.91 -10.57 21.75
N THR C 376 31.45 -9.45 22.23
CA THR C 376 31.66 -8.27 21.39
C THR C 376 33.16 -8.08 21.19
N TYR C 377 33.60 -8.16 19.94
CA TYR C 377 35.01 -8.13 19.61
C TYR C 377 35.30 -7.06 18.56
N ILE C 378 36.47 -6.44 18.67
CA ILE C 378 36.95 -5.51 17.65
C ILE C 378 37.58 -6.31 16.52
N TYR C 379 37.06 -6.12 15.31
CA TYR C 379 37.58 -6.78 14.12
C TYR C 379 38.40 -5.79 13.30
N GLN C 380 39.61 -6.21 12.91
CA GLN C 380 40.45 -5.46 12.00
C GLN C 380 40.19 -5.93 10.57
N VAL C 381 40.01 -4.98 9.66
CA VAL C 381 39.62 -5.27 8.29
C VAL C 381 40.67 -4.70 7.36
N ASP C 382 41.23 -5.57 6.52
CA ASP C 382 42.09 -5.14 5.43
C ASP C 382 41.22 -4.74 4.24
N PRO C 383 41.25 -3.47 3.82
CA PRO C 383 40.29 -3.04 2.78
C PRO C 383 40.53 -3.66 1.42
N GLN C 384 41.79 -3.86 1.04
CA GLN C 384 42.07 -4.44 -0.28
C GLN C 384 41.71 -5.92 -0.32
N ALA C 385 42.01 -6.67 0.75
CA ALA C 385 41.71 -8.09 0.77
C ALA C 385 40.29 -8.40 1.20
N ALA C 386 39.57 -7.42 1.75
CA ALA C 386 38.22 -7.63 2.28
C ALA C 386 38.19 -8.78 3.28
N THR C 387 39.24 -8.88 4.09
CA THR C 387 39.36 -9.91 5.10
C THR C 387 39.44 -9.26 6.47
N ALA C 388 39.18 -10.07 7.50
CA ALA C 388 39.13 -9.56 8.86
C ALA C 388 39.82 -10.52 9.81
N VAL C 389 40.36 -9.95 10.89
CA VAL C 389 40.96 -10.68 11.99
C VAL C 389 40.32 -10.20 13.28
N ARG C 390 39.81 -11.13 14.08
CA ARG C 390 39.19 -10.76 15.35
C ARG C 390 40.26 -10.32 16.33
N GLY C 391 40.06 -9.15 16.94
CA GLY C 391 41.04 -8.60 17.85
C GLY C 391 40.59 -8.61 19.29
N ALA C 392 40.70 -7.46 19.94
CA ALA C 392 40.42 -7.36 21.37
C ALA C 392 38.93 -7.46 21.66
N LYS C 393 38.58 -8.16 22.73
CA LYS C 393 37.21 -8.17 23.22
C LYS C 393 36.95 -6.88 23.99
N VAL C 394 35.76 -6.33 23.82
CA VAL C 394 35.37 -5.10 24.50
C VAL C 394 34.18 -5.41 25.41
N SER C 395 34.28 -4.97 26.66
CA SER C 395 33.29 -5.29 27.69
C SER C 395 32.29 -4.14 27.75
N THR C 396 31.28 -4.22 26.89
CA THR C 396 30.22 -3.22 26.83
C THR C 396 29.04 -3.82 26.08
N THR C 397 27.91 -3.12 26.13
CA THR C 397 26.76 -3.53 25.33
C THR C 397 26.94 -3.14 23.87
N PHE C 398 27.48 -1.95 23.62
CA PHE C 398 27.78 -1.49 22.26
C PHE C 398 28.79 -0.35 22.37
N VAL C 399 29.25 0.12 21.21
CA VAL C 399 30.17 1.23 21.12
C VAL C 399 29.46 2.39 20.44
N GLY C 400 29.64 3.59 21.00
CA GLY C 400 29.01 4.78 20.45
C GLY C 400 29.96 5.65 19.66
N GLY C 401 31.25 5.51 19.93
CA GLY C 401 32.26 6.26 19.22
C GLY C 401 33.59 5.53 19.23
N PHE C 402 34.27 5.50 18.09
CA PHE C 402 35.55 4.82 17.92
C PHE C 402 36.48 5.80 17.21
N PHE C 403 37.41 6.39 17.95
CA PHE C 403 38.23 7.48 17.43
C PHE C 403 39.69 7.26 17.80
N ARG C 404 40.54 8.16 17.32
CA ARG C 404 41.96 8.16 17.62
C ARG C 404 42.45 9.59 17.77
N LEU C 405 43.27 9.82 18.79
CA LEU C 405 43.82 11.13 19.08
C LEU C 405 45.34 11.04 19.12
N ASP C 406 46.00 12.17 18.84
CA ASP C 406 47.45 12.21 18.77
C ASP C 406 48.03 13.16 19.82
N GLU D 31 -8.29 -7.22 -60.65
CA GLU D 31 -7.64 -6.23 -59.81
C GLU D 31 -7.99 -6.44 -58.33
N GLU D 32 -7.75 -5.42 -57.52
CA GLU D 32 -7.92 -5.55 -56.08
C GLU D 32 -9.40 -5.56 -55.71
N THR D 33 -9.78 -6.54 -54.89
CA THR D 33 -11.14 -6.61 -54.37
C THR D 33 -11.25 -5.72 -53.13
N PRO D 34 -12.14 -4.74 -53.12
CA PRO D 34 -12.25 -3.86 -51.94
C PRO D 34 -12.80 -4.61 -50.74
N PHE D 35 -12.42 -4.13 -49.56
CA PHE D 35 -12.89 -4.67 -48.28
C PHE D 35 -12.59 -6.16 -48.14
N ALA D 36 -11.46 -6.61 -48.68
CA ALA D 36 -11.09 -8.00 -48.49
C ALA D 36 -10.53 -8.22 -47.08
N PRO D 37 -10.76 -9.39 -46.49
CA PRO D 37 -10.34 -9.60 -45.09
C PRO D 37 -8.85 -9.82 -44.93
N TYR D 38 -8.25 -10.70 -45.73
CA TYR D 38 -6.87 -11.09 -45.53
C TYR D 38 -5.93 -10.11 -46.23
N VAL D 39 -4.77 -9.88 -45.62
CA VAL D 39 -3.75 -8.99 -46.14
C VAL D 39 -2.43 -9.75 -46.18
N LEU D 40 -1.85 -9.88 -47.37
CA LEU D 40 -0.58 -10.57 -47.57
C LEU D 40 0.41 -9.62 -48.21
N SER D 41 1.62 -9.54 -47.65
CA SER D 41 2.67 -8.69 -48.20
C SER D 41 3.64 -9.58 -48.98
N LEU D 42 3.35 -9.75 -50.26
CA LEU D 42 4.16 -10.62 -51.12
C LEU D 42 5.51 -9.97 -51.37
N GLY D 43 6.57 -10.54 -50.80
CA GLY D 43 7.91 -10.03 -51.05
C GLY D 43 8.55 -10.72 -52.23
N ILE D 44 8.57 -10.07 -53.39
CA ILE D 44 9.10 -10.64 -54.61
C ILE D 44 10.47 -10.03 -54.87
N ASN D 45 11.47 -10.86 -55.09
CA ASN D 45 12.79 -10.38 -55.43
C ASN D 45 13.08 -10.57 -56.92
N SER D 46 13.84 -9.63 -57.47
CA SER D 46 14.27 -9.69 -58.86
C SER D 46 15.58 -8.94 -58.99
N ASN D 47 16.47 -9.44 -59.84
CA ASN D 47 17.77 -8.84 -60.10
C ASN D 47 18.58 -8.64 -58.82
N GLY D 48 18.22 -9.37 -57.76
CA GLY D 48 18.92 -9.30 -56.49
C GLY D 48 18.29 -8.39 -55.45
N THR D 49 17.27 -7.61 -55.82
CA THR D 49 16.63 -6.69 -54.89
C THR D 49 15.19 -7.12 -54.66
N THR D 50 14.73 -7.02 -53.42
CA THR D 50 13.41 -7.48 -53.02
C THR D 50 12.47 -6.30 -52.86
N THR D 51 11.38 -6.30 -53.62
CA THR D 51 10.32 -5.31 -53.51
C THR D 51 9.06 -6.01 -52.98
N TYR D 52 8.36 -5.34 -52.06
CA TYR D 52 7.17 -5.91 -51.46
C TYR D 52 5.93 -5.34 -52.12
N TYR D 53 4.91 -6.18 -52.26
CA TYR D 53 3.60 -5.78 -52.77
C TYR D 53 2.57 -6.20 -51.73
N VAL D 54 2.02 -5.22 -51.02
CA VAL D 54 1.01 -5.48 -49.98
C VAL D 54 -0.35 -5.54 -50.67
N VAL D 55 -0.93 -6.73 -50.73
CA VAL D 55 -2.17 -6.98 -51.46
C VAL D 55 -3.19 -7.57 -50.49
N THR D 56 -4.45 -7.52 -50.89
CA THR D 56 -5.54 -8.15 -50.15
C THR D 56 -5.93 -9.47 -50.80
N ALA D 57 -6.63 -10.29 -50.03
CA ALA D 57 -7.09 -11.60 -50.45
C ALA D 57 -8.39 -11.90 -49.73
N PRO D 58 -9.43 -12.33 -50.45
CA PRO D 58 -10.71 -12.63 -49.81
C PRO D 58 -10.87 -14.07 -49.39
N GLU D 59 -10.03 -14.97 -49.93
CA GLU D 59 -10.11 -16.38 -49.61
C GLU D 59 -8.70 -16.97 -49.64
N LEU D 60 -8.47 -17.95 -48.76
CA LEU D 60 -7.17 -18.60 -48.62
C LEU D 60 -7.21 -20.06 -49.08
N MET D 61 -8.20 -20.45 -49.87
CA MET D 61 -8.34 -21.83 -50.30
C MET D 61 -8.37 -22.02 -51.81
N SER D 62 -8.82 -21.03 -52.57
CA SER D 62 -8.93 -21.14 -54.02
C SER D 62 -8.37 -19.90 -54.69
N GLY D 63 -7.93 -20.06 -55.92
CA GLY D 63 -7.36 -18.98 -56.69
C GLY D 63 -5.90 -18.72 -56.34
N THR D 64 -5.20 -18.12 -57.29
CA THR D 64 -3.80 -17.75 -57.10
C THR D 64 -3.71 -16.33 -56.56
N ILE D 65 -3.03 -16.17 -55.42
CA ILE D 65 -2.84 -14.86 -54.80
C ILE D 65 -1.60 -14.25 -55.44
N ASN D 66 -1.81 -13.30 -56.35
CA ASN D 66 -0.73 -12.66 -57.09
C ASN D 66 -0.66 -11.18 -56.72
N ALA D 67 0.19 -10.44 -57.43
CA ALA D 67 0.36 -9.02 -57.22
C ALA D 67 0.19 -8.21 -58.50
N VAL D 68 -0.34 -8.80 -59.56
CA VAL D 68 -0.55 -8.10 -60.82
C VAL D 68 -1.88 -7.34 -60.74
N ALA D 69 -1.85 -6.06 -61.13
CA ALA D 69 -3.01 -5.18 -61.11
C ALA D 69 -3.60 -5.03 -59.71
N LYS D 70 -2.81 -5.27 -58.68
CA LYS D 70 -3.29 -5.18 -57.31
C LYS D 70 -2.10 -5.09 -56.36
N GLY D 71 -2.32 -4.44 -55.23
CA GLY D 71 -1.32 -4.33 -54.19
C GLY D 71 -0.52 -3.04 -54.30
N ILE D 72 -0.10 -2.54 -53.13
CA ILE D 72 0.72 -1.33 -53.07
C ILE D 72 2.19 -1.75 -53.01
N GLU D 73 3.02 -1.04 -53.78
CA GLU D 73 4.43 -1.39 -53.93
C GLU D 73 5.28 -0.61 -52.94
N GLN D 74 6.11 -1.33 -52.18
CA GLN D 74 7.02 -0.73 -51.21
C GLN D 74 8.42 -1.25 -51.46
N ASN D 75 9.40 -0.37 -51.34
CA ASN D 75 10.80 -0.67 -51.60
C ASN D 75 11.61 -0.68 -50.32
N GLY D 76 12.87 -1.09 -50.44
CA GLY D 76 13.72 -1.27 -49.29
C GLY D 76 13.39 -2.53 -48.54
N TYR D 77 13.95 -2.64 -47.34
CA TYR D 77 13.65 -3.75 -46.45
C TYR D 77 12.49 -3.35 -45.54
N ARG D 78 11.39 -4.09 -45.64
CA ARG D 78 10.19 -3.83 -44.85
C ARG D 78 9.79 -5.08 -44.08
N ASP D 79 9.46 -4.90 -42.81
CA ASP D 79 8.85 -5.94 -42.00
C ASP D 79 7.53 -5.42 -41.45
N TYR D 80 6.52 -6.29 -41.44
CA TYR D 80 5.14 -5.87 -41.21
C TYR D 80 4.60 -6.47 -39.93
N GLU D 81 3.91 -5.64 -39.14
CA GLU D 81 3.25 -6.10 -37.92
C GLU D 81 1.90 -5.41 -37.80
N GLN D 82 0.86 -6.19 -37.55
CA GLN D 82 -0.50 -5.67 -37.52
C GLN D 82 -0.93 -5.34 -36.10
N ALA D 83 -1.77 -4.31 -35.97
CA ALA D 83 -2.36 -3.95 -34.69
C ALA D 83 -3.68 -3.25 -34.96
N GLY D 84 -4.75 -3.74 -34.33
CA GLY D 84 -6.07 -3.16 -34.50
C GLY D 84 -6.53 -3.15 -35.94
N GLN D 85 -6.45 -1.98 -36.58
CA GLN D 85 -6.85 -1.83 -37.98
C GLN D 85 -5.72 -1.24 -38.83
N THR D 86 -4.48 -1.28 -38.34
CA THR D 86 -3.35 -0.69 -39.06
C THR D 86 -2.23 -1.71 -39.17
N VAL D 87 -1.66 -1.84 -40.35
CA VAL D 87 -0.49 -2.67 -40.60
C VAL D 87 0.72 -1.75 -40.60
N PHE D 88 1.56 -1.86 -39.58
CA PHE D 88 2.78 -1.08 -39.49
C PHE D 88 3.83 -1.74 -40.38
N SER D 89 4.23 -1.03 -41.43
CA SER D 89 5.35 -1.42 -42.29
C SER D 89 6.59 -0.69 -41.77
N ILE D 90 7.39 -1.38 -40.98
CA ILE D 90 8.60 -0.82 -40.41
C ILE D 90 9.75 -1.05 -41.37
N GLY D 91 10.63 -0.07 -41.51
CA GLY D 91 11.76 -0.22 -42.40
C GLY D 91 13.00 -0.70 -41.70
N GLY D 92 13.94 -1.18 -42.51
CA GLY D 92 15.22 -1.65 -42.00
C GLY D 92 16.27 -1.61 -43.09
N LEU D 93 17.50 -1.90 -42.68
CA LEU D 93 18.65 -1.94 -43.60
C LEU D 93 18.81 -0.61 -44.34
N GLY D 94 18.63 0.49 -43.62
CA GLY D 94 18.71 1.81 -44.22
C GLY D 94 17.44 2.61 -44.01
N LEU D 95 16.29 1.95 -44.17
CA LEU D 95 15.01 2.60 -43.92
C LEU D 95 14.87 2.90 -42.43
N THR D 96 14.56 4.15 -42.10
CA THR D 96 14.48 4.61 -40.72
C THR D 96 13.09 5.12 -40.38
N SER D 97 12.07 4.59 -41.04
CA SER D 97 10.70 5.04 -40.82
C SER D 97 9.76 3.84 -40.74
N ALA D 98 8.67 4.03 -40.02
CA ALA D 98 7.58 3.08 -39.96
C ALA D 98 6.33 3.75 -40.52
N THR D 99 5.83 3.21 -41.63
CA THR D 99 4.63 3.72 -42.28
C THR D 99 3.42 2.90 -41.86
N GLY D 100 2.24 3.49 -42.02
CA GLY D 100 0.99 2.82 -41.68
C GLY D 100 0.22 2.48 -42.95
N ILE D 101 -0.29 1.25 -43.00
CA ILE D 101 -1.17 0.81 -44.07
C ILE D 101 -2.54 0.57 -43.46
N VAL D 102 -3.54 1.30 -43.97
CA VAL D 102 -4.91 1.21 -43.47
C VAL D 102 -5.83 0.89 -44.63
N ARG D 103 -7.09 0.61 -44.29
CA ARG D 103 -8.13 0.40 -45.29
C ARG D 103 -8.78 1.75 -45.60
N ASP D 104 -8.89 2.05 -46.89
CA ASP D 104 -9.41 3.34 -47.32
C ASP D 104 -10.91 3.42 -47.04
N ALA D 105 -11.51 4.56 -47.43
CA ALA D 105 -12.95 4.71 -47.31
C ALA D 105 -13.71 3.81 -48.28
N ASN D 106 -13.05 3.32 -49.33
CA ASN D 106 -13.65 2.43 -50.30
C ASN D 106 -13.20 0.98 -50.13
N GLY D 107 -12.49 0.68 -49.05
CA GLY D 107 -12.02 -0.67 -48.79
C GLY D 107 -10.65 -1.01 -49.33
N TYR D 108 -10.01 -0.09 -50.06
CA TYR D 108 -8.70 -0.34 -50.63
C TYR D 108 -7.62 -0.08 -49.59
N LEU D 109 -6.46 -0.71 -49.79
CA LEU D 109 -5.31 -0.48 -48.94
C LEU D 109 -4.60 0.80 -49.34
N THR D 110 -4.24 1.62 -48.36
CA THR D 110 -3.56 2.87 -48.64
C THR D 110 -2.62 3.19 -47.49
N GLU D 111 -1.51 3.85 -47.83
CA GLU D 111 -0.52 4.25 -46.84
C GLU D 111 -0.99 5.54 -46.14
N ARG D 112 -1.07 5.51 -44.82
CA ARG D 112 -1.58 6.63 -44.05
C ARG D 112 -0.73 6.81 -42.81
N GLY D 113 -0.05 7.96 -42.71
CA GLY D 113 0.74 8.27 -41.54
C GLY D 113 2.03 7.49 -41.45
N ASP D 114 3.05 8.09 -40.83
CA ASP D 114 4.32 7.43 -40.63
C ASP D 114 5.11 8.20 -39.58
N PHE D 115 5.92 7.46 -38.81
CA PHE D 115 6.84 8.09 -37.88
C PHE D 115 8.26 7.67 -38.20
N VAL D 116 9.21 8.38 -37.61
CA VAL D 116 10.62 8.25 -37.97
C VAL D 116 11.44 7.90 -36.74
N PHE D 117 12.56 7.23 -36.99
CA PHE D 117 13.56 6.93 -35.97
C PHE D 117 14.94 7.08 -36.61
N ASN D 118 15.99 6.86 -35.83
CA ASN D 118 17.34 7.08 -36.32
C ASN D 118 18.17 5.80 -36.46
N SER D 119 17.70 4.68 -35.92
CA SER D 119 18.44 3.44 -36.07
C SER D 119 17.54 2.33 -36.59
N SER D 120 16.82 1.66 -35.70
CA SER D 120 15.93 0.57 -36.07
C SER D 120 14.94 0.35 -34.95
N LEU D 121 13.89 -0.42 -35.24
CA LEU D 121 12.91 -0.81 -34.24
C LEU D 121 13.23 -2.25 -33.82
N ASN D 122 14.13 -2.38 -32.85
CA ASN D 122 14.58 -3.69 -32.40
C ASN D 122 13.45 -4.51 -31.77
N ALA D 123 12.36 -3.86 -31.35
CA ALA D 123 11.19 -4.55 -30.83
C ALA D 123 10.00 -3.61 -30.95
N PHE D 124 8.82 -4.17 -31.17
CA PHE D 124 7.65 -3.36 -31.43
C PHE D 124 6.36 -4.17 -31.27
N THR D 125 5.58 -3.88 -30.22
CA THR D 125 4.33 -4.59 -29.98
C THR D 125 3.27 -3.58 -29.54
N GLN D 126 2.14 -4.07 -29.06
CA GLN D 126 1.05 -3.21 -28.64
C GLN D 126 0.77 -3.38 -27.16
N MET D 127 0.23 -2.31 -26.56
CA MET D 127 -0.22 -2.35 -25.18
C MET D 127 -1.73 -2.52 -25.14
N ASP D 128 -2.44 -1.41 -25.22
CA ASP D 128 -3.90 -1.39 -25.27
C ASP D 128 -4.35 -1.37 -26.73
N GLY D 129 -5.59 -0.99 -26.98
CA GLY D 129 -6.08 -0.86 -28.34
C GLY D 129 -5.77 0.47 -28.99
N GLN D 130 -4.85 1.25 -28.43
CA GLN D 130 -4.53 2.57 -28.97
C GLN D 130 -3.05 2.92 -28.95
N ASN D 131 -2.19 2.13 -28.33
CA ASN D 131 -0.78 2.48 -28.18
C ASN D 131 0.11 1.31 -28.58
N MET D 132 1.10 1.60 -29.42
CA MET D 132 2.19 0.68 -29.69
C MET D 132 3.40 1.09 -28.87
N ILE D 133 4.13 0.11 -28.36
CA ILE D 133 5.37 0.34 -27.64
C ILE D 133 6.51 -0.19 -28.49
N GLY D 134 7.58 0.59 -28.57
CA GLY D 134 8.69 0.24 -29.45
C GLY D 134 10.06 0.59 -28.90
N LEU D 135 11.00 -0.34 -29.00
CA LEU D 135 12.34 -0.16 -28.46
C LEU D 135 13.33 0.12 -29.58
N GLU D 136 14.27 1.03 -29.32
CA GLU D 136 15.34 1.35 -30.25
C GLU D 136 16.67 1.38 -29.51
N LEU D 137 17.63 0.62 -30.00
CA LEU D 137 18.99 0.50 -29.49
C LEU D 137 19.96 1.28 -30.36
N PRO D 138 21.07 1.74 -29.79
CA PRO D 138 22.17 2.26 -30.63
C PRO D 138 22.74 1.15 -31.49
N ALA D 139 23.58 1.57 -32.45
CA ALA D 139 24.19 0.60 -33.36
C ALA D 139 25.14 -0.33 -32.62
N ASN D 140 25.96 0.20 -31.72
CA ASN D 140 26.91 -0.59 -30.96
C ASN D 140 27.27 0.18 -29.69
N LYS D 141 28.38 -0.20 -29.04
CA LYS D 141 28.79 0.46 -27.81
C LYS D 141 29.13 1.93 -28.05
N GLU D 142 29.94 2.19 -29.07
CA GLU D 142 30.40 3.54 -29.37
C GLU D 142 29.35 4.41 -30.04
N SER D 143 28.18 3.85 -30.37
CA SER D 143 27.10 4.61 -30.99
C SER D 143 26.16 5.25 -29.97
N GLY D 144 26.50 5.17 -28.68
CA GLY D 144 25.65 5.74 -27.66
C GLY D 144 25.35 4.76 -26.54
N ASP D 145 25.02 5.28 -25.36
CA ASP D 145 24.72 4.45 -24.19
C ASP D 145 23.28 4.61 -23.72
N GLN D 146 22.39 5.03 -24.61
CA GLN D 146 20.99 5.24 -24.28
C GLN D 146 20.10 4.58 -25.32
N MET D 147 19.11 3.84 -24.86
CA MET D 147 18.07 3.30 -25.73
C MET D 147 16.79 4.10 -25.52
N THR D 148 15.90 4.04 -26.52
CA THR D 148 14.69 4.84 -26.52
C THR D 148 13.47 3.92 -26.58
N LEU D 149 12.43 4.29 -25.84
CA LEU D 149 11.14 3.62 -25.89
C LEU D 149 10.10 4.62 -26.40
N TYR D 150 9.54 4.33 -27.56
CA TYR D 150 8.54 5.15 -28.20
C TYR D 150 7.15 4.60 -27.88
N THR D 151 6.25 5.48 -27.47
CA THR D 151 4.83 5.20 -27.33
C THR D 151 4.13 5.89 -28.49
N VAL D 152 3.65 5.09 -29.45
CA VAL D 152 3.11 5.58 -30.70
C VAL D 152 1.61 5.33 -30.73
N ASN D 153 0.88 6.26 -31.36
CA ASN D 153 -0.56 6.10 -31.52
C ASN D 153 -0.87 5.24 -32.74
N ILE D 154 -1.82 4.31 -32.57
CA ILE D 154 -2.17 3.40 -33.65
C ILE D 154 -2.98 4.12 -34.74
N SER D 155 -3.93 4.96 -34.33
CA SER D 155 -4.78 5.63 -35.31
C SER D 155 -4.03 6.72 -36.06
N ASP D 156 -3.02 7.33 -35.44
CA ASP D 156 -2.28 8.43 -36.06
C ASP D 156 -0.96 8.01 -36.66
N VAL D 157 -0.36 6.91 -36.19
CA VAL D 157 0.99 6.51 -36.57
C VAL D 157 1.93 7.68 -36.33
N SER D 158 2.04 8.10 -35.07
CA SER D 158 2.84 9.25 -34.70
C SER D 158 3.39 9.06 -33.30
N ILE D 159 4.64 9.48 -33.10
CA ILE D 159 5.29 9.38 -31.80
C ILE D 159 4.60 10.31 -30.82
N THR D 160 3.67 9.77 -30.03
CA THR D 160 2.98 10.57 -29.02
C THR D 160 3.77 10.68 -27.73
N SER D 161 4.72 9.78 -27.49
CA SER D 161 5.58 9.89 -26.31
C SER D 161 6.87 9.15 -26.57
N GLN D 162 7.90 9.49 -25.82
CA GLN D 162 9.15 8.77 -25.87
C GLN D 162 9.89 8.97 -24.55
N VAL D 163 10.72 7.98 -24.20
CA VAL D 163 11.50 8.05 -22.96
C VAL D 163 12.77 7.24 -23.16
N LYS D 164 13.91 7.80 -22.78
CA LYS D 164 15.19 7.13 -22.93
C LYS D 164 15.63 6.52 -21.60
N ALA D 165 16.41 5.45 -21.70
CA ALA D 165 16.86 4.69 -20.55
C ALA D 165 18.22 4.06 -20.86
N PRO D 166 19.06 3.84 -19.86
CA PRO D 166 20.36 3.21 -20.11
C PRO D 166 20.21 1.76 -20.55
N VAL D 167 21.27 1.24 -21.17
CA VAL D 167 21.30 -0.12 -21.70
C VAL D 167 22.22 -1.04 -20.90
N PHE D 168 22.85 -0.53 -19.84
CA PHE D 168 23.90 -1.27 -19.14
C PHE D 168 23.54 -2.70 -18.75
N PRO D 169 22.36 -2.99 -18.18
CA PRO D 169 22.06 -4.40 -17.84
C PRO D 169 22.16 -5.34 -19.02
N LEU D 170 21.89 -4.87 -20.24
CA LEU D 170 21.97 -5.72 -21.41
C LEU D 170 23.38 -5.81 -21.97
N ASN D 171 24.23 -4.82 -21.71
CA ASN D 171 25.61 -4.82 -22.19
C ASN D 171 26.56 -5.54 -21.25
N GLN D 172 26.07 -6.06 -20.11
CA GLN D 172 26.97 -6.55 -19.07
C GLN D 172 27.90 -7.65 -19.58
N LEU D 173 27.36 -8.59 -20.36
CA LEU D 173 28.18 -9.63 -20.95
C LEU D 173 28.67 -9.23 -22.34
N GLU D 174 27.77 -8.74 -23.18
CA GLU D 174 28.10 -8.29 -24.53
C GLU D 174 26.94 -7.44 -25.03
N TRP D 175 27.19 -6.69 -26.10
CA TRP D 175 26.13 -5.85 -26.67
C TRP D 175 24.93 -6.71 -27.04
N PRO D 176 23.72 -6.30 -26.68
CA PRO D 176 22.56 -7.19 -26.83
C PRO D 176 21.97 -7.16 -28.22
N SER D 177 21.15 -8.17 -28.49
CA SER D 177 20.23 -8.17 -29.62
C SER D 177 18.89 -8.64 -29.10
N ILE D 178 17.85 -7.86 -29.40
CA ILE D 178 16.51 -8.08 -28.85
C ILE D 178 15.82 -9.20 -29.61
N THR D 179 15.06 -10.03 -28.88
CA THR D 179 14.37 -11.16 -29.46
C THR D 179 12.87 -11.16 -29.17
N GLY D 180 12.36 -10.15 -28.48
CA GLY D 180 10.95 -10.12 -28.16
C GLY D 180 10.59 -9.10 -27.09
N MET D 181 9.32 -8.71 -27.05
CA MET D 181 8.87 -7.70 -26.10
C MET D 181 7.35 -7.78 -26.00
N CYS D 182 6.84 -7.55 -24.79
CA CYS D 182 5.40 -7.46 -24.58
C CYS D 182 5.13 -6.73 -23.28
N TYR D 183 3.89 -6.27 -23.14
CA TYR D 183 3.45 -5.49 -21.98
C TYR D 183 2.63 -6.36 -21.05
N SER D 184 2.78 -6.12 -19.74
CA SER D 184 2.09 -6.94 -18.74
C SER D 184 2.02 -6.16 -17.43
N GLU D 185 0.87 -5.57 -17.17
CA GLU D 185 0.55 -4.92 -15.89
C GLU D 185 1.60 -3.87 -15.52
N GLY D 186 1.59 -2.80 -16.31
CA GLY D 186 2.49 -1.68 -16.08
C GLY D 186 3.96 -2.01 -16.19
N ASN D 187 4.31 -3.12 -16.85
CA ASN D 187 5.69 -3.56 -16.97
C ASN D 187 5.97 -3.94 -18.41
N VAL D 188 7.11 -3.47 -18.92
CA VAL D 188 7.60 -3.82 -20.25
C VAL D 188 8.67 -4.89 -20.08
N TYR D 189 8.48 -6.03 -20.73
CA TYR D 189 9.42 -7.14 -20.70
C TYR D 189 10.17 -7.20 -22.02
N VAL D 190 11.49 -7.31 -21.96
CA VAL D 190 12.34 -7.33 -23.15
C VAL D 190 13.27 -8.52 -23.05
N THR D 191 13.13 -9.47 -23.96
CA THR D 191 14.04 -10.60 -24.06
C THR D 191 15.16 -10.27 -25.04
N TYR D 192 16.34 -10.77 -24.75
CA TYR D 192 17.52 -10.43 -25.55
C TYR D 192 18.57 -11.52 -25.36
N PHE D 193 19.55 -11.53 -26.26
CA PHE D 193 20.75 -12.32 -26.00
C PHE D 193 21.97 -11.51 -26.35
N PRO D 194 23.05 -11.65 -25.58
CA PRO D 194 24.28 -10.91 -25.88
C PRO D 194 24.99 -11.51 -27.07
N MET D 195 25.41 -10.66 -28.01
CA MET D 195 26.11 -11.09 -29.19
C MET D 195 27.11 -10.02 -29.60
N ASN D 196 28.34 -10.43 -29.88
CA ASN D 196 29.36 -9.50 -30.36
C ASN D 196 28.92 -8.93 -31.70
N PRO D 197 28.56 -7.64 -31.74
CA PRO D 197 28.00 -7.08 -32.98
C PRO D 197 29.01 -6.93 -34.11
N SER D 198 30.28 -7.21 -33.87
CA SER D 198 31.31 -7.18 -34.90
C SER D 198 31.60 -8.56 -35.47
N THR D 199 31.92 -9.53 -34.61
CA THR D 199 32.25 -10.88 -35.03
C THR D 199 31.04 -11.80 -35.09
N PHE D 200 29.88 -11.36 -34.59
CA PHE D 200 28.66 -12.16 -34.54
C PHE D 200 28.93 -13.47 -33.79
N GLU D 201 29.17 -13.31 -32.49
CA GLU D 201 29.61 -14.39 -31.61
C GLU D 201 28.77 -14.36 -30.35
N THR D 202 27.99 -15.42 -30.13
CA THR D 202 27.14 -15.54 -28.95
C THR D 202 27.87 -16.40 -27.93
N LEU D 203 28.56 -15.75 -26.99
CA LEU D 203 29.37 -16.48 -26.02
C LEU D 203 28.54 -17.01 -24.86
N TYR D 204 27.43 -16.36 -24.55
CA TYR D 204 26.67 -16.63 -23.32
C TYR D 204 25.30 -17.17 -23.71
N THR D 205 25.16 -18.50 -23.65
CA THR D 205 23.92 -19.17 -24.04
C THR D 205 23.42 -20.14 -22.99
N ASP D 206 23.87 -19.99 -21.73
CA ASP D 206 23.47 -20.88 -20.65
C ASP D 206 22.77 -20.14 -19.52
N THR D 207 22.25 -18.94 -19.79
CA THR D 207 21.48 -18.18 -18.82
C THR D 207 20.34 -17.49 -19.56
N THR D 208 19.11 -17.73 -19.10
CA THR D 208 17.93 -17.12 -19.71
C THR D 208 17.76 -15.71 -19.16
N PHE D 209 17.90 -14.71 -20.04
CA PHE D 209 17.80 -13.31 -19.67
C PHE D 209 16.47 -12.72 -20.13
N VAL D 210 15.89 -11.86 -19.30
CA VAL D 210 14.80 -10.99 -19.73
C VAL D 210 14.67 -9.81 -18.78
N ALA D 211 14.77 -8.59 -19.31
CA ALA D 211 14.77 -7.39 -18.50
C ALA D 211 13.36 -6.82 -18.37
N VAL D 212 13.03 -6.32 -17.18
CA VAL D 212 11.73 -5.72 -16.92
C VAL D 212 11.92 -4.24 -16.64
N TYR D 213 10.96 -3.43 -17.08
CA TYR D 213 10.99 -1.99 -16.87
C TYR D 213 9.59 -1.51 -16.51
N SER D 214 9.54 -0.42 -15.74
CA SER D 214 8.26 0.26 -15.53
C SER D 214 7.88 1.00 -16.80
N TYR D 215 6.59 0.95 -17.17
CA TYR D 215 6.18 1.55 -18.44
C TYR D 215 6.28 3.07 -18.44
N PRO D 216 5.63 3.80 -17.52
CA PRO D 216 5.69 5.27 -17.63
C PRO D 216 7.08 5.83 -17.40
N ASP D 217 7.85 5.24 -16.50
CA ASP D 217 9.17 5.76 -16.16
C ASP D 217 10.28 5.21 -17.04
N MET D 218 10.10 4.00 -17.58
CA MET D 218 11.15 3.29 -18.30
C MET D 218 12.41 3.15 -17.44
N GLN D 219 12.20 2.92 -16.15
CA GLN D 219 13.28 2.74 -15.20
C GLN D 219 13.52 1.25 -14.94
N PHE D 220 14.79 0.87 -14.91
CA PHE D 220 15.14 -0.55 -14.77
C PHE D 220 14.71 -1.06 -13.40
N LYS D 221 14.03 -2.21 -13.40
CA LYS D 221 13.61 -2.87 -12.18
C LYS D 221 14.41 -4.13 -11.89
N THR D 222 14.32 -5.14 -12.75
CA THR D 222 15.00 -6.40 -12.55
C THR D 222 15.40 -6.98 -13.89
N LEU D 223 16.35 -7.90 -13.86
CA LEU D 223 16.78 -8.67 -15.02
C LEU D 223 16.62 -10.14 -14.65
N MET D 224 15.45 -10.69 -14.96
CA MET D 224 15.16 -12.09 -14.65
C MET D 224 16.14 -13.00 -15.37
N LYS D 225 16.86 -13.80 -14.58
CA LYS D 225 17.78 -14.80 -15.11
C LYS D 225 17.36 -16.17 -14.61
N ASP D 226 17.27 -17.12 -15.54
CA ASP D 226 16.88 -18.49 -15.21
C ASP D 226 17.88 -19.46 -15.82
N THR D 227 18.50 -20.29 -14.98
CA THR D 227 19.58 -21.17 -15.40
C THR D 227 19.10 -22.55 -15.82
N ARG D 228 17.87 -22.66 -16.30
CA ARG D 228 17.34 -23.93 -16.78
C ARG D 228 17.48 -24.11 -18.28
N THR D 229 17.57 -23.02 -19.04
CA THR D 229 17.78 -23.09 -20.48
C THR D 229 18.69 -21.93 -20.89
N GLY D 230 18.75 -21.68 -22.18
CA GLY D 230 19.53 -20.58 -22.71
C GLY D 230 18.72 -19.31 -22.82
N PRO D 231 19.22 -18.34 -23.57
CA PRO D 231 18.52 -17.05 -23.70
C PRO D 231 17.16 -17.22 -24.36
N ALA D 232 16.34 -16.20 -24.22
CA ALA D 232 14.97 -16.21 -24.74
C ALA D 232 14.96 -15.64 -26.16
N GLY D 233 14.60 -16.47 -27.13
CA GLY D 233 14.40 -16.02 -28.48
C GLY D 233 15.64 -16.18 -29.37
N SER D 234 15.42 -16.00 -30.66
CA SER D 234 16.45 -16.09 -31.68
C SER D 234 16.69 -14.70 -32.29
N TRP D 235 17.65 -14.64 -33.21
CA TRP D 235 18.04 -13.36 -33.79
C TRP D 235 16.92 -12.80 -34.66
N ASN D 236 16.37 -11.65 -34.24
CA ASN D 236 15.41 -10.88 -35.04
C ASN D 236 14.23 -11.73 -35.51
N ALA D 237 13.93 -12.80 -34.77
CA ALA D 237 12.77 -13.63 -35.07
C ALA D 237 11.55 -13.24 -34.24
N PHE D 238 11.73 -12.41 -33.22
CA PHE D 238 10.64 -11.95 -32.38
C PHE D 238 9.87 -13.13 -31.77
N ASN D 239 10.61 -14.18 -31.44
CA ASN D 239 10.06 -15.38 -30.80
C ASN D 239 10.53 -15.49 -29.35
N GLY D 240 10.63 -14.36 -28.67
CA GLY D 240 11.22 -14.33 -27.34
C GLY D 240 10.24 -14.41 -26.20
N ILE D 241 9.04 -13.87 -26.38
CA ILE D 241 8.08 -13.80 -25.29
C ILE D 241 6.70 -13.58 -25.90
N PHE D 242 5.67 -14.14 -25.26
CA PHE D 242 4.30 -14.00 -25.73
C PHE D 242 3.34 -14.36 -24.61
N LYS D 243 2.31 -13.54 -24.44
CA LYS D 243 1.35 -13.81 -23.37
C LYS D 243 0.16 -14.60 -23.90
N VAL D 244 -0.68 -15.06 -22.99
CA VAL D 244 -1.82 -15.91 -23.33
C VAL D 244 -3.11 -15.27 -22.84
N GLU D 245 -4.18 -16.05 -22.77
CA GLU D 245 -5.48 -15.52 -22.35
C GLU D 245 -5.48 -15.16 -20.87
N SER D 246 -4.84 -15.99 -20.04
CA SER D 246 -4.79 -15.74 -18.60
C SER D 246 -3.90 -14.56 -18.24
N GLY D 247 -3.09 -14.06 -19.16
CA GLY D 247 -2.16 -12.99 -18.90
C GLY D 247 -0.75 -13.45 -18.62
N ASP D 248 -0.57 -14.69 -18.18
CA ASP D 248 0.78 -15.23 -17.98
C ASP D 248 1.51 -15.30 -19.30
N MET D 249 2.80 -14.99 -19.27
CA MET D 249 3.62 -14.97 -20.47
C MET D 249 4.51 -16.20 -20.53
N TYR D 250 4.86 -16.59 -21.75
CA TYR D 250 5.78 -17.70 -22.00
C TYR D 250 6.96 -17.20 -22.82
N ILE D 251 8.14 -17.70 -22.48
CA ILE D 251 9.36 -17.45 -23.24
C ILE D 251 9.88 -18.78 -23.74
N MET D 252 10.55 -18.73 -24.89
CA MET D 252 11.11 -19.92 -25.53
C MET D 252 12.61 -19.76 -25.67
N SER D 253 13.36 -20.80 -25.30
CA SER D 253 14.80 -20.83 -25.47
C SER D 253 15.13 -21.95 -26.46
N ASN D 254 15.70 -21.59 -27.60
CA ASN D 254 16.10 -22.56 -28.61
C ASN D 254 17.60 -22.78 -28.67
N SER D 255 18.39 -21.71 -28.55
CA SER D 255 19.85 -21.77 -28.71
C SER D 255 20.22 -22.42 -30.04
N ALA D 256 19.34 -22.28 -31.03
CA ALA D 256 19.53 -22.94 -32.32
C ALA D 256 20.58 -22.20 -33.13
N ILE D 257 21.65 -22.90 -33.50
CA ILE D 257 22.67 -22.30 -34.36
C ILE D 257 22.07 -21.93 -35.71
N ALA D 258 21.21 -22.80 -36.25
CA ALA D 258 20.60 -22.55 -37.55
C ALA D 258 19.80 -21.26 -37.59
N ASN D 259 19.34 -20.77 -36.44
CA ASN D 259 18.55 -19.55 -36.37
C ASN D 259 19.37 -18.35 -35.91
N GLY D 260 20.69 -18.48 -35.83
CA GLY D 260 21.53 -17.31 -35.58
C GLY D 260 22.62 -17.47 -34.54
N PHE D 261 22.45 -18.40 -33.61
CA PHE D 261 23.39 -18.53 -32.51
C PHE D 261 24.72 -19.12 -32.97
N SER D 262 25.78 -18.77 -32.24
CA SER D 262 27.12 -19.28 -32.51
C SER D 262 27.42 -20.56 -31.75
N GLN D 263 26.57 -20.96 -30.81
CA GLN D 263 26.80 -22.13 -29.98
C GLN D 263 25.46 -22.56 -29.38
N SER D 264 25.49 -23.65 -28.61
CA SER D 264 24.30 -24.13 -27.93
C SER D 264 24.73 -24.94 -26.72
N THR D 265 24.50 -24.40 -25.53
CA THR D 265 24.86 -25.06 -24.28
C THR D 265 23.68 -25.78 -23.63
N LYS D 266 22.57 -25.06 -23.44
CA LYS D 266 21.40 -25.62 -22.77
C LYS D 266 20.43 -26.23 -23.79
N ASN D 267 19.38 -26.86 -23.29
CA ASN D 267 18.34 -27.41 -24.13
C ASN D 267 17.38 -26.30 -24.58
N ALA D 268 16.46 -26.68 -25.47
CA ALA D 268 15.41 -25.80 -25.95
C ALA D 268 14.14 -26.10 -25.16
N ALA D 269 13.61 -25.10 -24.46
CA ALA D 269 12.46 -25.34 -23.61
C ALA D 269 11.63 -24.07 -23.48
N PHE D 270 10.40 -24.26 -23.00
CA PHE D 270 9.48 -23.17 -22.71
C PHE D 270 9.43 -22.90 -21.21
N LEU D 271 9.62 -21.64 -20.84
CA LEU D 271 9.46 -21.19 -19.47
C LEU D 271 8.29 -20.23 -19.38
N ARG D 272 7.76 -20.08 -18.16
CA ARG D 272 6.60 -19.24 -17.92
C ARG D 272 6.92 -18.18 -16.87
N ILE D 273 6.42 -16.97 -17.11
CA ILE D 273 6.48 -15.88 -16.15
C ILE D 273 5.05 -15.47 -15.83
N PRO D 274 4.63 -15.51 -14.57
CA PRO D 274 3.24 -15.19 -14.25
C PRO D 274 2.88 -13.75 -14.58
N LYS D 275 1.57 -13.49 -14.64
CA LYS D 275 1.07 -12.19 -15.05
C LYS D 275 1.46 -11.12 -14.04
N GLY D 276 2.02 -10.01 -14.53
CA GLY D 276 2.38 -8.91 -13.66
C GLY D 276 3.45 -9.22 -12.65
N GLU D 277 4.21 -10.28 -12.84
CA GLU D 277 5.26 -10.70 -11.92
C GLU D 277 6.63 -10.57 -12.59
N THR D 278 7.67 -10.63 -11.77
CA THR D 278 9.06 -10.54 -12.25
C THR D 278 9.89 -11.68 -11.64
N HIS D 279 9.40 -12.91 -11.79
CA HIS D 279 10.11 -14.10 -11.31
C HIS D 279 9.51 -15.33 -11.96
N PHE D 280 10.35 -16.12 -12.63
CA PHE D 280 9.88 -17.33 -13.30
C PHE D 280 9.26 -18.29 -12.29
N ASP D 281 8.18 -18.94 -12.69
CA ASP D 281 7.53 -19.94 -11.85
C ASP D 281 8.15 -21.31 -12.14
N ASP D 282 7.50 -22.38 -11.67
CA ASP D 282 8.06 -23.71 -11.76
C ASP D 282 7.81 -24.39 -13.11
N TYR D 283 7.21 -23.69 -14.07
CA TYR D 283 6.91 -24.31 -15.36
C TYR D 283 8.19 -24.49 -16.16
N TYR D 284 8.35 -25.68 -16.73
CA TYR D 284 9.52 -26.00 -17.55
C TYR D 284 9.13 -27.08 -18.54
N PHE D 285 8.93 -26.70 -19.80
CA PHE D 285 8.59 -27.64 -20.86
C PHE D 285 9.85 -27.89 -21.68
N ASP D 286 10.57 -28.97 -21.34
CA ASP D 286 11.76 -29.37 -22.09
C ASP D 286 11.39 -29.84 -23.48
N PHE D 287 11.41 -28.93 -24.45
CA PHE D 287 11.00 -29.25 -25.82
C PHE D 287 12.03 -30.08 -26.56
N GLU D 288 13.32 -29.86 -26.32
CA GLU D 288 14.34 -30.52 -27.13
C GLU D 288 14.37 -32.02 -26.88
N THR D 289 14.20 -32.44 -25.63
CA THR D 289 14.21 -33.87 -25.33
C THR D 289 12.91 -34.53 -25.74
N VAL D 290 11.77 -33.87 -25.51
CA VAL D 290 10.47 -34.43 -25.86
C VAL D 290 10.22 -34.40 -27.36
N SER D 291 11.03 -33.66 -28.12
CA SER D 291 10.87 -33.57 -29.57
C SER D 291 11.75 -34.55 -30.34
N GLY D 292 12.76 -35.13 -29.69
CA GLY D 292 13.70 -36.00 -30.37
C GLY D 292 15.02 -35.37 -30.72
N GLY D 293 15.43 -34.32 -30.03
CA GLY D 293 16.66 -33.62 -30.36
C GLY D 293 16.48 -32.43 -31.28
N LEU D 294 15.27 -31.90 -31.39
CA LEU D 294 14.97 -30.78 -32.28
C LEU D 294 14.78 -29.50 -31.48
N LYS D 295 15.01 -28.38 -32.15
CA LYS D 295 14.89 -27.06 -31.54
C LYS D 295 13.98 -26.18 -32.37
N PRO D 296 13.12 -25.40 -31.74
CA PRO D 296 12.18 -24.56 -32.50
C PRO D 296 12.90 -23.43 -33.23
N ALA D 297 12.25 -22.94 -34.27
CA ALA D 297 12.72 -21.80 -35.04
C ALA D 297 11.72 -20.65 -35.07
N HIS D 298 10.44 -20.94 -35.22
CA HIS D 298 9.40 -19.92 -35.17
C HIS D 298 8.23 -20.45 -34.35
N ILE D 299 7.54 -19.55 -33.65
CA ILE D 299 6.39 -19.91 -32.84
C ILE D 299 5.28 -18.88 -33.02
N LYS D 300 4.04 -19.31 -32.81
CA LYS D 300 2.89 -18.41 -32.87
C LYS D 300 1.79 -19.01 -32.00
N TYR D 301 1.47 -18.33 -30.90
CA TYR D 301 0.44 -18.81 -30.00
C TYR D 301 -0.93 -18.72 -30.67
N ILE D 302 -1.70 -19.80 -30.62
CA ILE D 302 -3.01 -19.85 -31.24
C ILE D 302 -4.15 -19.99 -30.25
N GLY D 303 -3.87 -20.32 -28.99
CA GLY D 303 -4.92 -20.36 -27.98
C GLY D 303 -5.13 -21.72 -27.34
N ASN D 304 -5.67 -21.71 -26.12
CA ASN D 304 -5.93 -22.94 -25.35
C ASN D 304 -4.66 -23.75 -25.14
N GLY D 305 -3.56 -23.06 -24.84
CA GLY D 305 -2.28 -23.71 -24.64
C GLY D 305 -1.63 -24.25 -25.89
N LEU D 306 -2.18 -23.95 -27.06
CA LEU D 306 -1.65 -24.45 -28.32
C LEU D 306 -0.77 -23.40 -28.99
N VAL D 307 0.26 -23.87 -29.68
CA VAL D 307 1.24 -23.02 -30.35
C VAL D 307 1.56 -23.65 -31.70
N PHE D 308 1.31 -22.92 -32.78
CA PHE D 308 1.75 -23.36 -34.11
C PHE D 308 3.21 -22.98 -34.27
N ALA D 309 4.07 -23.96 -34.52
CA ALA D 309 5.50 -23.74 -34.55
C ALA D 309 6.13 -24.34 -35.80
N GLU D 310 7.28 -23.79 -36.17
CA GLU D 310 8.16 -24.34 -37.18
C GLU D 310 9.48 -24.67 -36.50
N VAL D 311 9.86 -25.95 -36.51
CA VAL D 311 11.04 -26.43 -35.82
C VAL D 311 12.02 -27.01 -36.83
N SER D 312 13.30 -26.96 -36.49
CA SER D 312 14.36 -27.44 -37.38
C SER D 312 14.54 -28.93 -37.18
N THR D 313 14.39 -29.70 -38.26
CA THR D 313 14.58 -31.15 -38.23
C THR D 313 16.05 -31.55 -38.24
N ILE D 314 16.96 -30.60 -38.04
CA ILE D 314 18.38 -30.90 -37.94
C ILE D 314 18.67 -31.25 -36.49
N SER D 315 18.84 -32.54 -36.20
CA SER D 315 19.05 -32.96 -34.82
C SER D 315 20.41 -32.50 -34.30
N PRO D 316 21.53 -32.65 -35.04
CA PRO D 316 22.77 -31.98 -34.62
C PRO D 316 23.01 -30.71 -35.42
N GLN D 317 22.51 -29.57 -34.92
CA GLN D 317 22.72 -28.31 -35.61
C GLN D 317 24.19 -27.90 -35.53
N THR D 318 24.77 -27.58 -36.69
CA THR D 318 26.20 -27.29 -36.76
C THR D 318 26.46 -25.92 -37.38
N SER D 319 27.73 -25.64 -37.69
CA SER D 319 28.11 -24.31 -38.17
C SER D 319 27.48 -24.00 -39.52
N ALA D 320 27.46 -24.98 -40.43
CA ALA D 320 26.91 -24.75 -41.76
C ALA D 320 25.46 -24.31 -41.71
N ASP D 321 24.70 -24.83 -40.75
CA ASP D 321 23.29 -24.52 -40.66
C ASP D 321 23.03 -23.09 -40.19
N ARG D 322 24.04 -22.41 -39.65
CA ARG D 322 23.84 -21.11 -39.01
C ARG D 322 23.22 -20.11 -39.98
N TRP D 323 22.29 -19.32 -39.46
CA TRP D 323 21.51 -18.34 -40.22
C TRP D 323 20.64 -18.99 -41.29
N GLY D 324 20.74 -20.31 -41.44
CA GLY D 324 20.10 -20.96 -42.57
C GLY D 324 18.61 -21.12 -42.38
N ASP D 325 18.19 -21.60 -41.20
CA ASP D 325 16.78 -21.88 -40.90
C ASP D 325 16.17 -22.82 -41.94
N LYS D 326 16.88 -23.90 -42.21
CA LYS D 326 16.51 -24.84 -43.26
C LYS D 326 15.87 -26.10 -42.67
N SER D 327 15.08 -26.77 -43.52
CA SER D 327 14.43 -28.03 -43.19
C SER D 327 13.50 -27.87 -41.98
N LEU D 328 12.55 -26.96 -42.13
CA LEU D 328 11.58 -26.69 -41.08
C LEU D 328 10.35 -27.58 -41.23
N LYS D 329 9.87 -28.07 -40.09
CA LYS D 329 8.68 -28.89 -40.01
C LYS D 329 7.66 -28.17 -39.14
N CYS D 330 6.39 -28.23 -39.55
CA CYS D 330 5.32 -27.59 -38.79
C CYS D 330 4.81 -28.52 -37.70
N CYS D 331 4.56 -27.95 -36.53
CA CYS D 331 4.18 -28.71 -35.34
C CYS D 331 3.15 -27.94 -34.54
N ILE D 332 2.35 -28.70 -33.79
CA ILE D 332 1.41 -28.16 -32.81
C ILE D 332 1.99 -28.45 -31.43
N ILE D 333 2.25 -27.41 -30.66
CA ILE D 333 2.83 -27.52 -29.33
C ILE D 333 1.70 -27.33 -28.31
N ASP D 334 1.63 -28.22 -27.34
CA ASP D 334 0.68 -28.12 -26.24
C ASP D 334 1.49 -27.84 -24.99
N LEU D 335 1.38 -26.61 -24.47
CA LEU D 335 2.16 -26.20 -23.32
C LEU D 335 1.63 -26.82 -22.04
N ASN D 336 0.31 -26.98 -21.93
CA ASN D 336 -0.28 -27.55 -20.72
C ASN D 336 0.10 -29.02 -20.57
N ASN D 337 -0.23 -29.84 -21.57
CA ASN D 337 0.16 -31.24 -21.55
C ASN D 337 1.58 -31.46 -22.03
N LYS D 338 2.24 -30.43 -22.56
CA LYS D 338 3.65 -30.48 -22.94
C LYS D 338 3.91 -31.57 -23.98
N THR D 339 3.22 -31.44 -25.12
CA THR D 339 3.35 -32.43 -26.19
C THR D 339 3.44 -31.74 -27.54
N VAL D 340 4.38 -32.20 -28.37
CA VAL D 340 4.54 -31.69 -29.73
C VAL D 340 4.01 -32.74 -30.70
N ARG D 341 3.13 -32.32 -31.60
CA ARG D 341 2.56 -33.21 -32.62
C ARG D 341 2.86 -32.67 -34.00
N ASP D 342 3.48 -33.49 -34.84
CA ASP D 342 3.82 -33.07 -36.18
C ASP D 342 2.57 -32.90 -37.04
N ILE D 343 2.58 -31.87 -37.88
CA ILE D 343 1.51 -31.64 -38.85
C ILE D 343 1.99 -32.29 -40.15
N LYS D 344 1.60 -33.55 -40.35
CA LYS D 344 2.19 -34.36 -41.41
C LYS D 344 1.86 -33.84 -42.81
N GLU D 345 0.72 -33.18 -42.98
CA GLU D 345 0.27 -32.76 -44.30
C GLU D 345 0.98 -31.51 -44.81
N ILE D 346 2.01 -31.04 -44.12
CA ILE D 346 2.82 -29.90 -44.55
C ILE D 346 4.22 -30.43 -44.88
N PRO D 347 4.74 -30.18 -46.08
CA PRO D 347 6.05 -30.73 -46.43
C PRO D 347 7.19 -29.95 -45.80
N VAL D 348 8.32 -30.65 -45.63
CA VAL D 348 9.48 -30.04 -45.00
C VAL D 348 10.00 -28.92 -45.89
N HIS D 349 9.95 -27.69 -45.39
CA HIS D 349 10.33 -26.50 -46.14
C HIS D 349 11.42 -25.74 -45.37
N ASN D 350 11.92 -24.69 -46.00
CA ASN D 350 12.93 -23.83 -45.38
C ASN D 350 12.27 -22.56 -44.86
N GLY D 351 12.74 -22.10 -43.70
CA GLY D 351 12.11 -20.96 -43.05
C GLY D 351 12.54 -19.62 -43.62
N ASP D 352 11.87 -18.58 -43.15
CA ASP D 352 12.10 -17.21 -43.60
C ASP D 352 13.20 -16.50 -42.82
N GLY D 353 13.94 -17.23 -41.98
CA GLY D 353 15.08 -16.65 -41.29
C GLY D 353 14.70 -15.63 -40.23
N GLY D 354 15.67 -14.76 -39.93
CA GLY D 354 15.51 -13.74 -38.91
C GLY D 354 14.47 -12.69 -39.26
N ARG D 355 13.21 -13.07 -39.22
CA ARG D 355 12.12 -12.20 -39.65
C ARG D 355 10.87 -12.55 -38.85
N ARG D 356 9.95 -11.60 -38.78
CA ARG D 356 8.68 -11.83 -38.09
C ARG D 356 7.95 -13.01 -38.71
N PHE D 357 7.49 -13.92 -37.85
CA PHE D 357 6.83 -15.14 -38.32
C PHE D 357 5.51 -14.79 -38.98
N ALA D 358 5.36 -15.18 -40.24
CA ALA D 358 4.15 -14.91 -41.02
C ALA D 358 3.19 -16.08 -40.85
N ALA D 359 2.31 -15.98 -39.86
CA ALA D 359 1.32 -17.01 -39.59
C ALA D 359 0.05 -16.34 -39.09
N LEU D 360 -1.09 -16.78 -39.61
CA LEU D 360 -2.37 -16.16 -39.30
C LEU D 360 -3.21 -17.08 -38.44
N VAL D 361 -3.86 -16.50 -37.43
CA VAL D 361 -4.80 -17.22 -36.57
C VAL D 361 -6.18 -16.69 -36.89
N ASP D 362 -7.02 -17.52 -37.50
CA ASP D 362 -8.32 -17.06 -37.96
C ASP D 362 -9.36 -18.17 -37.85
N GLY D 363 -10.45 -17.88 -37.16
CA GLY D 363 -11.60 -18.76 -37.08
C GLY D 363 -11.30 -20.17 -36.63
N GLY D 364 -10.51 -20.32 -35.58
CA GLY D 364 -10.14 -21.63 -35.09
C GLY D 364 -9.23 -22.40 -36.02
N TYR D 365 -8.54 -21.72 -36.94
CA TYR D 365 -7.58 -22.34 -37.83
C TYR D 365 -6.28 -21.54 -37.82
N VAL D 366 -5.20 -22.20 -38.25
CA VAL D 366 -3.93 -21.53 -38.48
C VAL D 366 -3.69 -21.51 -39.99
N TYR D 367 -2.94 -20.51 -40.45
CA TYR D 367 -2.64 -20.37 -41.87
C TYR D 367 -1.17 -20.04 -42.03
N ARG D 368 -0.45 -20.85 -42.80
CA ARG D 368 0.98 -20.68 -42.99
C ARG D 368 1.33 -20.82 -44.47
N PRO D 369 2.04 -19.86 -45.05
CA PRO D 369 2.54 -20.01 -46.42
C PRO D 369 3.78 -20.88 -46.44
N VAL D 370 3.73 -21.97 -47.19
CA VAL D 370 4.84 -22.92 -47.31
C VAL D 370 5.34 -22.88 -48.74
N THR D 371 6.65 -22.71 -48.90
CA THR D 371 7.31 -22.70 -50.21
C THR D 371 7.91 -24.08 -50.44
N ALA D 372 7.23 -24.90 -51.24
CA ALA D 372 7.65 -26.26 -51.52
C ALA D 372 8.06 -26.39 -53.00
N SER D 373 8.11 -27.63 -53.48
CA SER D 373 8.57 -27.89 -54.85
C SER D 373 7.56 -27.37 -55.86
N GLU D 374 6.28 -27.65 -55.66
CA GLU D 374 5.25 -27.20 -56.57
C GLU D 374 5.10 -25.68 -56.57
N GLY D 375 5.50 -25.02 -55.50
CA GLY D 375 5.42 -23.57 -55.40
C GLY D 375 5.22 -23.15 -53.96
N THR D 376 4.61 -21.98 -53.80
CA THR D 376 4.29 -21.44 -52.48
C THR D 376 2.77 -21.46 -52.31
N TYR D 377 2.30 -22.24 -51.33
CA TYR D 377 0.88 -22.43 -51.11
C TYR D 377 0.53 -22.12 -49.67
N ILE D 378 -0.66 -21.56 -49.47
CA ILE D 378 -1.19 -21.34 -48.14
C ILE D 378 -1.72 -22.67 -47.62
N TYR D 379 -1.33 -23.05 -46.40
CA TYR D 379 -1.78 -24.27 -45.77
C TYR D 379 -2.60 -23.93 -44.54
N GLN D 380 -3.78 -24.55 -44.42
CA GLN D 380 -4.66 -24.39 -43.28
C GLN D 380 -4.42 -25.52 -42.29
N VAL D 381 -4.24 -25.18 -41.03
CA VAL D 381 -3.89 -26.11 -39.98
C VAL D 381 -5.05 -26.17 -38.99
N ASP D 382 -5.61 -27.36 -38.83
CA ASP D 382 -6.51 -27.65 -37.71
C ASP D 382 -5.66 -28.03 -36.51
N PRO D 383 -5.71 -27.25 -35.42
CA PRO D 383 -4.80 -27.50 -34.28
C PRO D 383 -5.17 -28.72 -33.46
N GLN D 384 -6.46 -28.87 -33.13
CA GLN D 384 -6.89 -30.00 -32.30
C GLN D 384 -6.57 -31.33 -32.97
N ALA D 385 -6.65 -31.38 -34.30
CA ALA D 385 -6.24 -32.56 -35.05
C ALA D 385 -4.80 -32.47 -35.52
N ALA D 386 -4.18 -31.29 -35.45
CA ALA D 386 -2.83 -31.07 -35.95
C ALA D 386 -2.70 -31.50 -37.41
N THR D 387 -3.72 -31.22 -38.19
CA THR D 387 -3.75 -31.63 -39.59
C THR D 387 -3.68 -30.40 -40.49
N ALA D 388 -3.43 -30.65 -41.77
CA ALA D 388 -3.26 -29.55 -42.73
C ALA D 388 -3.99 -29.87 -44.03
N VAL D 389 -4.56 -28.82 -44.62
CA VAL D 389 -5.18 -28.87 -45.94
C VAL D 389 -4.58 -27.75 -46.77
N ARG D 390 -4.11 -28.07 -47.96
CA ARG D 390 -3.49 -27.07 -48.81
C ARG D 390 -4.56 -26.18 -49.43
N GLY D 391 -4.35 -24.86 -49.34
CA GLY D 391 -5.30 -23.91 -49.86
C GLY D 391 -4.80 -23.18 -51.09
N ALA D 392 -4.96 -21.85 -51.09
CA ALA D 392 -4.62 -21.05 -52.26
C ALA D 392 -3.11 -20.99 -52.48
N LYS D 393 -2.73 -20.90 -53.75
CA LYS D 393 -1.33 -20.69 -54.12
C LYS D 393 -1.04 -19.21 -54.16
N VAL D 394 0.13 -18.82 -53.65
CA VAL D 394 0.56 -17.43 -53.64
C VAL D 394 1.80 -17.31 -54.51
N SER D 395 1.74 -16.39 -55.48
CA SER D 395 2.82 -16.23 -56.47
C SER D 395 3.76 -15.15 -55.98
N THR D 396 4.80 -15.57 -55.27
CA THR D 396 5.83 -14.67 -54.75
C THR D 396 7.01 -15.51 -54.32
N THR D 397 8.13 -14.82 -54.05
CA THR D 397 9.29 -15.50 -53.49
C THR D 397 9.07 -15.85 -52.03
N PHE D 398 8.56 -14.90 -51.25
CA PHE D 398 8.21 -15.13 -49.86
C PHE D 398 7.18 -14.08 -49.45
N VAL D 399 6.66 -14.23 -48.22
CA VAL D 399 5.70 -13.29 -47.66
C VAL D 399 6.22 -12.80 -46.32
N GLY D 400 6.02 -11.52 -46.05
CA GLY D 400 6.52 -10.92 -44.82
C GLY D 400 5.43 -10.54 -43.85
N GLY D 401 4.17 -10.55 -44.31
CA GLY D 401 3.04 -10.24 -43.46
C GLY D 401 1.79 -10.99 -43.85
N PHE D 402 1.04 -11.49 -42.85
CA PHE D 402 -0.17 -12.28 -43.07
C PHE D 402 -1.17 -11.88 -41.99
N PHE D 403 -2.04 -10.92 -42.30
CA PHE D 403 -2.90 -10.30 -41.30
C PHE D 403 -4.36 -10.36 -41.76
N ARG D 404 -5.25 -9.89 -40.89
CA ARG D 404 -6.68 -9.86 -41.19
C ARG D 404 -7.31 -8.66 -40.50
N LEU D 405 -8.17 -7.95 -41.23
CA LEU D 405 -8.89 -6.78 -40.73
C LEU D 405 -10.38 -6.93 -41.05
N ASP D 406 -11.20 -6.04 -40.48
CA ASP D 406 -12.64 -6.16 -40.64
C ASP D 406 -13.44 -4.94 -40.15
N LEU D 407 -14.64 -5.21 -39.61
CA LEU D 407 -15.53 -4.27 -38.94
C LEU D 407 -16.41 -3.47 -39.90
N GLU D 408 -17.72 -3.75 -39.88
CA GLU D 408 -18.70 -2.96 -40.63
C GLU D 408 -19.35 -1.91 -39.73
N HIS D 409 -20.66 -2.07 -39.47
CA HIS D 409 -21.36 -1.11 -38.64
C HIS D 409 -20.81 -1.10 -37.22
N HIS D 410 -20.65 0.10 -36.66
CA HIS D 410 -19.96 0.27 -35.40
C HIS D 410 -20.93 0.29 -34.22
N HIS D 411 -21.44 1.46 -33.89
CA HIS D 411 -22.41 1.65 -32.80
C HIS D 411 -21.85 1.16 -31.47
C1 FCE E . -24.85 8.26 5.01
N1 FCE E . -25.41 6.39 3.58
O1 FCE E . -24.71 8.08 6.22
C2 FCE E . -26.44 11.70 7.38
N2 FCE E . -24.54 11.44 5.91
O2 FCE E . -27.25 12.35 8.05
C3 FCE E . -31.56 8.76 4.22
N3 FCE E . -27.18 5.23 6.07
O3 FCE E . -32.23 7.99 4.86
C4 FCE E . -25.56 5.02 3.92
N4 FCE E . -28.37 7.15 7.86
O4 FCE E . -24.97 4.22 3.20
C5 FCE E . -23.38 10.73 6.17
N5 FCE E . -30.11 8.75 4.39
O5 FCE E . -22.79 10.85 7.24
C6 FCE E . -32.31 3.97 4.44
N6 FCE E . -30.95 3.94 4.99
O6 FCE E . -33.05 4.88 4.84
C7 FCE E . -27.36 4.86 7.42
N7 FCE E . -23.93 9.10 4.35
O7 FCE E . -26.87 3.82 7.81
C8 FCE E . -27.49 8.24 8.05
N8 FCE E . -30.73 7.46 9.63
O8 FCE E . -32.79 7.07 8.72
C9 FCE E . -32.07 6.98 9.71
N9 FCE E . -26.66 10.37 7.04
C10 FCE E . -26.03 7.51 4.29
O10 FCE E . -29.58 7.87 5.26
C11 FCE E . -25.14 12.37 6.88
O11 FCE E . -30.62 4.89 5.89
C13 FCE E . -26.41 4.34 5.12
C14 FCE E . -22.83 9.75 5.10
O14 FCE E . -30.38 7.98 8.44
C16 FCE E . -28.23 5.76 8.42
C17 FCE E . -27.86 9.61 7.42
O17 FCE E . -26.45 8.14 8.67
C18 FCE E . -26.96 8.39 3.36
C21 FCE E . -27.31 3.15 4.63
C24 FCE E . -27.76 5.74 9.97
C25 FCE E . -27.65 9.61 3.99
C27 FCE E . -28.65 3.61 4.00
C29 FCE E . -28.91 6.10 10.98
C30 FCE E . -29.17 9.69 3.63
C32 FCE E . -29.90 2.91 4.62
C34 FCE E . -29.66 7.44 10.70
C35 FCE E . -32.79 2.97 3.43
C36 FCE E . -32.16 9.75 3.25
C37 FCE E . -32.54 6.37 11.00
FE FE F . -31.74 6.47 5.83
C1 FCE G . -3.05 -8.91 42.42
N1 FCE G . -2.82 -6.53 41.81
O1 FCE G . -2.58 -9.39 43.44
C2 FCE G . -1.36 -12.90 43.15
N2 FCE G . -3.55 -12.06 43.64
O2 FCE G . -0.53 -13.75 42.89
C3 FCE G . 2.24 -9.16 38.22
N3 FCE G . 0.03 -6.48 43.32
O3 FCE G . 3.32 -8.76 38.59
C4 FCE G . -2.28 -5.43 42.51
N4 FCE G . 1.44 -8.94 43.61
O4 FCE G . -2.99 -4.42 42.54
C5 FCE G . -4.38 -11.65 42.62
N5 FCE G . 1.12 -9.16 39.15
O5 FCE G . -4.50 -12.33 41.61
C6 FCE G . 3.56 -4.44 39.35
N6 FCE G . 2.79 -4.72 40.57
O6 FCE G . 4.16 -5.39 38.85
C7 FCE G . 0.85 -6.67 44.46
N7 FCE G . -4.33 -9.31 41.99
O7 FCE G . 0.78 -5.85 45.35
C8 FCE G . 0.57 -9.97 43.88
N8 FCE G . 4.60 -8.30 41.71
O8 FCE G . 5.11 -7.30 39.72
C9 FCE G . 5.50 -7.96 40.66
N9 FCE G . -1.09 -11.54 43.13
C10 FCE G . -2.20 -7.87 41.62
O10 FCE G . 1.31 -8.70 40.41
C11 FCE G . -2.79 -13.30 43.55
O11 FCE G . 2.78 -5.98 41.05
C13 FCE G . -0.88 -5.28 43.28
C14 FCE G . -5.12 -10.30 42.75
O14 FCE G . 3.34 -7.85 41.59
C16 FCE G . 1.83 -7.92 44.61
C17 FCE G . 0.21 -11.01 42.80
O17 FCE G . 0.00 -10.02 44.95
C18 FCE G . -1.99 -8.27 40.11
C21 FCE G . -0.14 -3.98 42.78
C24 FCE G . 3.38 -7.59 44.49
C25 FCE G . -1.37 -9.68 39.84
C27 FCE G . 0.52 -4.10 41.38
C29 FCE G . 4.28 -8.87 44.30
C30 FCE G . -0.26 -9.65 38.76
C32 FCE G . 2.01 -3.67 41.32
C34 FCE G . 4.93 -9.12 42.91
C35 FCE G . 3.63 -3.06 38.75
C36 FCE G . 2.00 -9.68 36.81
C37 FCE G . 6.94 -8.46 40.75
FE FE H . 3.05 -7.46 39.85
C1 FCE I . 19.44 2.81 19.02
N1 FCE I . 18.17 2.67 16.92
O1 FCE I . 18.99 2.40 20.09
C2 FCE I . 20.17 4.34 23.17
N2 FCE I . 21.26 2.48 22.08
O2 FCE I . 20.10 5.29 23.95
C3 FCE I . 16.77 8.90 19.14
N3 FCE I . 15.47 2.96 18.63
O3 FCE I . 15.63 9.02 19.49
C4 FCE I . 16.94 2.08 16.60
N4 FCE I . 15.67 4.33 21.15
O4 FCE I . 16.92 1.37 15.60
C5 FCE I . 21.83 2.82 20.88
N5 FCE I . 17.40 7.60 19.14
O5 FCE I . 22.44 3.88 20.75
C6 FCE I . 12.80 7.42 16.38
N6 FCE I . 13.18 6.09 16.90
O6 FCE I . 12.99 8.38 17.14
C7 FCE I . 14.60 2.58 19.67
N7 FCE I . 20.79 2.59 18.71
O7 FCE I . 13.91 1.59 19.51
C8 FCE I . 16.80 3.97 21.88
N8 FCE I . 13.05 7.59 20.89
O8 FCE I . 13.52 9.73 20.24
C9 FCE I . 12.82 8.99 20.91
N9 FCE I . 19.21 4.11 22.18
C10 FCE I . 18.47 3.57 18.07
O10 FCE I . 16.67 6.53 19.54
C11 FCE I . 21.37 3.36 23.25
O11 FCE I . 13.70 6.03 18.15
C13 FCE I . 15.52 2.15 17.37
C14 FCE I . 21.68 1.90 19.65
O14 FCE I . 14.05 7.16 20.13
C16 FCE I . 14.48 3.43 21.03
C17 FCE I . 18.02 4.93 21.99
O17 FCE I . 16.87 2.90 22.43
C18 FCE I . 18.98 5.00 17.66
C21 FCE I . 14.41 2.58 16.35
C24 FCE I . 13.11 4.19 21.14
C25 FCE I . 19.39 5.95 18.84
C27 FCE I . 14.41 4.09 15.97
C29 FCE I . 13.09 5.35 22.16
C30 FCE I . 18.84 7.37 18.72
C32 FCE I . 13.03 4.79 16.13
C34 FCE I . 12.30 6.56 21.64
C35 FCE I . 12.22 7.62 15.02
C36 FCE I . 17.60 10.10 18.70
C37 FCE I . 11.69 9.51 21.76
FE FE J . 14.60 7.63 18.57
C1 FCE K . 15.72 -13.41 -44.81
N1 FCE K . 17.89 -13.55 -43.74
O1 FCE K . 16.40 -13.09 -45.78
C2 FCE K . 15.60 -9.43 -47.42
N2 FCE K . 14.27 -11.42 -47.82
O2 FCE K . 15.80 -8.22 -47.41
C3 FCE K . 18.27 -7.96 -41.88
N3 FCE K . 20.73 -12.83 -44.07
O3 FCE K . 19.28 -7.42 -42.28
C4 FCE K . 18.89 -14.04 -42.89
N4 FCE K . 20.12 -10.75 -46.02
O4 FCE K . 18.54 -14.55 -41.81
C5 FCE K . 13.76 -11.87 -46.60
N5 FCE K . 17.92 -9.28 -42.38
O5 FCE K . 13.39 -11.06 -45.76
C6 FCE K . 22.61 -9.73 -39.58
N6 FCE K . 22.17 -10.77 -40.52
O6 FCE K . 22.45 -8.55 -39.93
C7 FCE K . 20.96 -12.98 -45.45
N7 FCE K . 14.34 -13.58 -44.97
O7 FCE K . 20.92 -14.08 -45.96
C8 FCE K . 18.81 -10.96 -46.47
N8 FCE K . 22.42 -8.46 -44.40
O8 FCE K . 22.11 -7.81 -42.23
C9 FCE K . 22.83 -7.79 -43.22
N9 FCE K . 16.48 -10.33 -46.81
C10 FCE K . 16.44 -13.59 -43.45
O10 FCE K . 18.76 -9.88 -43.27
C11 FCE K . 14.35 -10.00 -48.13
O11 FCE K . 21.64 -10.36 -41.70
C13 FCE K . 20.44 -13.99 -43.18
C14 FCE K . 13.70 -13.38 -46.27
O14 FCE K . 21.24 -9.09 -44.34
C16 FCE K . 21.24 -11.69 -46.33
C17 FCE K . 17.69 -9.93 -46.11
O17 FCE K . 18.52 -11.93 -47.13
C18 FCE K . 16.00 -12.51 -42.41
C21 FCE K . 21.32 -14.04 -41.88
C24 FCE K . 22.63 -11.03 -46.07
C25 FCE K . 16.03 -11.03 -42.93
C27 FCE K . 21.03 -12.95 -40.84
C29 FCE K . 22.78 -9.62 -46.70
C30 FCE K . 16.68 -10.03 -41.94
C32 FCE K . 22.29 -12.24 -40.28
C34 FCE K . 23.19 -8.55 -45.68
C35 FCE K . 23.22 -10.06 -38.24
C36 FCE K . 17.34 -7.29 -40.89
C37 FCE K . 24.17 -7.08 -43.24
FE FE L . 20.59 -9.02 -41.71
#